data_5QOI
# 
_entry.id   5QOI 
# 
_audit_conform.dict_name       mmcif_pdbx.dic 
_audit_conform.dict_version    5.387 
_audit_conform.dict_location   http://mmcif.pdb.org/dictionaries/ascii/mmcif_pdbx.dic 
# 
loop_
_database_2.database_id 
_database_2.database_code 
_database_2.pdbx_database_accession 
_database_2.pdbx_DOI 
PDB   5QOI         pdb_00005qoi 10.2210/pdb5qoi/pdb 
WWPDB D_1001402207 ?            ?                   
# 
loop_
_pdbx_audit_revision_history.ordinal 
_pdbx_audit_revision_history.data_content_type 
_pdbx_audit_revision_history.major_revision 
_pdbx_audit_revision_history.minor_revision 
_pdbx_audit_revision_history.revision_date 
1 'Structure model' 1 0 2019-05-08 
2 'Structure model' 1 1 2019-11-20 
3 'Structure model' 1 2 2024-03-06 
# 
_pdbx_audit_revision_details.ordinal             1 
_pdbx_audit_revision_details.revision_ordinal    1 
_pdbx_audit_revision_details.data_content_type   'Structure model' 
_pdbx_audit_revision_details.provider            repository 
_pdbx_audit_revision_details.type                'Initial release' 
_pdbx_audit_revision_details.description         ? 
_pdbx_audit_revision_details.details             ? 
# 
loop_
_pdbx_audit_revision_group.ordinal 
_pdbx_audit_revision_group.revision_ordinal 
_pdbx_audit_revision_group.data_content_type 
_pdbx_audit_revision_group.group 
1 2 'Structure model' 'Data collection'     
2 3 'Structure model' 'Data collection'     
3 3 'Structure model' 'Database references' 
# 
loop_
_pdbx_audit_revision_category.ordinal 
_pdbx_audit_revision_category.revision_ordinal 
_pdbx_audit_revision_category.data_content_type 
_pdbx_audit_revision_category.category 
1 2 'Structure model' diffrn_source  
2 3 'Structure model' chem_comp_atom 
3 3 'Structure model' chem_comp_bond 
4 3 'Structure model' database_2     
# 
loop_
_pdbx_audit_revision_item.ordinal 
_pdbx_audit_revision_item.revision_ordinal 
_pdbx_audit_revision_item.data_content_type 
_pdbx_audit_revision_item.item 
1 2 'Structure model' '_diffrn_source.pdbx_synchrotron_beamline' 
2 2 'Structure model' '_diffrn_source.type'                      
3 3 'Structure model' '_database_2.pdbx_DOI'                     
4 3 'Structure model' '_database_2.pdbx_database_accession'      
# 
_pdbx_database_status.entry_id                        5QOI 
_pdbx_database_status.status_code                     REL 
_pdbx_database_status.status_code_sf                  REL 
_pdbx_database_status.status_code_mr                  ? 
_pdbx_database_status.status_code_cs                  ? 
_pdbx_database_status.recvd_initial_deposition_date   2019-02-22 
_pdbx_database_status.deposit_site                    RCSB 
_pdbx_database_status.process_site                    RCSB 
_pdbx_database_status.SG_entry                        ? 
_pdbx_database_status.pdb_format_compatible           Y 
_pdbx_database_status.methods_development_category    ? 
_pdbx_database_status.status_code_nmr_data            ? 
# 
loop_
_audit_author.name 
_audit_author.pdbx_ordinal 
_audit_author.identifier_ORCID 
'Nelson, E.R.'      1  ? 
'Velupillai, S.'    2  ? 
'Talon, R.'         3  ? 
'Collins, P.M.'     4  ? 
'Krojer, T.'        5  ? 
'Wang, D.'          6  ? 
'Brandao-Neto, J.'  7  ? 
'Douangamath, A.'   8  ? 
'Burgess-Brown, N.' 9  ? 
'Arrowsmith, C.H.'  10 ? 
'Bountra, C.'       11 ? 
'Huber, K.'         12 ? 
'von Delft, F.'     13 ? 
# 
_citation.id                        primary 
_citation.title                     'PanDDA analysis group deposition' 
_citation.journal_abbrev            'To Be Published' 
_citation.journal_volume            ? 
_citation.page_first                ? 
_citation.page_last                 ? 
_citation.year                      ? 
_citation.journal_id_ASTM           ? 
_citation.country                   ? 
_citation.journal_id_ISSN           ? 
_citation.journal_id_CSD            0353 
_citation.book_publisher            ? 
_citation.pdbx_database_id_PubMed   ? 
_citation.pdbx_database_id_DOI      ? 
# 
loop_
_citation_author.citation_id 
_citation_author.name 
_citation_author.identifier_ORCID 
_citation_author.ordinal 
primary 'Nelson, E.R.'      ? 1  
primary 'Velupillai, S.'    ? 2  
primary 'Talon, R.'         ? 3  
primary 'Collins, P.M.'     ? 4  
primary 'Krojer, T.'        ? 5  
primary 'Wang, D.'          ? 6  
primary 'Brandao-Neto, J.'  ? 7  
primary 'Douangamath, A.'   ? 8  
primary 'Burgess-Brown, N.' ? 9  
primary 'Arrowsmith, C.H.'  ? 10 
primary 'Bountra, C.'       ? 11 
primary 'Huber, K.'         ? 12 
primary 'von Delft, F.'     ? 13 
# 
loop_
_entity.id 
_entity.type 
_entity.src_method 
_entity.pdbx_description 
_entity.formula_weight 
_entity.pdbx_number_of_molecules 
_entity.pdbx_ec 
_entity.pdbx_mutation 
_entity.pdbx_fragment 
_entity.details 
1 polymer     man 'DCP2 (NUDT20)'                19073.738 1  3.6.1.62 ? 'UNP residues 95-260' ? 
2 non-polymer syn 1,2-ETHANEDIOL                 62.068    2  ?        ? ?                     ? 
3 non-polymer syn 'DIMETHYL SULFOXIDE'           78.133    1  ?        ? ?                     ? 
4 non-polymer syn 'ACETATE ION'                  59.044    2  ?        ? ?                     ? 
5 non-polymer syn N-cycloheptylpyrimidin-2-amine 191.273   1  ?        ? ?                     ? 
6 water       nat water                          18.015    87 ?        ? ?                     ? 
# 
_entity_name_com.entity_id   1 
_entity_name_com.name        
'Nucleoside diphosphate-linked moiety X motif 20, Nudix motif 20, mRNA-decapping enzyme 2, hDpc, m7GpppN-mRNA hydrolase' 
# 
_entity_poly.entity_id                      1 
_entity_poly.type                           'polypeptide(L)' 
_entity_poly.nstd_linkage                   no 
_entity_poly.nstd_monomer                   no 
_entity_poly.pdbx_seq_one_letter_code       
;SMGVPTYGAIILDETLENVLLVQGYLAKSGWGFPKGKVNKEEAPHDCAAREVFEETGFDIKDYICKDDYIELRINDQLAR
LYIIPGIPKDTKFNPKTRREIRNIEWFSIEKLPCHRNDMTPKSKLGLAPNKFFMAIPFIRPLRDWLSRRFGDSSDSDNGF
SSTGSTP
;
_entity_poly.pdbx_seq_one_letter_code_can   
;SMGVPTYGAIILDETLENVLLVQGYLAKSGWGFPKGKVNKEEAPHDCAAREVFEETGFDIKDYICKDDYIELRINDQLAR
LYIIPGIPKDTKFNPKTRREIRNIEWFSIEKLPCHRNDMTPKSKLGLAPNKFFMAIPFIRPLRDWLSRRFGDSSDSDNGF
SSTGSTP
;
_entity_poly.pdbx_strand_id                 A 
_entity_poly.pdbx_target_identifier         ? 
# 
loop_
_pdbx_entity_nonpoly.entity_id 
_pdbx_entity_nonpoly.name 
_pdbx_entity_nonpoly.comp_id 
2 1,2-ETHANEDIOL                 EDO 
3 'DIMETHYL SULFOXIDE'           DMS 
4 'ACETATE ION'                  ACT 
5 N-cycloheptylpyrimidin-2-amine LD4 
6 water                          HOH 
# 
loop_
_entity_poly_seq.entity_id 
_entity_poly_seq.num 
_entity_poly_seq.mon_id 
_entity_poly_seq.hetero 
1 1   SER n 
1 2   MET n 
1 3   GLY n 
1 4   VAL n 
1 5   PRO n 
1 6   THR n 
1 7   TYR n 
1 8   GLY n 
1 9   ALA n 
1 10  ILE n 
1 11  ILE n 
1 12  LEU n 
1 13  ASP n 
1 14  GLU n 
1 15  THR n 
1 16  LEU n 
1 17  GLU n 
1 18  ASN n 
1 19  VAL n 
1 20  LEU n 
1 21  LEU n 
1 22  VAL n 
1 23  GLN n 
1 24  GLY n 
1 25  TYR n 
1 26  LEU n 
1 27  ALA n 
1 28  LYS n 
1 29  SER n 
1 30  GLY n 
1 31  TRP n 
1 32  GLY n 
1 33  PHE n 
1 34  PRO n 
1 35  LYS n 
1 36  GLY n 
1 37  LYS n 
1 38  VAL n 
1 39  ASN n 
1 40  LYS n 
1 41  GLU n 
1 42  GLU n 
1 43  ALA n 
1 44  PRO n 
1 45  HIS n 
1 46  ASP n 
1 47  CYS n 
1 48  ALA n 
1 49  ALA n 
1 50  ARG n 
1 51  GLU n 
1 52  VAL n 
1 53  PHE n 
1 54  GLU n 
1 55  GLU n 
1 56  THR n 
1 57  GLY n 
1 58  PHE n 
1 59  ASP n 
1 60  ILE n 
1 61  LYS n 
1 62  ASP n 
1 63  TYR n 
1 64  ILE n 
1 65  CYS n 
1 66  LYS n 
1 67  ASP n 
1 68  ASP n 
1 69  TYR n 
1 70  ILE n 
1 71  GLU n 
1 72  LEU n 
1 73  ARG n 
1 74  ILE n 
1 75  ASN n 
1 76  ASP n 
1 77  GLN n 
1 78  LEU n 
1 79  ALA n 
1 80  ARG n 
1 81  LEU n 
1 82  TYR n 
1 83  ILE n 
1 84  ILE n 
1 85  PRO n 
1 86  GLY n 
1 87  ILE n 
1 88  PRO n 
1 89  LYS n 
1 90  ASP n 
1 91  THR n 
1 92  LYS n 
1 93  PHE n 
1 94  ASN n 
1 95  PRO n 
1 96  LYS n 
1 97  THR n 
1 98  ARG n 
1 99  ARG n 
1 100 GLU n 
1 101 ILE n 
1 102 ARG n 
1 103 ASN n 
1 104 ILE n 
1 105 GLU n 
1 106 TRP n 
1 107 PHE n 
1 108 SER n 
1 109 ILE n 
1 110 GLU n 
1 111 LYS n 
1 112 LEU n 
1 113 PRO n 
1 114 CYS n 
1 115 HIS n 
1 116 ARG n 
1 117 ASN n 
1 118 ASP n 
1 119 MET n 
1 120 THR n 
1 121 PRO n 
1 122 LYS n 
1 123 SER n 
1 124 LYS n 
1 125 LEU n 
1 126 GLY n 
1 127 LEU n 
1 128 ALA n 
1 129 PRO n 
1 130 ASN n 
1 131 LYS n 
1 132 PHE n 
1 133 PHE n 
1 134 MET n 
1 135 ALA n 
1 136 ILE n 
1 137 PRO n 
1 138 PHE n 
1 139 ILE n 
1 140 ARG n 
1 141 PRO n 
1 142 LEU n 
1 143 ARG n 
1 144 ASP n 
1 145 TRP n 
1 146 LEU n 
1 147 SER n 
1 148 ARG n 
1 149 ARG n 
1 150 PHE n 
1 151 GLY n 
1 152 ASP n 
1 153 SER n 
1 154 SER n 
1 155 ASP n 
1 156 SER n 
1 157 ASP n 
1 158 ASN n 
1 159 GLY n 
1 160 PHE n 
1 161 SER n 
1 162 SER n 
1 163 THR n 
1 164 GLY n 
1 165 SER n 
1 166 THR n 
1 167 PRO n 
# 
_entity_src_gen.entity_id                          1 
_entity_src_gen.pdbx_src_id                        1 
_entity_src_gen.pdbx_alt_source_flag               sample 
_entity_src_gen.pdbx_seq_type                      'Biological sequence' 
_entity_src_gen.pdbx_beg_seq_num                   1 
_entity_src_gen.pdbx_end_seq_num                   167 
_entity_src_gen.gene_src_common_name               Human 
_entity_src_gen.gene_src_genus                     ? 
_entity_src_gen.pdbx_gene_src_gene                 'DCP2, NUDT20' 
_entity_src_gen.gene_src_species                   ? 
_entity_src_gen.gene_src_strain                    ? 
_entity_src_gen.gene_src_tissue                    ? 
_entity_src_gen.gene_src_tissue_fraction           ? 
_entity_src_gen.gene_src_details                   ? 
_entity_src_gen.pdbx_gene_src_fragment             ? 
_entity_src_gen.pdbx_gene_src_scientific_name      'Homo sapiens' 
_entity_src_gen.pdbx_gene_src_ncbi_taxonomy_id     9606 
_entity_src_gen.pdbx_gene_src_variant              ? 
_entity_src_gen.pdbx_gene_src_cell_line            ? 
_entity_src_gen.pdbx_gene_src_atcc                 ? 
_entity_src_gen.pdbx_gene_src_organ                ? 
_entity_src_gen.pdbx_gene_src_organelle            ? 
_entity_src_gen.pdbx_gene_src_cell                 ? 
_entity_src_gen.pdbx_gene_src_cellular_location    ? 
_entity_src_gen.host_org_common_name               ? 
_entity_src_gen.pdbx_host_org_scientific_name      'Escherichia coli' 
_entity_src_gen.pdbx_host_org_ncbi_taxonomy_id     562 
_entity_src_gen.host_org_genus                     ? 
_entity_src_gen.pdbx_host_org_gene                 ? 
_entity_src_gen.pdbx_host_org_organ                ? 
_entity_src_gen.host_org_species                   ? 
_entity_src_gen.pdbx_host_org_tissue               ? 
_entity_src_gen.pdbx_host_org_tissue_fraction      ? 
_entity_src_gen.pdbx_host_org_strain               ? 
_entity_src_gen.pdbx_host_org_variant              ? 
_entity_src_gen.pdbx_host_org_cell_line            ? 
_entity_src_gen.pdbx_host_org_atcc                 ? 
_entity_src_gen.pdbx_host_org_culture_collection   ? 
_entity_src_gen.pdbx_host_org_cell                 ? 
_entity_src_gen.pdbx_host_org_organelle            ? 
_entity_src_gen.pdbx_host_org_cellular_location    ? 
_entity_src_gen.pdbx_host_org_vector_type          ? 
_entity_src_gen.pdbx_host_org_vector               ? 
_entity_src_gen.host_org_details                   ? 
_entity_src_gen.expression_system_id               ? 
_entity_src_gen.plasmid_name                       ? 
_entity_src_gen.plasmid_details                    ? 
_entity_src_gen.pdbx_description                   ? 
# 
loop_
_chem_comp.id 
_chem_comp.type 
_chem_comp.mon_nstd_flag 
_chem_comp.name 
_chem_comp.pdbx_synonyms 
_chem_comp.formula 
_chem_comp.formula_weight 
ACT non-polymer         . 'ACETATE ION'                  ?                 'C2 H3 O2 -1'    59.044  
ALA 'L-peptide linking' y ALANINE                        ?                 'C3 H7 N O2'     89.093  
ARG 'L-peptide linking' y ARGININE                       ?                 'C6 H15 N4 O2 1' 175.209 
ASN 'L-peptide linking' y ASPARAGINE                     ?                 'C4 H8 N2 O3'    132.118 
ASP 'L-peptide linking' y 'ASPARTIC ACID'                ?                 'C4 H7 N O4'     133.103 
CYS 'L-peptide linking' y CYSTEINE                       ?                 'C3 H7 N O2 S'   121.158 
DMS non-polymer         . 'DIMETHYL SULFOXIDE'           ?                 'C2 H6 O S'      78.133  
EDO non-polymer         . 1,2-ETHANEDIOL                 'ETHYLENE GLYCOL' 'C2 H6 O2'       62.068  
GLN 'L-peptide linking' y GLUTAMINE                      ?                 'C5 H10 N2 O3'   146.144 
GLU 'L-peptide linking' y 'GLUTAMIC ACID'                ?                 'C5 H9 N O4'     147.129 
GLY 'peptide linking'   y GLYCINE                        ?                 'C2 H5 N O2'     75.067  
HIS 'L-peptide linking' y HISTIDINE                      ?                 'C6 H10 N3 O2 1' 156.162 
HOH non-polymer         . WATER                          ?                 'H2 O'           18.015  
ILE 'L-peptide linking' y ISOLEUCINE                     ?                 'C6 H13 N O2'    131.173 
LD4 non-polymer         . N-cycloheptylpyrimidin-2-amine ?                 'C11 H17 N3'     191.273 
LEU 'L-peptide linking' y LEUCINE                        ?                 'C6 H13 N O2'    131.173 
LYS 'L-peptide linking' y LYSINE                         ?                 'C6 H15 N2 O2 1' 147.195 
MET 'L-peptide linking' y METHIONINE                     ?                 'C5 H11 N O2 S'  149.211 
PHE 'L-peptide linking' y PHENYLALANINE                  ?                 'C9 H11 N O2'    165.189 
PRO 'L-peptide linking' y PROLINE                        ?                 'C5 H9 N O2'     115.130 
SER 'L-peptide linking' y SERINE                         ?                 'C3 H7 N O3'     105.093 
THR 'L-peptide linking' y THREONINE                      ?                 'C4 H9 N O3'     119.119 
TRP 'L-peptide linking' y TRYPTOPHAN                     ?                 'C11 H12 N2 O2'  204.225 
TYR 'L-peptide linking' y TYROSINE                       ?                 'C9 H11 N O3'    181.189 
VAL 'L-peptide linking' y VALINE                         ?                 'C5 H11 N O2'    117.146 
# 
loop_
_pdbx_poly_seq_scheme.asym_id 
_pdbx_poly_seq_scheme.entity_id 
_pdbx_poly_seq_scheme.seq_id 
_pdbx_poly_seq_scheme.mon_id 
_pdbx_poly_seq_scheme.ndb_seq_num 
_pdbx_poly_seq_scheme.pdb_seq_num 
_pdbx_poly_seq_scheme.auth_seq_num 
_pdbx_poly_seq_scheme.pdb_mon_id 
_pdbx_poly_seq_scheme.auth_mon_id 
_pdbx_poly_seq_scheme.pdb_strand_id 
_pdbx_poly_seq_scheme.pdb_ins_code 
_pdbx_poly_seq_scheme.hetero 
A 1 1   SER 1   94  ?   ?   ?   A . n 
A 1 2   MET 2   95  ?   ?   ?   A . n 
A 1 3   GLY 3   96  96  GLY GLY A . n 
A 1 4   VAL 4   97  97  VAL VAL A . n 
A 1 5   PRO 5   98  98  PRO PRO A . n 
A 1 6   THR 6   99  99  THR THR A . n 
A 1 7   TYR 7   100 100 TYR TYR A . n 
A 1 8   GLY 8   101 101 GLY GLY A . n 
A 1 9   ALA 9   102 102 ALA ALA A . n 
A 1 10  ILE 10  103 103 ILE ILE A . n 
A 1 11  ILE 11  104 104 ILE ILE A . n 
A 1 12  LEU 12  105 105 LEU LEU A . n 
A 1 13  ASP 13  106 106 ASP ASP A . n 
A 1 14  GLU 14  107 107 GLU GLU A . n 
A 1 15  THR 15  108 108 THR THR A . n 
A 1 16  LEU 16  109 109 LEU LEU A . n 
A 1 17  GLU 17  110 110 GLU GLU A . n 
A 1 18  ASN 18  111 111 ASN ASN A . n 
A 1 19  VAL 19  112 112 VAL VAL A . n 
A 1 20  LEU 20  113 113 LEU LEU A . n 
A 1 21  LEU 21  114 114 LEU LEU A . n 
A 1 22  VAL 22  115 115 VAL VAL A . n 
A 1 23  GLN 23  116 116 GLN GLN A . n 
A 1 24  GLY 24  117 117 GLY GLY A . n 
A 1 25  TYR 25  118 118 TYR TYR A . n 
A 1 26  LEU 26  119 119 LEU LEU A . n 
A 1 27  ALA 27  120 120 ALA ALA A . n 
A 1 28  LYS 28  121 121 LYS LYS A . n 
A 1 29  SER 29  122 122 SER SER A . n 
A 1 30  GLY 30  123 123 GLY GLY A . n 
A 1 31  TRP 31  124 124 TRP TRP A . n 
A 1 32  GLY 32  125 125 GLY GLY A . n 
A 1 33  PHE 33  126 126 PHE PHE A . n 
A 1 34  PRO 34  127 127 PRO PRO A . n 
A 1 35  LYS 35  128 128 LYS LYS A . n 
A 1 36  GLY 36  129 129 GLY GLY A . n 
A 1 37  LYS 37  130 130 LYS LYS A . n 
A 1 38  VAL 38  131 131 VAL VAL A . n 
A 1 39  ASN 39  132 132 ASN ASN A . n 
A 1 40  LYS 40  133 133 LYS LYS A . n 
A 1 41  GLU 41  134 134 GLU GLU A . n 
A 1 42  GLU 42  135 135 GLU GLU A . n 
A 1 43  ALA 43  136 136 ALA ALA A . n 
A 1 44  PRO 44  137 137 PRO PRO A . n 
A 1 45  HIS 45  138 138 HIS HIS A . n 
A 1 46  ASP 46  139 139 ASP ASP A . n 
A 1 47  CYS 47  140 140 CYS CYS A . n 
A 1 48  ALA 48  141 141 ALA ALA A . n 
A 1 49  ALA 49  142 142 ALA ALA A . n 
A 1 50  ARG 50  143 143 ARG ARG A . n 
A 1 51  GLU 51  144 144 GLU GLU A . n 
A 1 52  VAL 52  145 145 VAL VAL A . n 
A 1 53  PHE 53  146 146 PHE PHE A . n 
A 1 54  GLU 54  147 147 GLU GLU A . n 
A 1 55  GLU 55  148 148 GLU GLU A . n 
A 1 56  THR 56  149 149 THR THR A . n 
A 1 57  GLY 57  150 150 GLY GLY A . n 
A 1 58  PHE 58  151 151 PHE PHE A . n 
A 1 59  ASP 59  152 152 ASP ASP A . n 
A 1 60  ILE 60  153 153 ILE ILE A . n 
A 1 61  LYS 61  154 154 LYS LYS A . n 
A 1 62  ASP 62  155 155 ASP ASP A . n 
A 1 63  TYR 63  156 156 TYR TYR A . n 
A 1 64  ILE 64  157 157 ILE ILE A . n 
A 1 65  CYS 65  158 158 CYS CYS A . n 
A 1 66  LYS 66  159 159 LYS LYS A . n 
A 1 67  ASP 67  160 160 ASP ASP A . n 
A 1 68  ASP 68  161 161 ASP ASP A . n 
A 1 69  TYR 69  162 162 TYR TYR A . n 
A 1 70  ILE 70  163 163 ILE ILE A . n 
A 1 71  GLU 71  164 164 GLU GLU A . n 
A 1 72  LEU 72  165 165 LEU LEU A . n 
A 1 73  ARG 73  166 166 ARG ARG A . n 
A 1 74  ILE 74  167 167 ILE ILE A . n 
A 1 75  ASN 75  168 168 ASN ASN A . n 
A 1 76  ASP 76  169 169 ASP ASP A . n 
A 1 77  GLN 77  170 170 GLN GLN A . n 
A 1 78  LEU 78  171 171 LEU LEU A . n 
A 1 79  ALA 79  172 172 ALA ALA A . n 
A 1 80  ARG 80  173 173 ARG ARG A . n 
A 1 81  LEU 81  174 174 LEU LEU A . n 
A 1 82  TYR 82  175 175 TYR TYR A . n 
A 1 83  ILE 83  176 176 ILE ILE A . n 
A 1 84  ILE 84  177 177 ILE ILE A . n 
A 1 85  PRO 85  178 178 PRO PRO A . n 
A 1 86  GLY 86  179 179 GLY GLY A . n 
A 1 87  ILE 87  180 180 ILE ILE A . n 
A 1 88  PRO 88  181 181 PRO PRO A . n 
A 1 89  LYS 89  182 182 LYS LYS A . n 
A 1 90  ASP 90  183 183 ASP ASP A . n 
A 1 91  THR 91  184 184 THR THR A . n 
A 1 92  LYS 92  185 185 LYS LYS A . n 
A 1 93  PHE 93  186 186 PHE PHE A . n 
A 1 94  ASN 94  187 187 ASN ASN A . n 
A 1 95  PRO 95  188 188 PRO PRO A . n 
A 1 96  LYS 96  189 189 LYS LYS A . n 
A 1 97  THR 97  190 190 THR THR A . n 
A 1 98  ARG 98  191 191 ARG ARG A . n 
A 1 99  ARG 99  192 192 ARG ARG A . n 
A 1 100 GLU 100 193 193 GLU GLU A . n 
A 1 101 ILE 101 194 194 ILE ILE A . n 
A 1 102 ARG 102 195 195 ARG ARG A . n 
A 1 103 ASN 103 196 196 ASN ASN A . n 
A 1 104 ILE 104 197 197 ILE ILE A . n 
A 1 105 GLU 105 198 198 GLU GLU A . n 
A 1 106 TRP 106 199 199 TRP TRP A . n 
A 1 107 PHE 107 200 200 PHE PHE A . n 
A 1 108 SER 108 201 201 SER SER A . n 
A 1 109 ILE 109 202 202 ILE ILE A . n 
A 1 110 GLU 110 203 203 GLU GLU A . n 
A 1 111 LYS 111 204 204 LYS LYS A . n 
A 1 112 LEU 112 205 205 LEU LEU A . n 
A 1 113 PRO 113 206 206 PRO PRO A . n 
A 1 114 CYS 114 207 207 CYS CYS A . n 
A 1 115 HIS 115 208 208 HIS HIS A . n 
A 1 116 ARG 116 209 209 ARG ARG A . n 
A 1 117 ASN 117 210 210 ASN ASN A . n 
A 1 118 ASP 118 211 211 ASP ASP A . n 
A 1 119 MET 119 212 212 MET MET A . n 
A 1 120 THR 120 213 213 THR THR A . n 
A 1 121 PRO 121 214 214 PRO PRO A . n 
A 1 122 LYS 122 215 215 LYS LYS A . n 
A 1 123 SER 123 216 216 SER SER A . n 
A 1 124 LYS 124 217 217 LYS LYS A . n 
A 1 125 LEU 125 218 218 LEU LEU A . n 
A 1 126 GLY 126 219 219 GLY GLY A . n 
A 1 127 LEU 127 220 220 LEU LEU A . n 
A 1 128 ALA 128 221 221 ALA ALA A . n 
A 1 129 PRO 129 222 222 PRO PRO A . n 
A 1 130 ASN 130 223 223 ASN ASN A . n 
A 1 131 LYS 131 224 224 LYS LYS A . n 
A 1 132 PHE 132 225 225 PHE PHE A . n 
A 1 133 PHE 133 226 226 PHE PHE A . n 
A 1 134 MET 134 227 227 MET MET A . n 
A 1 135 ALA 135 228 228 ALA ALA A . n 
A 1 136 ILE 136 229 229 ILE ILE A . n 
A 1 137 PRO 137 230 230 PRO PRO A . n 
A 1 138 PHE 138 231 231 PHE PHE A . n 
A 1 139 ILE 139 232 232 ILE ILE A . n 
A 1 140 ARG 140 233 233 ARG ARG A . n 
A 1 141 PRO 141 234 234 PRO PRO A . n 
A 1 142 LEU 142 235 235 LEU LEU A . n 
A 1 143 ARG 143 236 236 ARG ARG A . n 
A 1 144 ASP 144 237 237 ASP ASP A . n 
A 1 145 TRP 145 238 238 TRP TRP A . n 
A 1 146 LEU 146 239 239 LEU LEU A . n 
A 1 147 SER 147 240 240 SER SER A . n 
A 1 148 ARG 148 241 241 ARG ARG A . n 
A 1 149 ARG 149 242 242 ARG ARG A . n 
A 1 150 PHE 150 243 243 PHE PHE A . n 
A 1 151 GLY 151 244 244 GLY GLY A . n 
A 1 152 ASP 152 245 ?   ?   ?   A . n 
A 1 153 SER 153 246 ?   ?   ?   A . n 
A 1 154 SER 154 247 ?   ?   ?   A . n 
A 1 155 ASP 155 248 ?   ?   ?   A . n 
A 1 156 SER 156 249 ?   ?   ?   A . n 
A 1 157 ASP 157 250 ?   ?   ?   A . n 
A 1 158 ASN 158 251 ?   ?   ?   A . n 
A 1 159 GLY 159 252 ?   ?   ?   A . n 
A 1 160 PHE 160 253 ?   ?   ?   A . n 
A 1 161 SER 161 254 ?   ?   ?   A . n 
A 1 162 SER 162 255 ?   ?   ?   A . n 
A 1 163 THR 163 256 ?   ?   ?   A . n 
A 1 164 GLY 164 257 ?   ?   ?   A . n 
A 1 165 SER 165 258 ?   ?   ?   A . n 
A 1 166 THR 166 259 ?   ?   ?   A . n 
A 1 167 PRO 167 260 ?   ?   ?   A . n 
# 
loop_
_pdbx_nonpoly_scheme.asym_id 
_pdbx_nonpoly_scheme.entity_id 
_pdbx_nonpoly_scheme.mon_id 
_pdbx_nonpoly_scheme.ndb_seq_num 
_pdbx_nonpoly_scheme.pdb_seq_num 
_pdbx_nonpoly_scheme.auth_seq_num 
_pdbx_nonpoly_scheme.pdb_mon_id 
_pdbx_nonpoly_scheme.auth_mon_id 
_pdbx_nonpoly_scheme.pdb_strand_id 
_pdbx_nonpoly_scheme.pdb_ins_code 
B 2 EDO 1  301 2   EDO EDO A . 
C 2 EDO 1  302 3   EDO EDO A . 
D 3 DMS 1  303 1   DMS DMS A . 
E 4 ACT 1  304 1   ACT ACT A . 
F 4 ACT 1  305 2   ACT ACT A . 
G 5 LD4 1  306 1   LD4 LIG A . 
H 6 HOH 1  401 104 HOH HOH A . 
H 6 HOH 2  402 10  HOH HOH A . 
H 6 HOH 3  403 83  HOH HOH A . 
H 6 HOH 4  404 64  HOH HOH A . 
H 6 HOH 5  405 70  HOH HOH A . 
H 6 HOH 6  406 38  HOH HOH A . 
H 6 HOH 7  407 15  HOH HOH A . 
H 6 HOH 8  408 100 HOH HOH A . 
H 6 HOH 9  409 12  HOH HOH A . 
H 6 HOH 10 410 85  HOH HOH A . 
H 6 HOH 11 411 23  HOH HOH A . 
H 6 HOH 12 412 81  HOH HOH A . 
H 6 HOH 13 413 107 HOH HOH A . 
H 6 HOH 14 414 39  HOH HOH A . 
H 6 HOH 15 415 55  HOH HOH A . 
H 6 HOH 16 416 71  HOH HOH A . 
H 6 HOH 17 417 7   HOH HOH A . 
H 6 HOH 18 418 80  HOH HOH A . 
H 6 HOH 19 419 60  HOH HOH A . 
H 6 HOH 20 420 1   HOH HOH A . 
H 6 HOH 21 421 46  HOH HOH A . 
H 6 HOH 22 422 8   HOH HOH A . 
H 6 HOH 23 423 5   HOH HOH A . 
H 6 HOH 24 424 31  HOH HOH A . 
H 6 HOH 25 425 18  HOH HOH A . 
H 6 HOH 26 426 67  HOH HOH A . 
H 6 HOH 27 427 2   HOH HOH A . 
H 6 HOH 28 428 88  HOH HOH A . 
H 6 HOH 29 429 47  HOH HOH A . 
H 6 HOH 30 430 13  HOH HOH A . 
H 6 HOH 31 431 33  HOH HOH A . 
H 6 HOH 32 432 62  HOH HOH A . 
H 6 HOH 33 433 35  HOH HOH A . 
H 6 HOH 34 434 90  HOH HOH A . 
H 6 HOH 35 435 29  HOH HOH A . 
H 6 HOH 36 436 68  HOH HOH A . 
H 6 HOH 37 437 17  HOH HOH A . 
H 6 HOH 38 438 79  HOH HOH A . 
H 6 HOH 39 439 9   HOH HOH A . 
H 6 HOH 40 440 95  HOH HOH A . 
H 6 HOH 41 441 102 HOH HOH A . 
H 6 HOH 42 442 3   HOH HOH A . 
H 6 HOH 43 443 65  HOH HOH A . 
H 6 HOH 44 444 4   HOH HOH A . 
H 6 HOH 45 445 6   HOH HOH A . 
H 6 HOH 46 446 97  HOH HOH A . 
H 6 HOH 47 447 96  HOH HOH A . 
H 6 HOH 48 448 14  HOH HOH A . 
H 6 HOH 49 449 11  HOH HOH A . 
H 6 HOH 50 450 59  HOH HOH A . 
H 6 HOH 51 451 30  HOH HOH A . 
H 6 HOH 52 452 86  HOH HOH A . 
H 6 HOH 53 453 21  HOH HOH A . 
H 6 HOH 54 454 106 HOH HOH A . 
H 6 HOH 55 455 27  HOH HOH A . 
H 6 HOH 56 456 103 HOH HOH A . 
H 6 HOH 57 457 16  HOH HOH A . 
H 6 HOH 58 458 43  HOH HOH A . 
H 6 HOH 59 459 74  HOH HOH A . 
H 6 HOH 60 460 94  HOH HOH A . 
H 6 HOH 61 461 25  HOH HOH A . 
H 6 HOH 62 462 50  HOH HOH A . 
H 6 HOH 63 463 19  HOH HOH A . 
H 6 HOH 64 464 36  HOH HOH A . 
H 6 HOH 65 465 40  HOH HOH A . 
H 6 HOH 66 466 87  HOH HOH A . 
H 6 HOH 67 467 57  HOH HOH A . 
H 6 HOH 68 468 75  HOH HOH A . 
H 6 HOH 69 469 42  HOH HOH A . 
H 6 HOH 70 470 78  HOH HOH A . 
H 6 HOH 71 471 72  HOH HOH A . 
H 6 HOH 72 472 69  HOH HOH A . 
H 6 HOH 73 473 84  HOH HOH A . 
H 6 HOH 74 474 109 HOH HOH A . 
H 6 HOH 75 475 28  HOH HOH A . 
H 6 HOH 76 476 101 HOH HOH A . 
H 6 HOH 77 477 105 HOH HOH A . 
H 6 HOH 78 478 52  HOH HOH A . 
H 6 HOH 79 479 92  HOH HOH A . 
H 6 HOH 80 480 26  HOH HOH A . 
H 6 HOH 81 481 91  HOH HOH A . 
H 6 HOH 82 482 20  HOH HOH A . 
H 6 HOH 83 483 98  HOH HOH A . 
H 6 HOH 84 484 51  HOH HOH A . 
H 6 HOH 85 485 56  HOH HOH A . 
H 6 HOH 86 486 93  HOH HOH A . 
H 6 HOH 87 487 41  HOH HOH A . 
# 
loop_
_pdbx_unobs_or_zero_occ_atoms.id 
_pdbx_unobs_or_zero_occ_atoms.PDB_model_num 
_pdbx_unobs_or_zero_occ_atoms.polymer_flag 
_pdbx_unobs_or_zero_occ_atoms.occupancy_flag 
_pdbx_unobs_or_zero_occ_atoms.auth_asym_id 
_pdbx_unobs_or_zero_occ_atoms.auth_comp_id 
_pdbx_unobs_or_zero_occ_atoms.auth_seq_id 
_pdbx_unobs_or_zero_occ_atoms.PDB_ins_code 
_pdbx_unobs_or_zero_occ_atoms.auth_atom_id 
_pdbx_unobs_or_zero_occ_atoms.label_alt_id 
_pdbx_unobs_or_zero_occ_atoms.label_asym_id 
_pdbx_unobs_or_zero_occ_atoms.label_comp_id 
_pdbx_unobs_or_zero_occ_atoms.label_seq_id 
_pdbx_unobs_or_zero_occ_atoms.label_atom_id 
1  1 Y 1 A LYS 130 ? CE  ? A LYS 37  CE  
2  1 Y 1 A LYS 130 ? NZ  ? A LYS 37  NZ  
3  1 Y 1 A LYS 133 ? CG  ? A LYS 40  CG  
4  1 Y 1 A LYS 133 ? CD  ? A LYS 40  CD  
5  1 Y 1 A LYS 133 ? CE  ? A LYS 40  CE  
6  1 Y 1 A LYS 133 ? NZ  ? A LYS 40  NZ  
7  1 Y 1 A GLU 134 ? CG  ? A GLU 41  CG  
8  1 Y 1 A GLU 134 ? CD  ? A GLU 41  CD  
9  1 Y 1 A GLU 134 ? OE1 ? A GLU 41  OE1 
10 1 Y 1 A GLU 134 ? OE2 ? A GLU 41  OE2 
11 1 Y 1 A LYS 159 ? CD  ? A LYS 66  CD  
12 1 Y 1 A LYS 159 ? CE  ? A LYS 66  CE  
13 1 Y 1 A LYS 159 ? NZ  ? A LYS 66  NZ  
14 1 Y 1 A LYS 185 ? CE  ? A LYS 92  CE  
15 1 Y 1 A LYS 185 ? NZ  ? A LYS 92  NZ  
16 1 Y 1 A LYS 215 ? CD  ? A LYS 122 CD  
17 1 Y 1 A LYS 215 ? CE  ? A LYS 122 CE  
18 1 Y 1 A LYS 215 ? NZ  ? A LYS 122 NZ  
19 1 Y 1 A LYS 217 ? CE  ? A LYS 124 CE  
20 1 Y 1 A LYS 217 ? NZ  ? A LYS 124 NZ  
21 1 Y 1 A ARG 241 ? CD  ? A ARG 148 CD  
22 1 Y 1 A ARG 241 ? NE  ? A ARG 148 NE  
23 1 Y 1 A ARG 241 ? CZ  ? A ARG 148 CZ  
24 1 Y 1 A ARG 241 ? NH1 ? A ARG 148 NH1 
25 1 Y 1 A ARG 241 ? NH2 ? A ARG 148 NH2 
# 
loop_
_software.pdbx_ordinal 
_software.name 
_software.version 
_software.date 
_software.type 
_software.contact_author 
_software.contact_author_email 
_software.classification 
_software.location 
_software.language 
_software.citation_id 
1 REFMAC      5.8.0189 ?               program 'Garib N. Murshudov' garib@ysbl.york.ac.uk    refinement        
http://www.ccp4.ac.uk/dist/html/refmac5.html        Fortran_77 ? 
2 Aimless     0.5.29   17/10/16        program 'Phil Evans'         ?                        'data scaling'    
http://www.mrc-lmb.cam.ac.uk/harry/pre/aimless.html ?          ? 
3 PDB_EXTRACT 3.23     'SEP. 23, 2016' package PDB                  deposit@deposit.rcsb.org 'data extraction' 
http://sw-tools.pdb.org/apps/PDB_EXTRACT/           C++        ? 
4 XDS         .        ?               program ?                    ?                        'data reduction'  ? ?          ? 
5 REFMAC      .        ?               program ?                    ?                        phasing           ? ?          ? 
# 
_cell.entry_id           5QOI 
_cell.length_a           48.300 
_cell.length_b           61.090 
_cell.length_c           65.870 
_cell.angle_alpha        90.000 
_cell.angle_beta         90.000 
_cell.angle_gamma        90.000 
_cell.Z_PDB              4 
_cell.pdbx_unique_axis   ? 
# 
_symmetry.entry_id                         5QOI 
_symmetry.Int_Tables_number                19 
_symmetry.space_group_name_H-M             'P 21 21 21' 
_symmetry.pdbx_full_space_group_name_H-M   ? 
_symmetry.cell_setting                     ? 
# 
_exptl.crystals_number   1 
_exptl.entry_id          5QOI 
_exptl.method            'X-RAY DIFFRACTION' 
# 
_exptl_crystal.id                    1 
_exptl_crystal.pdbx_mosaicity        0.000 
_exptl_crystal.pdbx_mosaicity_esd    ? 
_exptl_crystal.density_Matthews      2.55 
_exptl_crystal.density_diffrn        ? 
_exptl_crystal.density_meas          ? 
_exptl_crystal.density_meas_temp     ? 
_exptl_crystal.density_percent_sol   51.72 
_exptl_crystal.size_max              ? 
_exptl_crystal.size_mid              ? 
_exptl_crystal.size_min              ? 
_exptl_crystal.size_rad              ? 
_exptl_crystal.description           ? 
# 
_exptl_crystal_grow.crystal_id      1 
_exptl_crystal_grow.method          'VAPOR DIFFUSION, SITTING DROP' 
_exptl_crystal_grow.pH              4.5 
_exptl_crystal_grow.temp            277 
_exptl_crystal_grow.pdbx_details    '0.1 M acetate, pH 4.5, 5-25% PEG3350' 
_exptl_crystal_grow.temp_details    ? 
_exptl_crystal_grow.pdbx_pH_range   ? 
# 
_diffrn.id                     1 
_diffrn.ambient_temp           ? 
_diffrn.crystal_id             1 
_diffrn.ambient_temp_details   ? 
# 
_diffrn_detector.detector               PIXEL 
_diffrn_detector.type                   'DECTRIS PILATUS 2M' 
_diffrn_detector.pdbx_collection_date   2016-12-05 
_diffrn_detector.diffrn_id              1 
_diffrn_detector.details                ? 
# 
_diffrn_radiation.diffrn_id                        1 
_diffrn_radiation.wavelength_id                    1 
_diffrn_radiation.pdbx_diffrn_protocol             'SINGLE WAVELENGTH' 
_diffrn_radiation.pdbx_monochromatic_or_laue_m_l   ? 
_diffrn_radiation.monochromator                    ? 
_diffrn_radiation.pdbx_scattering_type             x-ray 
# 
_diffrn_radiation_wavelength.id           1 
_diffrn_radiation_wavelength.wavelength   0.92819 
_diffrn_radiation_wavelength.wt           1.0 
# 
_diffrn_source.diffrn_id                   1 
_diffrn_source.source                      SYNCHROTRON 
_diffrn_source.type                        'DIAMOND BEAMLINE I04-1' 
_diffrn_source.pdbx_wavelength_list        0.92819 
_diffrn_source.pdbx_synchrotron_site       Diamond 
_diffrn_source.pdbx_synchrotron_beamline   I04-1 
_diffrn_source.pdbx_wavelength             ? 
# 
_reflns.entry_id                     5QOI 
_reflns.pdbx_diffrn_id               1 
_reflns.pdbx_ordinal                 1 
_reflns.observed_criterion_sigma_I   ? 
_reflns.observed_criterion_sigma_F   ? 
_reflns.d_resolution_low             38.950 
_reflns.d_resolution_high            1.990 
_reflns.number_obs                   13901 
_reflns.number_all                   ? 
_reflns.percent_possible_obs         99.800 
_reflns.pdbx_Rmerge_I_obs            0.077 
_reflns.pdbx_Rsym_value              ? 
_reflns.pdbx_netI_over_sigmaI        15.400 
_reflns.B_iso_Wilson_estimate        ? 
_reflns.pdbx_redundancy              6.400 
_reflns.pdbx_Rrim_I_all              0.084 
_reflns.pdbx_Rpim_I_all              0.033 
_reflns.pdbx_CC_half                 0.999 
_reflns.pdbx_netI_over_av_sigmaI     ? 
_reflns.pdbx_number_measured_all     88769 
_reflns.pdbx_scaling_rejects         0 
_reflns.pdbx_chi_squared             ? 
_reflns.Rmerge_F_all                 ? 
_reflns.Rmerge_F_obs                 ? 
_reflns.observed_criterion_F_max     ? 
_reflns.observed_criterion_F_min     ? 
_reflns.observed_criterion_I_max     ? 
_reflns.observed_criterion_I_min     ? 
_reflns.pdbx_d_res_high_opt          ? 
_reflns.pdbx_d_res_low_opt           ? 
_reflns.details                      ? 
# 
loop_
_reflns_shell.pdbx_diffrn_id 
_reflns_shell.pdbx_ordinal 
_reflns_shell.d_res_high 
_reflns_shell.d_res_low 
_reflns_shell.number_measured_obs 
_reflns_shell.number_measured_all 
_reflns_shell.number_unique_obs 
_reflns_shell.pdbx_rejects 
_reflns_shell.Rmerge_I_obs 
_reflns_shell.meanI_over_sigI_obs 
_reflns_shell.pdbx_Rsym_value 
_reflns_shell.pdbx_chi_squared 
_reflns_shell.pdbx_redundancy 
_reflns_shell.percent_possible_obs 
_reflns_shell.pdbx_netI_over_sigmaI_obs 
_reflns_shell.number_possible 
_reflns_shell.number_unique_all 
_reflns_shell.Rmerge_F_all 
_reflns_shell.Rmerge_F_obs 
_reflns_shell.Rmerge_I_all 
_reflns_shell.meanI_over_sigI_all 
_reflns_shell.percent_possible_all 
_reflns_shell.pdbx_Rrim_I_all 
_reflns_shell.pdbx_Rpim_I_all 
_reflns_shell.pdbx_CC_half 
1 1 1.990 2.040  ? 6821 ? ? 0.668 ? ? ? 6.700 ? 3.100  ? 1020 ? ? ? ? 99.900 0.724 0.278 0.724 
1 2 8.900 38.950 ? 1048 ? ? 0.024 ? ? ? 5.400 ? 46.800 ? 193  ? ? ? ? 98.600 0.027 0.011 1.000 
# 
_refine.entry_id                                 5QOI 
_refine.pdbx_refine_id                           'X-RAY DIFFRACTION' 
_refine.ls_d_res_high                            1.9900 
_refine.ls_d_res_low                             44.8300 
_refine.pdbx_ls_sigma_F                          0.000 
_refine.pdbx_data_cutoff_high_absF               ? 
_refine.pdbx_data_cutoff_low_absF                ? 
_refine.ls_percent_reflns_obs                    99.7800 
_refine.ls_number_reflns_obs                     13208 
_refine.ls_number_reflns_all                     ? 
_refine.pdbx_ls_cross_valid_method               THROUGHOUT 
_refine.ls_matrix_type                           ? 
_refine.pdbx_R_Free_selection_details            RANDOM 
_refine.details                                  
'HYDROGENS HAVE BEEN ADDED IN THE RIDING POSITIONS U VALUES : REFINED INDIVIDUALLY' 
_refine.ls_R_factor_all                          ? 
_refine.ls_R_factor_obs                          0.1825 
_refine.ls_R_factor_R_work                       0.1800 
_refine.ls_wR_factor_R_work                      ? 
_refine.ls_R_factor_R_free                       0.2367 
_refine.ls_wR_factor_R_free                      ? 
_refine.ls_percent_reflns_R_free                 4.7000 
_refine.ls_number_reflns_R_free                  655 
_refine.ls_number_reflns_R_work                  ? 
_refine.ls_R_factor_R_free_error                 ? 
_refine.B_iso_mean                               37.7690 
_refine.solvent_model_param_bsol                 ? 
_refine.solvent_model_param_ksol                 ? 
_refine.pdbx_isotropic_thermal_model             ? 
_refine.aniso_B[1][1]                            2.4600 
_refine.aniso_B[2][2]                            -2.6600 
_refine.aniso_B[3][3]                            0.2000 
_refine.aniso_B[1][2]                            0.0000 
_refine.aniso_B[1][3]                            -0.0000 
_refine.aniso_B[2][3]                            0.0000 
_refine.correlation_coeff_Fo_to_Fc               0.9630 
_refine.correlation_coeff_Fo_to_Fc_free          0.9190 
_refine.overall_SU_R_Cruickshank_DPI             ? 
_refine.pdbx_overall_SU_R_free_Cruickshank_DPI   ? 
_refine.pdbx_overall_SU_R_Blow_DPI               ? 
_refine.pdbx_overall_SU_R_free_Blow_DPI          ? 
_refine.overall_SU_R_free                        ? 
_refine.pdbx_overall_ESU_R                       0.1720 
_refine.pdbx_overall_ESU_R_Free                  0.1640 
_refine.overall_SU_ML                            0.1250 
_refine.overall_SU_B                             4.6400 
_refine.solvent_model_details                    MASK 
_refine.pdbx_solvent_vdw_probe_radii             1.2000 
_refine.pdbx_solvent_ion_probe_radii             0.8000 
_refine.pdbx_solvent_shrinkage_radii             0.8000 
_refine.ls_number_parameters                     ? 
_refine.ls_number_restraints                     ? 
_refine.pdbx_starting_model                      'PDB entry 5MP0' 
_refine.pdbx_method_to_determine_struct          'FOURIER SYNTHESIS' 
_refine.pdbx_stereochemistry_target_values       'MAXIMUM LIKELIHOOD' 
_refine.pdbx_stereochem_target_val_spec_case     ? 
_refine.overall_FOM_work_R_set                   ? 
_refine.B_iso_max                                83.200 
_refine.B_iso_min                                19.050 
_refine.pdbx_overall_phase_error                 ? 
_refine.occupancy_max                            ? 
_refine.occupancy_min                            ? 
_refine.pdbx_diffrn_id                           1 
_refine.pdbx_TLS_residual_ADP_flag               ? 
_refine.pdbx_ls_sigma_I                          ? 
_refine.pdbx_data_cutoff_high_rms_absF           ? 
_refine.ls_R_factor_R_free_error_details         ? 
# 
_refine_hist.cycle_id                         final 
_refine_hist.pdbx_refine_id                   'X-RAY DIFFRACTION' 
_refine_hist.d_res_high                       1.9900 
_refine_hist.d_res_low                        44.8300 
_refine_hist.pdbx_number_atoms_ligand         34 
_refine_hist.number_atoms_solvent             87 
_refine_hist.number_atoms_total               1316 
_refine_hist.pdbx_number_residues_total       149 
_refine_hist.pdbx_B_iso_mean_ligand           56.82 
_refine_hist.pdbx_B_iso_mean_solvent          46.66 
_refine_hist.pdbx_number_atoms_protein        1195 
_refine_hist.pdbx_number_atoms_nucleic_acid   0 
# 
loop_
_refine_ls_restr.pdbx_refine_id 
_refine_ls_restr.type 
_refine_ls_restr.number 
_refine_ls_restr.dev_ideal 
_refine_ls_restr.dev_ideal_target 
_refine_ls_restr.weight 
_refine_ls_restr.pdbx_restraint_function 
'X-RAY DIFFRACTION' r_bond_refined_d       1661 0.017  0.020  ? ? 
'X-RAY DIFFRACTION' r_bond_other_d         1405 0.002  0.020  ? ? 
'X-RAY DIFFRACTION' r_angle_refined_deg    2041 1.829  1.985  ? ? 
'X-RAY DIFFRACTION' r_angle_other_deg      3252 1.106  3.000  ? ? 
'X-RAY DIFFRACTION' r_dihedral_angle_1_deg 187  6.729  5.000  ? ? 
'X-RAY DIFFRACTION' r_dihedral_angle_2_deg 73   31.035 21.781 ? ? 
'X-RAY DIFFRACTION' r_dihedral_angle_3_deg 247  16.355 15.000 ? ? 
'X-RAY DIFFRACTION' r_dihedral_angle_4_deg 19   25.429 15.000 ? ? 
'X-RAY DIFFRACTION' r_chiral_restr         204  0.117  0.200  ? ? 
'X-RAY DIFFRACTION' r_gen_planes_refined   1805 0.010  0.021  ? ? 
'X-RAY DIFFRACTION' r_gen_planes_other     362  0.002  0.020  ? ? 
'X-RAY DIFFRACTION' r_mcbond_it            762  3.054  3.562  ? ? 
'X-RAY DIFFRACTION' r_mcbond_other         763  3.052  3.563  ? ? 
'X-RAY DIFFRACTION' r_mcangle_it           903  4.519  5.275  ? ? 
# 
_refine_ls_shell.d_res_high                       1.9900 
_refine_ls_shell.d_res_low                        2.0420 
_refine_ls_shell.pdbx_total_number_of_bins_used   20 
_refine_ls_shell.percent_reflns_obs               99.7100 
_refine_ls_shell.number_reflns_R_work             967 
_refine_ls_shell.R_factor_all                     ? 
_refine_ls_shell.R_factor_R_work                  0.2810 
_refine_ls_shell.R_factor_R_free                  0.2790 
_refine_ls_shell.percent_reflns_R_free            ? 
_refine_ls_shell.number_reflns_R_free             51 
_refine_ls_shell.R_factor_R_free_error            ? 
_refine_ls_shell.number_reflns_all                1018 
_refine_ls_shell.number_reflns_obs                ? 
_refine_ls_shell.pdbx_refine_id                   'X-RAY DIFFRACTION' 
# 
_struct.entry_id                  5QOI 
_struct.title                     
'PanDDA analysis group deposition -- Crystal Structure of DCP2 (NUDT20) in complex with FMOPL000213a' 
_struct.pdbx_model_details        ? 
_struct.pdbx_CASP_flag            ? 
_struct.pdbx_model_type_details   ? 
# 
_struct_keywords.entry_id        5QOI 
_struct_keywords.text            'SGC - Diamond I04-1 fragment screening, PanDDA, XChemExplorer, HYDROLASE' 
_struct_keywords.pdbx_keywords   HYDROLASE 
# 
loop_
_struct_asym.id 
_struct_asym.pdbx_blank_PDB_chainid_flag 
_struct_asym.pdbx_modified 
_struct_asym.entity_id 
_struct_asym.details 
A N N 1 ? 
B N N 2 ? 
C N N 2 ? 
D N N 3 ? 
E N N 4 ? 
F N N 4 ? 
G N N 5 ? 
H N N 6 ? 
# 
_struct_ref.id                         1 
_struct_ref.db_name                    UNP 
_struct_ref.db_code                    DCP2_HUMAN 
_struct_ref.pdbx_db_accession          Q8IU60 
_struct_ref.pdbx_db_isoform            ? 
_struct_ref.entity_id                  1 
_struct_ref.pdbx_seq_one_letter_code   
;MGVPTYGAIILDETLENVLLVQGYLAKSGWGFPKGKVNKEEAPHDCAAREVFEETGFDIKDYICKDDYIELRINDQLARL
YIIPGIPKDTKFNPKTRREIRNIEWFSIEKLPCHRNDMTPKSKLGLAPNKFFMAIPFIRPLRDWLSRRFGDSSDSDNGFS
STGSTP
;
_struct_ref.pdbx_align_begin           95 
# 
_struct_ref_seq.align_id                      1 
_struct_ref_seq.ref_id                        1 
_struct_ref_seq.pdbx_PDB_id_code              5QOI 
_struct_ref_seq.pdbx_strand_id                A 
_struct_ref_seq.seq_align_beg                 2 
_struct_ref_seq.pdbx_seq_align_beg_ins_code   ? 
_struct_ref_seq.seq_align_end                 167 
_struct_ref_seq.pdbx_seq_align_end_ins_code   ? 
_struct_ref_seq.pdbx_db_accession             Q8IU60 
_struct_ref_seq.db_align_beg                  95 
_struct_ref_seq.pdbx_db_align_beg_ins_code    ? 
_struct_ref_seq.db_align_end                  260 
_struct_ref_seq.pdbx_db_align_end_ins_code    ? 
_struct_ref_seq.pdbx_auth_seq_align_beg       95 
_struct_ref_seq.pdbx_auth_seq_align_end       260 
# 
_struct_ref_seq_dif.align_id                     1 
_struct_ref_seq_dif.pdbx_pdb_id_code             5QOI 
_struct_ref_seq_dif.mon_id                       SER 
_struct_ref_seq_dif.pdbx_pdb_strand_id           A 
_struct_ref_seq_dif.seq_num                      1 
_struct_ref_seq_dif.pdbx_pdb_ins_code            ? 
_struct_ref_seq_dif.pdbx_seq_db_name             UNP 
_struct_ref_seq_dif.pdbx_seq_db_accession_code   Q8IU60 
_struct_ref_seq_dif.db_mon_id                    ? 
_struct_ref_seq_dif.pdbx_seq_db_seq_num          ? 
_struct_ref_seq_dif.details                      'expression tag' 
_struct_ref_seq_dif.pdbx_auth_seq_num            94 
_struct_ref_seq_dif.pdbx_ordinal                 1 
# 
_pdbx_struct_assembly.id                   1 
_pdbx_struct_assembly.details              author_and_software_defined_assembly 
_pdbx_struct_assembly.method_details       PISA 
_pdbx_struct_assembly.oligomeric_details   monomeric 
_pdbx_struct_assembly.oligomeric_count     1 
# 
loop_
_pdbx_struct_assembly_prop.biol_id 
_pdbx_struct_assembly_prop.type 
_pdbx_struct_assembly_prop.value 
_pdbx_struct_assembly_prop.details 
1 'ABSA (A^2)' 870  ? 
1 MORE         5    ? 
1 'SSA (A^2)'  8710 ? 
# 
_pdbx_struct_assembly_gen.assembly_id       1 
_pdbx_struct_assembly_gen.oper_expression   1 
_pdbx_struct_assembly_gen.asym_id_list      A,B,C,D,E,F,G,H 
# 
_pdbx_struct_oper_list.id                   1 
_pdbx_struct_oper_list.type                 'identity operation' 
_pdbx_struct_oper_list.name                 1_555 
_pdbx_struct_oper_list.symmetry_operation   x,y,z 
_pdbx_struct_oper_list.matrix[1][1]         1.0000000000 
_pdbx_struct_oper_list.matrix[1][2]         0.0000000000 
_pdbx_struct_oper_list.matrix[1][3]         0.0000000000 
_pdbx_struct_oper_list.vector[1]            0.0000000000 
_pdbx_struct_oper_list.matrix[2][1]         0.0000000000 
_pdbx_struct_oper_list.matrix[2][2]         1.0000000000 
_pdbx_struct_oper_list.matrix[2][3]         0.0000000000 
_pdbx_struct_oper_list.vector[2]            0.0000000000 
_pdbx_struct_oper_list.matrix[3][1]         0.0000000000 
_pdbx_struct_oper_list.matrix[3][2]         0.0000000000 
_pdbx_struct_oper_list.matrix[3][3]         1.0000000000 
_pdbx_struct_oper_list.vector[3]            0.0000000000 
# 
loop_
_struct_conf.conf_type_id 
_struct_conf.id 
_struct_conf.pdbx_PDB_helix_id 
_struct_conf.beg_label_comp_id 
_struct_conf.beg_label_asym_id 
_struct_conf.beg_label_seq_id 
_struct_conf.pdbx_beg_PDB_ins_code 
_struct_conf.end_label_comp_id 
_struct_conf.end_label_asym_id 
_struct_conf.end_label_seq_id 
_struct_conf.pdbx_end_PDB_ins_code 
_struct_conf.beg_auth_comp_id 
_struct_conf.beg_auth_asym_id 
_struct_conf.beg_auth_seq_id 
_struct_conf.end_auth_comp_id 
_struct_conf.end_auth_asym_id 
_struct_conf.end_auth_seq_id 
_struct_conf.pdbx_PDB_helix_class 
_struct_conf.details 
_struct_conf.pdbx_PDB_helix_length 
HELX_P HELX_P1 AA1 TYR A 25  ? SER A 29  ? TYR A 118 SER A 122 5 ? 5  
HELX_P HELX_P2 AA2 ALA A 43  ? GLY A 57  ? ALA A 136 GLY A 150 1 ? 15 
HELX_P HELX_P3 AA3 GLU A 110 ? LEU A 112 ? GLU A 203 LEU A 205 5 ? 3  
HELX_P HELX_P4 AA4 MET A 119 ? SER A 123 ? MET A 212 SER A 216 5 ? 5  
HELX_P HELX_P5 AA5 ALA A 135 ? GLY A 151 ? ALA A 228 GLY A 244 1 ? 17 
# 
_struct_conf_type.id          HELX_P 
_struct_conf_type.criteria    ? 
_struct_conf_type.reference   ? 
# 
loop_
_struct_sheet.id 
_struct_sheet.type 
_struct_sheet.number_strands 
_struct_sheet.details 
AA1 ? 4 ? 
AA2 ? 3 ? 
# 
loop_
_struct_sheet_order.sheet_id 
_struct_sheet_order.range_id_1 
_struct_sheet_order.range_id_2 
_struct_sheet_order.offset 
_struct_sheet_order.sense 
AA1 1 2 ? anti-parallel 
AA1 2 3 ? parallel      
AA1 3 4 ? anti-parallel 
AA2 1 2 ? anti-parallel 
AA2 2 3 ? anti-parallel 
# 
loop_
_struct_sheet_range.sheet_id 
_struct_sheet_range.id 
_struct_sheet_range.beg_label_comp_id 
_struct_sheet_range.beg_label_asym_id 
_struct_sheet_range.beg_label_seq_id 
_struct_sheet_range.pdbx_beg_PDB_ins_code 
_struct_sheet_range.end_label_comp_id 
_struct_sheet_range.end_label_asym_id 
_struct_sheet_range.end_label_seq_id 
_struct_sheet_range.pdbx_end_PDB_ins_code 
_struct_sheet_range.beg_auth_comp_id 
_struct_sheet_range.beg_auth_asym_id 
_struct_sheet_range.beg_auth_seq_id 
_struct_sheet_range.end_auth_comp_id 
_struct_sheet_range.end_auth_asym_id 
_struct_sheet_range.end_auth_seq_id 
AA1 1 LYS A 35  ? LYS A 37  ? LYS A 128 LYS A 130 
AA1 2 THR A 6   ? ILE A 11  ? THR A 99  ILE A 104 
AA1 3 GLN A 77  ? ILE A 84  ? GLN A 170 ILE A 177 
AA1 4 TYR A 69  ? ILE A 74  ? TYR A 162 ILE A 167 
AA2 1 TRP A 31  ? GLY A 32  ? TRP A 124 GLY A 125 
AA2 2 ASN A 18  ? GLN A 23  ? ASN A 111 GLN A 116 
AA2 3 ASN A 103 ? SER A 108 ? ASN A 196 SER A 201 
# 
loop_
_pdbx_struct_sheet_hbond.sheet_id 
_pdbx_struct_sheet_hbond.range_id_1 
_pdbx_struct_sheet_hbond.range_id_2 
_pdbx_struct_sheet_hbond.range_1_label_atom_id 
_pdbx_struct_sheet_hbond.range_1_label_comp_id 
_pdbx_struct_sheet_hbond.range_1_label_asym_id 
_pdbx_struct_sheet_hbond.range_1_label_seq_id 
_pdbx_struct_sheet_hbond.range_1_PDB_ins_code 
_pdbx_struct_sheet_hbond.range_1_auth_atom_id 
_pdbx_struct_sheet_hbond.range_1_auth_comp_id 
_pdbx_struct_sheet_hbond.range_1_auth_asym_id 
_pdbx_struct_sheet_hbond.range_1_auth_seq_id 
_pdbx_struct_sheet_hbond.range_2_label_atom_id 
_pdbx_struct_sheet_hbond.range_2_label_comp_id 
_pdbx_struct_sheet_hbond.range_2_label_asym_id 
_pdbx_struct_sheet_hbond.range_2_label_seq_id 
_pdbx_struct_sheet_hbond.range_2_PDB_ins_code 
_pdbx_struct_sheet_hbond.range_2_auth_atom_id 
_pdbx_struct_sheet_hbond.range_2_auth_comp_id 
_pdbx_struct_sheet_hbond.range_2_auth_asym_id 
_pdbx_struct_sheet_hbond.range_2_auth_seq_id 
AA1 1 2 O GLY A 36 ? O GLY A 129 N TYR A 7   ? N TYR A 100 
AA1 2 3 N ILE A 10 ? N ILE A 103 O ILE A 84  ? O ILE A 177 
AA1 3 4 O LEU A 81 ? O LEU A 174 N ILE A 70  ? N ILE A 163 
AA2 1 2 O GLY A 32 ? O GLY A 125 N VAL A 22  ? N VAL A 115 
AA2 2 3 N LEU A 21 ? N LEU A 114 O GLU A 105 ? O GLU A 198 
# 
loop_
_struct_site.id 
_struct_site.pdbx_evidence_code 
_struct_site.pdbx_auth_asym_id 
_struct_site.pdbx_auth_comp_id 
_struct_site.pdbx_auth_seq_id 
_struct_site.pdbx_auth_ins_code 
_struct_site.pdbx_num_residues 
_struct_site.details 
AC1 Software A EDO 301 ? 5 'binding site for residue EDO A 301' 
AC2 Software A EDO 302 ? 5 'binding site for residue EDO A 302' 
AC3 Software A DMS 303 ? 2 'binding site for residue DMS A 303' 
AC4 Software A ACT 304 ? 4 'binding site for residue ACT A 304' 
AC5 Software A ACT 305 ? 4 'binding site for residue ACT A 305' 
AC6 Software A LD4 306 ? 9 'binding site for residue LD4 A 306' 
# 
loop_
_struct_site_gen.id 
_struct_site_gen.site_id 
_struct_site_gen.pdbx_num_res 
_struct_site_gen.label_comp_id 
_struct_site_gen.label_asym_id 
_struct_site_gen.label_seq_id 
_struct_site_gen.pdbx_auth_ins_code 
_struct_site_gen.auth_comp_id 
_struct_site_gen.auth_asym_id 
_struct_site_gen.auth_seq_id 
_struct_site_gen.label_atom_id 
_struct_site_gen.label_alt_id 
_struct_site_gen.symmetry 
_struct_site_gen.details 
1  AC1 5 ALA A 49  ? ALA A 142 . ? 1_555 ? 
2  AC1 5 ASP A 59  ? ASP A 152 . ? 1_555 ? 
3  AC1 5 LYS A 61  ? LYS A 154 . ? 1_555 ? 
4  AC1 5 HOH H .   ? HOH A 421 . ? 1_555 ? 
5  AC1 5 HOH H .   ? HOH A 446 . ? 1_555 ? 
6  AC2 5 PRO A 129 ? PRO A 222 . ? 1_555 ? 
7  AC2 5 ASN A 130 ? ASN A 223 . ? 1_555 ? 
8  AC2 5 LYS A 131 ? LYS A 224 . ? 1_555 ? 
9  AC2 5 ACT F .   ? ACT A 305 . ? 1_555 ? 
10 AC2 5 HOH H .   ? HOH A 463 . ? 1_555 ? 
11 AC3 2 ASN A 18  ? ASN A 111 . ? 1_555 ? 
12 AC3 2 TRP A 106 ? TRP A 199 . ? 1_555 ? 
13 AC4 4 SER A 29  ? SER A 122 . ? 1_555 ? 
14 AC4 4 TYR A 63  ? TYR A 156 . ? 3_357 ? 
15 AC4 4 HOH H .   ? HOH A 436 . ? 3_357 ? 
16 AC4 4 HOH H .   ? HOH A 450 . ? 3_357 ? 
17 AC5 4 ARG A 116 ? ARG A 209 . ? 1_555 ? 
18 AC5 4 ASN A 130 ? ASN A 223 . ? 1_555 ? 
19 AC5 4 PHE A 133 ? PHE A 226 . ? 1_555 ? 
20 AC5 4 EDO C .   ? EDO A 302 . ? 1_555 ? 
21 AC6 9 VAL A 22  ? VAL A 115 . ? 1_555 ? 
22 AC6 9 GLY A 24  ? GLY A 117 . ? 1_555 ? 
23 AC6 9 LYS A 28  ? LYS A 121 . ? 1_555 ? 
24 AC6 9 GLY A 32  ? GLY A 125 . ? 1_555 ? 
25 AC6 9 PHE A 33  ? PHE A 126 . ? 1_555 ? 
26 AC6 9 LYS A 35  ? LYS A 128 . ? 1_555 ? 
27 AC6 9 GLU A 55  ? GLU A 148 . ? 1_555 ? 
28 AC6 9 ILE A 101 ? ILE A 194 . ? 1_555 ? 
29 AC6 9 MET A 134 ? MET A 227 . ? 1_555 ? 
# 
_pdbx_validate_close_contact.id               1 
_pdbx_validate_close_contact.PDB_model_num    1 
_pdbx_validate_close_contact.auth_atom_id_1   O 
_pdbx_validate_close_contact.auth_asym_id_1   A 
_pdbx_validate_close_contact.auth_comp_id_1   HOH 
_pdbx_validate_close_contact.auth_seq_id_1    468 
_pdbx_validate_close_contact.PDB_ins_code_1   ? 
_pdbx_validate_close_contact.label_alt_id_1   ? 
_pdbx_validate_close_contact.auth_atom_id_2   O 
_pdbx_validate_close_contact.auth_asym_id_2   A 
_pdbx_validate_close_contact.auth_comp_id_2   HOH 
_pdbx_validate_close_contact.auth_seq_id_2    481 
_pdbx_validate_close_contact.PDB_ins_code_2   ? 
_pdbx_validate_close_contact.label_alt_id_2   ? 
_pdbx_validate_close_contact.dist             2.16 
# 
loop_
_pdbx_validate_rmsd_angle.id 
_pdbx_validate_rmsd_angle.PDB_model_num 
_pdbx_validate_rmsd_angle.auth_atom_id_1 
_pdbx_validate_rmsd_angle.auth_asym_id_1 
_pdbx_validate_rmsd_angle.auth_comp_id_1 
_pdbx_validate_rmsd_angle.auth_seq_id_1 
_pdbx_validate_rmsd_angle.PDB_ins_code_1 
_pdbx_validate_rmsd_angle.label_alt_id_1 
_pdbx_validate_rmsd_angle.auth_atom_id_2 
_pdbx_validate_rmsd_angle.auth_asym_id_2 
_pdbx_validate_rmsd_angle.auth_comp_id_2 
_pdbx_validate_rmsd_angle.auth_seq_id_2 
_pdbx_validate_rmsd_angle.PDB_ins_code_2 
_pdbx_validate_rmsd_angle.label_alt_id_2 
_pdbx_validate_rmsd_angle.auth_atom_id_3 
_pdbx_validate_rmsd_angle.auth_asym_id_3 
_pdbx_validate_rmsd_angle.auth_comp_id_3 
_pdbx_validate_rmsd_angle.auth_seq_id_3 
_pdbx_validate_rmsd_angle.PDB_ins_code_3 
_pdbx_validate_rmsd_angle.label_alt_id_3 
_pdbx_validate_rmsd_angle.angle_value 
_pdbx_validate_rmsd_angle.angle_target_value 
_pdbx_validate_rmsd_angle.angle_deviation 
_pdbx_validate_rmsd_angle.angle_standard_deviation 
_pdbx_validate_rmsd_angle.linker_flag 
1 1 CB A ASP 106 ? ? CG A ASP 106 ? ? OD1 A ASP 106 ? ? 125.29 118.30 6.99 0.90 N 
2 1 CB A ASP 152 ? ? CG A ASP 152 ? ? OD1 A ASP 152 ? ? 124.95 118.30 6.65 0.90 N 
# 
loop_
_pdbx_validate_torsion.id 
_pdbx_validate_torsion.PDB_model_num 
_pdbx_validate_torsion.auth_comp_id 
_pdbx_validate_torsion.auth_asym_id 
_pdbx_validate_torsion.auth_seq_id 
_pdbx_validate_torsion.PDB_ins_code 
_pdbx_validate_torsion.label_alt_id 
_pdbx_validate_torsion.phi 
_pdbx_validate_torsion.psi 
1 1 LEU A 119 ? ? 64.44 -116.87 
2 1 GLU A 134 ? ? 72.48 -9.58   
# 
_phasing.method   MR 
# 
loop_
_pdbx_unobs_or_zero_occ_residues.id 
_pdbx_unobs_or_zero_occ_residues.PDB_model_num 
_pdbx_unobs_or_zero_occ_residues.polymer_flag 
_pdbx_unobs_or_zero_occ_residues.occupancy_flag 
_pdbx_unobs_or_zero_occ_residues.auth_asym_id 
_pdbx_unobs_or_zero_occ_residues.auth_comp_id 
_pdbx_unobs_or_zero_occ_residues.auth_seq_id 
_pdbx_unobs_or_zero_occ_residues.PDB_ins_code 
_pdbx_unobs_or_zero_occ_residues.label_asym_id 
_pdbx_unobs_or_zero_occ_residues.label_comp_id 
_pdbx_unobs_or_zero_occ_residues.label_seq_id 
1  1 Y 1 A SER 94  ? A SER 1   
2  1 Y 1 A MET 95  ? A MET 2   
3  1 Y 1 A ASP 245 ? A ASP 152 
4  1 Y 1 A SER 246 ? A SER 153 
5  1 Y 1 A SER 247 ? A SER 154 
6  1 Y 1 A ASP 248 ? A ASP 155 
7  1 Y 1 A SER 249 ? A SER 156 
8  1 Y 1 A ASP 250 ? A ASP 157 
9  1 Y 1 A ASN 251 ? A ASN 158 
10 1 Y 1 A GLY 252 ? A GLY 159 
11 1 Y 1 A PHE 253 ? A PHE 160 
12 1 Y 1 A SER 254 ? A SER 161 
13 1 Y 1 A SER 255 ? A SER 162 
14 1 Y 1 A THR 256 ? A THR 163 
15 1 Y 1 A GLY 257 ? A GLY 164 
16 1 Y 1 A SER 258 ? A SER 165 
17 1 Y 1 A THR 259 ? A THR 166 
18 1 Y 1 A PRO 260 ? A PRO 167 
# 
loop_
_chem_comp_atom.comp_id 
_chem_comp_atom.atom_id 
_chem_comp_atom.type_symbol 
_chem_comp_atom.pdbx_aromatic_flag 
_chem_comp_atom.pdbx_stereo_config 
_chem_comp_atom.pdbx_ordinal 
ACT C    C N N 1   
ACT O    O N N 2   
ACT OXT  O N N 3   
ACT CH3  C N N 4   
ACT H1   H N N 5   
ACT H2   H N N 6   
ACT H3   H N N 7   
ALA N    N N N 8   
ALA CA   C N S 9   
ALA C    C N N 10  
ALA O    O N N 11  
ALA CB   C N N 12  
ALA OXT  O N N 13  
ALA H    H N N 14  
ALA H2   H N N 15  
ALA HA   H N N 16  
ALA HB1  H N N 17  
ALA HB2  H N N 18  
ALA HB3  H N N 19  
ALA HXT  H N N 20  
ARG N    N N N 21  
ARG CA   C N S 22  
ARG C    C N N 23  
ARG O    O N N 24  
ARG CB   C N N 25  
ARG CG   C N N 26  
ARG CD   C N N 27  
ARG NE   N N N 28  
ARG CZ   C N N 29  
ARG NH1  N N N 30  
ARG NH2  N N N 31  
ARG OXT  O N N 32  
ARG H    H N N 33  
ARG H2   H N N 34  
ARG HA   H N N 35  
ARG HB2  H N N 36  
ARG HB3  H N N 37  
ARG HG2  H N N 38  
ARG HG3  H N N 39  
ARG HD2  H N N 40  
ARG HD3  H N N 41  
ARG HE   H N N 42  
ARG HH11 H N N 43  
ARG HH12 H N N 44  
ARG HH21 H N N 45  
ARG HH22 H N N 46  
ARG HXT  H N N 47  
ASN N    N N N 48  
ASN CA   C N S 49  
ASN C    C N N 50  
ASN O    O N N 51  
ASN CB   C N N 52  
ASN CG   C N N 53  
ASN OD1  O N N 54  
ASN ND2  N N N 55  
ASN OXT  O N N 56  
ASN H    H N N 57  
ASN H2   H N N 58  
ASN HA   H N N 59  
ASN HB2  H N N 60  
ASN HB3  H N N 61  
ASN HD21 H N N 62  
ASN HD22 H N N 63  
ASN HXT  H N N 64  
ASP N    N N N 65  
ASP CA   C N S 66  
ASP C    C N N 67  
ASP O    O N N 68  
ASP CB   C N N 69  
ASP CG   C N N 70  
ASP OD1  O N N 71  
ASP OD2  O N N 72  
ASP OXT  O N N 73  
ASP H    H N N 74  
ASP H2   H N N 75  
ASP HA   H N N 76  
ASP HB2  H N N 77  
ASP HB3  H N N 78  
ASP HD2  H N N 79  
ASP HXT  H N N 80  
CYS N    N N N 81  
CYS CA   C N R 82  
CYS C    C N N 83  
CYS O    O N N 84  
CYS CB   C N N 85  
CYS SG   S N N 86  
CYS OXT  O N N 87  
CYS H    H N N 88  
CYS H2   H N N 89  
CYS HA   H N N 90  
CYS HB2  H N N 91  
CYS HB3  H N N 92  
CYS HG   H N N 93  
CYS HXT  H N N 94  
DMS S    S N N 95  
DMS O    O N N 96  
DMS C1   C N N 97  
DMS C2   C N N 98  
DMS H11  H N N 99  
DMS H12  H N N 100 
DMS H13  H N N 101 
DMS H21  H N N 102 
DMS H22  H N N 103 
DMS H23  H N N 104 
EDO C1   C N N 105 
EDO O1   O N N 106 
EDO C2   C N N 107 
EDO O2   O N N 108 
EDO H11  H N N 109 
EDO H12  H N N 110 
EDO HO1  H N N 111 
EDO H21  H N N 112 
EDO H22  H N N 113 
EDO HO2  H N N 114 
GLN N    N N N 115 
GLN CA   C N S 116 
GLN C    C N N 117 
GLN O    O N N 118 
GLN CB   C N N 119 
GLN CG   C N N 120 
GLN CD   C N N 121 
GLN OE1  O N N 122 
GLN NE2  N N N 123 
GLN OXT  O N N 124 
GLN H    H N N 125 
GLN H2   H N N 126 
GLN HA   H N N 127 
GLN HB2  H N N 128 
GLN HB3  H N N 129 
GLN HG2  H N N 130 
GLN HG3  H N N 131 
GLN HE21 H N N 132 
GLN HE22 H N N 133 
GLN HXT  H N N 134 
GLU N    N N N 135 
GLU CA   C N S 136 
GLU C    C N N 137 
GLU O    O N N 138 
GLU CB   C N N 139 
GLU CG   C N N 140 
GLU CD   C N N 141 
GLU OE1  O N N 142 
GLU OE2  O N N 143 
GLU OXT  O N N 144 
GLU H    H N N 145 
GLU H2   H N N 146 
GLU HA   H N N 147 
GLU HB2  H N N 148 
GLU HB3  H N N 149 
GLU HG2  H N N 150 
GLU HG3  H N N 151 
GLU HE2  H N N 152 
GLU HXT  H N N 153 
GLY N    N N N 154 
GLY CA   C N N 155 
GLY C    C N N 156 
GLY O    O N N 157 
GLY OXT  O N N 158 
GLY H    H N N 159 
GLY H2   H N N 160 
GLY HA2  H N N 161 
GLY HA3  H N N 162 
GLY HXT  H N N 163 
HIS N    N N N 164 
HIS CA   C N S 165 
HIS C    C N N 166 
HIS O    O N N 167 
HIS CB   C N N 168 
HIS CG   C Y N 169 
HIS ND1  N Y N 170 
HIS CD2  C Y N 171 
HIS CE1  C Y N 172 
HIS NE2  N Y N 173 
HIS OXT  O N N 174 
HIS H    H N N 175 
HIS H2   H N N 176 
HIS HA   H N N 177 
HIS HB2  H N N 178 
HIS HB3  H N N 179 
HIS HD1  H N N 180 
HIS HD2  H N N 181 
HIS HE1  H N N 182 
HIS HE2  H N N 183 
HIS HXT  H N N 184 
HOH O    O N N 185 
HOH H1   H N N 186 
HOH H2   H N N 187 
ILE N    N N N 188 
ILE CA   C N S 189 
ILE C    C N N 190 
ILE O    O N N 191 
ILE CB   C N S 192 
ILE CG1  C N N 193 
ILE CG2  C N N 194 
ILE CD1  C N N 195 
ILE OXT  O N N 196 
ILE H    H N N 197 
ILE H2   H N N 198 
ILE HA   H N N 199 
ILE HB   H N N 200 
ILE HG12 H N N 201 
ILE HG13 H N N 202 
ILE HG21 H N N 203 
ILE HG22 H N N 204 
ILE HG23 H N N 205 
ILE HD11 H N N 206 
ILE HD12 H N N 207 
ILE HD13 H N N 208 
ILE HXT  H N N 209 
LD4 N1   N Y N 210 
LD4 C4   C N N 211 
LD4 C5   C N N 212 
LD4 C6   C N N 213 
LD4 C7   C N N 214 
LD4 C8   C N N 215 
LD4 C10  C N N 216 
LD4 N    N Y N 217 
LD4 C    C Y N 218 
LD4 C1   C Y N 219 
LD4 C2   C Y N 220 
LD4 C3   C Y N 221 
LD4 C9   C N N 222 
LD4 N2   N N N 223 
LD4 H1   H N N 224 
LD4 H2   H N N 225 
LD4 H3   H N N 226 
LD4 H4   H N N 227 
LD4 H5   H N N 228 
LD4 H6   H N N 229 
LD4 H7   H N N 230 
LD4 H8   H N N 231 
LD4 H9   H N N 232 
LD4 H10  H N N 233 
LD4 H11  H N N 234 
LD4 H12  H N N 235 
LD4 H13  H N N 236 
LD4 H14  H N N 237 
LD4 H15  H N N 238 
LD4 H16  H N N 239 
LD4 H17  H N N 240 
LEU N    N N N 241 
LEU CA   C N S 242 
LEU C    C N N 243 
LEU O    O N N 244 
LEU CB   C N N 245 
LEU CG   C N N 246 
LEU CD1  C N N 247 
LEU CD2  C N N 248 
LEU OXT  O N N 249 
LEU H    H N N 250 
LEU H2   H N N 251 
LEU HA   H N N 252 
LEU HB2  H N N 253 
LEU HB3  H N N 254 
LEU HG   H N N 255 
LEU HD11 H N N 256 
LEU HD12 H N N 257 
LEU HD13 H N N 258 
LEU HD21 H N N 259 
LEU HD22 H N N 260 
LEU HD23 H N N 261 
LEU HXT  H N N 262 
LYS N    N N N 263 
LYS CA   C N S 264 
LYS C    C N N 265 
LYS O    O N N 266 
LYS CB   C N N 267 
LYS CG   C N N 268 
LYS CD   C N N 269 
LYS CE   C N N 270 
LYS NZ   N N N 271 
LYS OXT  O N N 272 
LYS H    H N N 273 
LYS H2   H N N 274 
LYS HA   H N N 275 
LYS HB2  H N N 276 
LYS HB3  H N N 277 
LYS HG2  H N N 278 
LYS HG3  H N N 279 
LYS HD2  H N N 280 
LYS HD3  H N N 281 
LYS HE2  H N N 282 
LYS HE3  H N N 283 
LYS HZ1  H N N 284 
LYS HZ2  H N N 285 
LYS HZ3  H N N 286 
LYS HXT  H N N 287 
MET N    N N N 288 
MET CA   C N S 289 
MET C    C N N 290 
MET O    O N N 291 
MET CB   C N N 292 
MET CG   C N N 293 
MET SD   S N N 294 
MET CE   C N N 295 
MET OXT  O N N 296 
MET H    H N N 297 
MET H2   H N N 298 
MET HA   H N N 299 
MET HB2  H N N 300 
MET HB3  H N N 301 
MET HG2  H N N 302 
MET HG3  H N N 303 
MET HE1  H N N 304 
MET HE2  H N N 305 
MET HE3  H N N 306 
MET HXT  H N N 307 
PHE N    N N N 308 
PHE CA   C N S 309 
PHE C    C N N 310 
PHE O    O N N 311 
PHE CB   C N N 312 
PHE CG   C Y N 313 
PHE CD1  C Y N 314 
PHE CD2  C Y N 315 
PHE CE1  C Y N 316 
PHE CE2  C Y N 317 
PHE CZ   C Y N 318 
PHE OXT  O N N 319 
PHE H    H N N 320 
PHE H2   H N N 321 
PHE HA   H N N 322 
PHE HB2  H N N 323 
PHE HB3  H N N 324 
PHE HD1  H N N 325 
PHE HD2  H N N 326 
PHE HE1  H N N 327 
PHE HE2  H N N 328 
PHE HZ   H N N 329 
PHE HXT  H N N 330 
PRO N    N N N 331 
PRO CA   C N S 332 
PRO C    C N N 333 
PRO O    O N N 334 
PRO CB   C N N 335 
PRO CG   C N N 336 
PRO CD   C N N 337 
PRO OXT  O N N 338 
PRO H    H N N 339 
PRO HA   H N N 340 
PRO HB2  H N N 341 
PRO HB3  H N N 342 
PRO HG2  H N N 343 
PRO HG3  H N N 344 
PRO HD2  H N N 345 
PRO HD3  H N N 346 
PRO HXT  H N N 347 
SER N    N N N 348 
SER CA   C N S 349 
SER C    C N N 350 
SER O    O N N 351 
SER CB   C N N 352 
SER OG   O N N 353 
SER OXT  O N N 354 
SER H    H N N 355 
SER H2   H N N 356 
SER HA   H N N 357 
SER HB2  H N N 358 
SER HB3  H N N 359 
SER HG   H N N 360 
SER HXT  H N N 361 
THR N    N N N 362 
THR CA   C N S 363 
THR C    C N N 364 
THR O    O N N 365 
THR CB   C N R 366 
THR OG1  O N N 367 
THR CG2  C N N 368 
THR OXT  O N N 369 
THR H    H N N 370 
THR H2   H N N 371 
THR HA   H N N 372 
THR HB   H N N 373 
THR HG1  H N N 374 
THR HG21 H N N 375 
THR HG22 H N N 376 
THR HG23 H N N 377 
THR HXT  H N N 378 
TRP N    N N N 379 
TRP CA   C N S 380 
TRP C    C N N 381 
TRP O    O N N 382 
TRP CB   C N N 383 
TRP CG   C Y N 384 
TRP CD1  C Y N 385 
TRP CD2  C Y N 386 
TRP NE1  N Y N 387 
TRP CE2  C Y N 388 
TRP CE3  C Y N 389 
TRP CZ2  C Y N 390 
TRP CZ3  C Y N 391 
TRP CH2  C Y N 392 
TRP OXT  O N N 393 
TRP H    H N N 394 
TRP H2   H N N 395 
TRP HA   H N N 396 
TRP HB2  H N N 397 
TRP HB3  H N N 398 
TRP HD1  H N N 399 
TRP HE1  H N N 400 
TRP HE3  H N N 401 
TRP HZ2  H N N 402 
TRP HZ3  H N N 403 
TRP HH2  H N N 404 
TRP HXT  H N N 405 
TYR N    N N N 406 
TYR CA   C N S 407 
TYR C    C N N 408 
TYR O    O N N 409 
TYR CB   C N N 410 
TYR CG   C Y N 411 
TYR CD1  C Y N 412 
TYR CD2  C Y N 413 
TYR CE1  C Y N 414 
TYR CE2  C Y N 415 
TYR CZ   C Y N 416 
TYR OH   O N N 417 
TYR OXT  O N N 418 
TYR H    H N N 419 
TYR H2   H N N 420 
TYR HA   H N N 421 
TYR HB2  H N N 422 
TYR HB3  H N N 423 
TYR HD1  H N N 424 
TYR HD2  H N N 425 
TYR HE1  H N N 426 
TYR HE2  H N N 427 
TYR HH   H N N 428 
TYR HXT  H N N 429 
VAL N    N N N 430 
VAL CA   C N S 431 
VAL C    C N N 432 
VAL O    O N N 433 
VAL CB   C N N 434 
VAL CG1  C N N 435 
VAL CG2  C N N 436 
VAL OXT  O N N 437 
VAL H    H N N 438 
VAL H2   H N N 439 
VAL HA   H N N 440 
VAL HB   H N N 441 
VAL HG11 H N N 442 
VAL HG12 H N N 443 
VAL HG13 H N N 444 
VAL HG21 H N N 445 
VAL HG22 H N N 446 
VAL HG23 H N N 447 
VAL HXT  H N N 448 
# 
loop_
_chem_comp_bond.comp_id 
_chem_comp_bond.atom_id_1 
_chem_comp_bond.atom_id_2 
_chem_comp_bond.value_order 
_chem_comp_bond.pdbx_aromatic_flag 
_chem_comp_bond.pdbx_stereo_config 
_chem_comp_bond.pdbx_ordinal 
ACT C   O    doub N N 1   
ACT C   OXT  sing N N 2   
ACT C   CH3  sing N N 3   
ACT CH3 H1   sing N N 4   
ACT CH3 H2   sing N N 5   
ACT CH3 H3   sing N N 6   
ALA N   CA   sing N N 7   
ALA N   H    sing N N 8   
ALA N   H2   sing N N 9   
ALA CA  C    sing N N 10  
ALA CA  CB   sing N N 11  
ALA CA  HA   sing N N 12  
ALA C   O    doub N N 13  
ALA C   OXT  sing N N 14  
ALA CB  HB1  sing N N 15  
ALA CB  HB2  sing N N 16  
ALA CB  HB3  sing N N 17  
ALA OXT HXT  sing N N 18  
ARG N   CA   sing N N 19  
ARG N   H    sing N N 20  
ARG N   H2   sing N N 21  
ARG CA  C    sing N N 22  
ARG CA  CB   sing N N 23  
ARG CA  HA   sing N N 24  
ARG C   O    doub N N 25  
ARG C   OXT  sing N N 26  
ARG CB  CG   sing N N 27  
ARG CB  HB2  sing N N 28  
ARG CB  HB3  sing N N 29  
ARG CG  CD   sing N N 30  
ARG CG  HG2  sing N N 31  
ARG CG  HG3  sing N N 32  
ARG CD  NE   sing N N 33  
ARG CD  HD2  sing N N 34  
ARG CD  HD3  sing N N 35  
ARG NE  CZ   sing N N 36  
ARG NE  HE   sing N N 37  
ARG CZ  NH1  sing N N 38  
ARG CZ  NH2  doub N N 39  
ARG NH1 HH11 sing N N 40  
ARG NH1 HH12 sing N N 41  
ARG NH2 HH21 sing N N 42  
ARG NH2 HH22 sing N N 43  
ARG OXT HXT  sing N N 44  
ASN N   CA   sing N N 45  
ASN N   H    sing N N 46  
ASN N   H2   sing N N 47  
ASN CA  C    sing N N 48  
ASN CA  CB   sing N N 49  
ASN CA  HA   sing N N 50  
ASN C   O    doub N N 51  
ASN C   OXT  sing N N 52  
ASN CB  CG   sing N N 53  
ASN CB  HB2  sing N N 54  
ASN CB  HB3  sing N N 55  
ASN CG  OD1  doub N N 56  
ASN CG  ND2  sing N N 57  
ASN ND2 HD21 sing N N 58  
ASN ND2 HD22 sing N N 59  
ASN OXT HXT  sing N N 60  
ASP N   CA   sing N N 61  
ASP N   H    sing N N 62  
ASP N   H2   sing N N 63  
ASP CA  C    sing N N 64  
ASP CA  CB   sing N N 65  
ASP CA  HA   sing N N 66  
ASP C   O    doub N N 67  
ASP C   OXT  sing N N 68  
ASP CB  CG   sing N N 69  
ASP CB  HB2  sing N N 70  
ASP CB  HB3  sing N N 71  
ASP CG  OD1  doub N N 72  
ASP CG  OD2  sing N N 73  
ASP OD2 HD2  sing N N 74  
ASP OXT HXT  sing N N 75  
CYS N   CA   sing N N 76  
CYS N   H    sing N N 77  
CYS N   H2   sing N N 78  
CYS CA  C    sing N N 79  
CYS CA  CB   sing N N 80  
CYS CA  HA   sing N N 81  
CYS C   O    doub N N 82  
CYS C   OXT  sing N N 83  
CYS CB  SG   sing N N 84  
CYS CB  HB2  sing N N 85  
CYS CB  HB3  sing N N 86  
CYS SG  HG   sing N N 87  
CYS OXT HXT  sing N N 88  
DMS S   O    doub N N 89  
DMS S   C1   sing N N 90  
DMS S   C2   sing N N 91  
DMS C1  H11  sing N N 92  
DMS C1  H12  sing N N 93  
DMS C1  H13  sing N N 94  
DMS C2  H21  sing N N 95  
DMS C2  H22  sing N N 96  
DMS C2  H23  sing N N 97  
EDO C1  O1   sing N N 98  
EDO C1  C2   sing N N 99  
EDO C1  H11  sing N N 100 
EDO C1  H12  sing N N 101 
EDO O1  HO1  sing N N 102 
EDO C2  O2   sing N N 103 
EDO C2  H21  sing N N 104 
EDO C2  H22  sing N N 105 
EDO O2  HO2  sing N N 106 
GLN N   CA   sing N N 107 
GLN N   H    sing N N 108 
GLN N   H2   sing N N 109 
GLN CA  C    sing N N 110 
GLN CA  CB   sing N N 111 
GLN CA  HA   sing N N 112 
GLN C   O    doub N N 113 
GLN C   OXT  sing N N 114 
GLN CB  CG   sing N N 115 
GLN CB  HB2  sing N N 116 
GLN CB  HB3  sing N N 117 
GLN CG  CD   sing N N 118 
GLN CG  HG2  sing N N 119 
GLN CG  HG3  sing N N 120 
GLN CD  OE1  doub N N 121 
GLN CD  NE2  sing N N 122 
GLN NE2 HE21 sing N N 123 
GLN NE2 HE22 sing N N 124 
GLN OXT HXT  sing N N 125 
GLU N   CA   sing N N 126 
GLU N   H    sing N N 127 
GLU N   H2   sing N N 128 
GLU CA  C    sing N N 129 
GLU CA  CB   sing N N 130 
GLU CA  HA   sing N N 131 
GLU C   O    doub N N 132 
GLU C   OXT  sing N N 133 
GLU CB  CG   sing N N 134 
GLU CB  HB2  sing N N 135 
GLU CB  HB3  sing N N 136 
GLU CG  CD   sing N N 137 
GLU CG  HG2  sing N N 138 
GLU CG  HG3  sing N N 139 
GLU CD  OE1  doub N N 140 
GLU CD  OE2  sing N N 141 
GLU OE2 HE2  sing N N 142 
GLU OXT HXT  sing N N 143 
GLY N   CA   sing N N 144 
GLY N   H    sing N N 145 
GLY N   H2   sing N N 146 
GLY CA  C    sing N N 147 
GLY CA  HA2  sing N N 148 
GLY CA  HA3  sing N N 149 
GLY C   O    doub N N 150 
GLY C   OXT  sing N N 151 
GLY OXT HXT  sing N N 152 
HIS N   CA   sing N N 153 
HIS N   H    sing N N 154 
HIS N   H2   sing N N 155 
HIS CA  C    sing N N 156 
HIS CA  CB   sing N N 157 
HIS CA  HA   sing N N 158 
HIS C   O    doub N N 159 
HIS C   OXT  sing N N 160 
HIS CB  CG   sing N N 161 
HIS CB  HB2  sing N N 162 
HIS CB  HB3  sing N N 163 
HIS CG  ND1  sing Y N 164 
HIS CG  CD2  doub Y N 165 
HIS ND1 CE1  doub Y N 166 
HIS ND1 HD1  sing N N 167 
HIS CD2 NE2  sing Y N 168 
HIS CD2 HD2  sing N N 169 
HIS CE1 NE2  sing Y N 170 
HIS CE1 HE1  sing N N 171 
HIS NE2 HE2  sing N N 172 
HIS OXT HXT  sing N N 173 
HOH O   H1   sing N N 174 
HOH O   H2   sing N N 175 
ILE N   CA   sing N N 176 
ILE N   H    sing N N 177 
ILE N   H2   sing N N 178 
ILE CA  C    sing N N 179 
ILE CA  CB   sing N N 180 
ILE CA  HA   sing N N 181 
ILE C   O    doub N N 182 
ILE C   OXT  sing N N 183 
ILE CB  CG1  sing N N 184 
ILE CB  CG2  sing N N 185 
ILE CB  HB   sing N N 186 
ILE CG1 CD1  sing N N 187 
ILE CG1 HG12 sing N N 188 
ILE CG1 HG13 sing N N 189 
ILE CG2 HG21 sing N N 190 
ILE CG2 HG22 sing N N 191 
ILE CG2 HG23 sing N N 192 
ILE CD1 HD11 sing N N 193 
ILE CD1 HD12 sing N N 194 
ILE CD1 HD13 sing N N 195 
ILE OXT HXT  sing N N 196 
LD4 C   C1   doub Y N 197 
LD4 C   C3   sing Y N 198 
LD4 C1  N    sing Y N 199 
LD4 C3  N1   doub Y N 200 
LD4 N   C2   doub Y N 201 
LD4 N1  C2   sing Y N 202 
LD4 C2  N2   sing N N 203 
LD4 N2  C4   sing N N 204 
LD4 C10 C9   sing N N 205 
LD4 C10 C4   sing N N 206 
LD4 C9  C8   sing N N 207 
LD4 C4  C5   sing N N 208 
LD4 C8  C7   sing N N 209 
LD4 C5  C6   sing N N 210 
LD4 C7  C6   sing N N 211 
LD4 C4  H1   sing N N 212 
LD4 C5  H2   sing N N 213 
LD4 C5  H3   sing N N 214 
LD4 C6  H4   sing N N 215 
LD4 C6  H5   sing N N 216 
LD4 C7  H6   sing N N 217 
LD4 C7  H7   sing N N 218 
LD4 C8  H8   sing N N 219 
LD4 C8  H9   sing N N 220 
LD4 C10 H10  sing N N 221 
LD4 C10 H11  sing N N 222 
LD4 C   H12  sing N N 223 
LD4 C1  H13  sing N N 224 
LD4 C3  H14  sing N N 225 
LD4 C9  H15  sing N N 226 
LD4 C9  H16  sing N N 227 
LD4 N2  H17  sing N N 228 
LEU N   CA   sing N N 229 
LEU N   H    sing N N 230 
LEU N   H2   sing N N 231 
LEU CA  C    sing N N 232 
LEU CA  CB   sing N N 233 
LEU CA  HA   sing N N 234 
LEU C   O    doub N N 235 
LEU C   OXT  sing N N 236 
LEU CB  CG   sing N N 237 
LEU CB  HB2  sing N N 238 
LEU CB  HB3  sing N N 239 
LEU CG  CD1  sing N N 240 
LEU CG  CD2  sing N N 241 
LEU CG  HG   sing N N 242 
LEU CD1 HD11 sing N N 243 
LEU CD1 HD12 sing N N 244 
LEU CD1 HD13 sing N N 245 
LEU CD2 HD21 sing N N 246 
LEU CD2 HD22 sing N N 247 
LEU CD2 HD23 sing N N 248 
LEU OXT HXT  sing N N 249 
LYS N   CA   sing N N 250 
LYS N   H    sing N N 251 
LYS N   H2   sing N N 252 
LYS CA  C    sing N N 253 
LYS CA  CB   sing N N 254 
LYS CA  HA   sing N N 255 
LYS C   O    doub N N 256 
LYS C   OXT  sing N N 257 
LYS CB  CG   sing N N 258 
LYS CB  HB2  sing N N 259 
LYS CB  HB3  sing N N 260 
LYS CG  CD   sing N N 261 
LYS CG  HG2  sing N N 262 
LYS CG  HG3  sing N N 263 
LYS CD  CE   sing N N 264 
LYS CD  HD2  sing N N 265 
LYS CD  HD3  sing N N 266 
LYS CE  NZ   sing N N 267 
LYS CE  HE2  sing N N 268 
LYS CE  HE3  sing N N 269 
LYS NZ  HZ1  sing N N 270 
LYS NZ  HZ2  sing N N 271 
LYS NZ  HZ3  sing N N 272 
LYS OXT HXT  sing N N 273 
MET N   CA   sing N N 274 
MET N   H    sing N N 275 
MET N   H2   sing N N 276 
MET CA  C    sing N N 277 
MET CA  CB   sing N N 278 
MET CA  HA   sing N N 279 
MET C   O    doub N N 280 
MET C   OXT  sing N N 281 
MET CB  CG   sing N N 282 
MET CB  HB2  sing N N 283 
MET CB  HB3  sing N N 284 
MET CG  SD   sing N N 285 
MET CG  HG2  sing N N 286 
MET CG  HG3  sing N N 287 
MET SD  CE   sing N N 288 
MET CE  HE1  sing N N 289 
MET CE  HE2  sing N N 290 
MET CE  HE3  sing N N 291 
MET OXT HXT  sing N N 292 
PHE N   CA   sing N N 293 
PHE N   H    sing N N 294 
PHE N   H2   sing N N 295 
PHE CA  C    sing N N 296 
PHE CA  CB   sing N N 297 
PHE CA  HA   sing N N 298 
PHE C   O    doub N N 299 
PHE C   OXT  sing N N 300 
PHE CB  CG   sing N N 301 
PHE CB  HB2  sing N N 302 
PHE CB  HB3  sing N N 303 
PHE CG  CD1  doub Y N 304 
PHE CG  CD2  sing Y N 305 
PHE CD1 CE1  sing Y N 306 
PHE CD1 HD1  sing N N 307 
PHE CD2 CE2  doub Y N 308 
PHE CD2 HD2  sing N N 309 
PHE CE1 CZ   doub Y N 310 
PHE CE1 HE1  sing N N 311 
PHE CE2 CZ   sing Y N 312 
PHE CE2 HE2  sing N N 313 
PHE CZ  HZ   sing N N 314 
PHE OXT HXT  sing N N 315 
PRO N   CA   sing N N 316 
PRO N   CD   sing N N 317 
PRO N   H    sing N N 318 
PRO CA  C    sing N N 319 
PRO CA  CB   sing N N 320 
PRO CA  HA   sing N N 321 
PRO C   O    doub N N 322 
PRO C   OXT  sing N N 323 
PRO CB  CG   sing N N 324 
PRO CB  HB2  sing N N 325 
PRO CB  HB3  sing N N 326 
PRO CG  CD   sing N N 327 
PRO CG  HG2  sing N N 328 
PRO CG  HG3  sing N N 329 
PRO CD  HD2  sing N N 330 
PRO CD  HD3  sing N N 331 
PRO OXT HXT  sing N N 332 
SER N   CA   sing N N 333 
SER N   H    sing N N 334 
SER N   H2   sing N N 335 
SER CA  C    sing N N 336 
SER CA  CB   sing N N 337 
SER CA  HA   sing N N 338 
SER C   O    doub N N 339 
SER C   OXT  sing N N 340 
SER CB  OG   sing N N 341 
SER CB  HB2  sing N N 342 
SER CB  HB3  sing N N 343 
SER OG  HG   sing N N 344 
SER OXT HXT  sing N N 345 
THR N   CA   sing N N 346 
THR N   H    sing N N 347 
THR N   H2   sing N N 348 
THR CA  C    sing N N 349 
THR CA  CB   sing N N 350 
THR CA  HA   sing N N 351 
THR C   O    doub N N 352 
THR C   OXT  sing N N 353 
THR CB  OG1  sing N N 354 
THR CB  CG2  sing N N 355 
THR CB  HB   sing N N 356 
THR OG1 HG1  sing N N 357 
THR CG2 HG21 sing N N 358 
THR CG2 HG22 sing N N 359 
THR CG2 HG23 sing N N 360 
THR OXT HXT  sing N N 361 
TRP N   CA   sing N N 362 
TRP N   H    sing N N 363 
TRP N   H2   sing N N 364 
TRP CA  C    sing N N 365 
TRP CA  CB   sing N N 366 
TRP CA  HA   sing N N 367 
TRP C   O    doub N N 368 
TRP C   OXT  sing N N 369 
TRP CB  CG   sing N N 370 
TRP CB  HB2  sing N N 371 
TRP CB  HB3  sing N N 372 
TRP CG  CD1  doub Y N 373 
TRP CG  CD2  sing Y N 374 
TRP CD1 NE1  sing Y N 375 
TRP CD1 HD1  sing N N 376 
TRP CD2 CE2  doub Y N 377 
TRP CD2 CE3  sing Y N 378 
TRP NE1 CE2  sing Y N 379 
TRP NE1 HE1  sing N N 380 
TRP CE2 CZ2  sing Y N 381 
TRP CE3 CZ3  doub Y N 382 
TRP CE3 HE3  sing N N 383 
TRP CZ2 CH2  doub Y N 384 
TRP CZ2 HZ2  sing N N 385 
TRP CZ3 CH2  sing Y N 386 
TRP CZ3 HZ3  sing N N 387 
TRP CH2 HH2  sing N N 388 
TRP OXT HXT  sing N N 389 
TYR N   CA   sing N N 390 
TYR N   H    sing N N 391 
TYR N   H2   sing N N 392 
TYR CA  C    sing N N 393 
TYR CA  CB   sing N N 394 
TYR CA  HA   sing N N 395 
TYR C   O    doub N N 396 
TYR C   OXT  sing N N 397 
TYR CB  CG   sing N N 398 
TYR CB  HB2  sing N N 399 
TYR CB  HB3  sing N N 400 
TYR CG  CD1  doub Y N 401 
TYR CG  CD2  sing Y N 402 
TYR CD1 CE1  sing Y N 403 
TYR CD1 HD1  sing N N 404 
TYR CD2 CE2  doub Y N 405 
TYR CD2 HD2  sing N N 406 
TYR CE1 CZ   doub Y N 407 
TYR CE1 HE1  sing N N 408 
TYR CE2 CZ   sing Y N 409 
TYR CE2 HE2  sing N N 410 
TYR CZ  OH   sing N N 411 
TYR OH  HH   sing N N 412 
TYR OXT HXT  sing N N 413 
VAL N   CA   sing N N 414 
VAL N   H    sing N N 415 
VAL N   H2   sing N N 416 
VAL CA  C    sing N N 417 
VAL CA  CB   sing N N 418 
VAL CA  HA   sing N N 419 
VAL C   O    doub N N 420 
VAL C   OXT  sing N N 421 
VAL CB  CG1  sing N N 422 
VAL CB  CG2  sing N N 423 
VAL CB  HB   sing N N 424 
VAL CG1 HG11 sing N N 425 
VAL CG1 HG12 sing N N 426 
VAL CG1 HG13 sing N N 427 
VAL CG2 HG21 sing N N 428 
VAL CG2 HG22 sing N N 429 
VAL CG2 HG23 sing N N 430 
VAL OXT HXT  sing N N 431 
# 
_pdbx_deposit_group.group_id            G_1002061 
_pdbx_deposit_group.group_description   
;XDomainX of XOrganismX DCP2 (NUDT20) screened against the XXX Fragment Library by X-ray Crystallography at the XChem facility of Diamond Light Source beamline I04-1
;
_pdbx_deposit_group.group_title         'PanDDA analysis group deposition' 
_pdbx_deposit_group.group_type          'changed state' 
# 
_pdbx_related_exp_data_set.ordinal              1 
_pdbx_related_exp_data_set.data_reference       10.5281/zenodo.1437589 
_pdbx_related_exp_data_set.metadata_reference   10.5281/zenodo.1437589 
_pdbx_related_exp_data_set.data_set_type        'other data' 
_pdbx_related_exp_data_set.details              'Complete PanDDA analysis' 
# 
_atom_sites.entry_id                    5QOI 
_atom_sites.fract_transf_matrix[1][1]   -0.00214909 
_atom_sites.fract_transf_matrix[1][2]   -0.00425455 
_atom_sites.fract_transf_matrix[1][3]   0.02014785 
_atom_sites.fract_transf_matrix[2][1]   0.01189211 
_atom_sites.fract_transf_matrix[2][2]   0.01068187 
_atom_sites.fract_transf_matrix[2][3]   0.00352413 
_atom_sites.fract_transf_matrix[3][1]   -0.01031214 
_atom_sites.fract_transf_matrix[3][2]   0.01107202 
_atom_sites.fract_transf_matrix[3][3]   0.00123809 
_atom_sites.fract_transf_vector[1]      -0.886426 
_atom_sites.fract_transf_vector[2]      0.225276 
_atom_sites.fract_transf_vector[3]      1.166017 
# 
loop_
_atom_type.symbol 
C 
N 
O 
S 
# 
loop_
_atom_site.group_PDB 
_atom_site.id 
_atom_site.type_symbol 
_atom_site.label_atom_id 
_atom_site.label_alt_id 
_atom_site.label_comp_id 
_atom_site.label_asym_id 
_atom_site.label_entity_id 
_atom_site.label_seq_id 
_atom_site.pdbx_PDB_ins_code 
_atom_site.Cartn_x 
_atom_site.Cartn_y 
_atom_site.Cartn_z 
_atom_site.occupancy 
_atom_site.B_iso_or_equiv 
_atom_site.pdbx_formal_charge 
_atom_site.auth_seq_id 
_atom_site.auth_comp_id 
_atom_site.auth_asym_id 
_atom_site.auth_atom_id 
_atom_site.pdbx_PDB_model_num 
ATOM   1    N N   . GLY A 1 3   ? -2.215  -2.382  19.519  1.00 66.54 ? 96  GLY A N   1 
ATOM   2    C CA  . GLY A 1 3   ? -2.350  -1.454  18.341  1.00 70.86 ? 96  GLY A CA  1 
ATOM   3    C C   . GLY A 1 3   ? -3.753  -1.422  17.722  1.00 68.44 ? 96  GLY A C   1 
ATOM   4    O O   . GLY A 1 3   ? -4.452  -2.442  17.650  1.00 68.80 ? 96  GLY A O   1 
ATOM   5    N N   . VAL A 1 4   ? -4.178  -0.244  17.274  1.00 71.61 ? 97  VAL A N   1 
ATOM   6    C CA  . VAL A 1 4   ? -5.458  -0.116  16.549  1.00 63.87 ? 97  VAL A CA  1 
ATOM   7    C C   . VAL A 1 4   ? -5.223  -0.713  15.150  1.00 49.21 ? 97  VAL A C   1 
ATOM   8    O O   . VAL A 1 4   ? -4.231  -0.342  14.545  1.00 44.56 ? 97  VAL A O   1 
ATOM   9    C CB  . VAL A 1 4   ? -5.850  1.366   16.370  1.00 71.14 ? 97  VAL A CB  1 
ATOM   10   C CG1 . VAL A 1 4   ? -7.177  1.481   15.624  1.00 70.67 ? 97  VAL A CG1 1 
ATOM   11   C CG2 . VAL A 1 4   ? -5.893  2.091   17.717  1.00 74.28 ? 97  VAL A CG2 1 
ATOM   12   N N   . PRO A 1 5   ? -6.080  -1.653  14.670  1.00 45.61 ? 98  PRO A N   1 
ATOM   13   C CA  . PRO A 1 5   ? -5.880  -2.150  13.295  1.00 45.15 ? 98  PRO A CA  1 
ATOM   14   C C   . PRO A 1 5   ? -5.881  -1.034  12.245  1.00 40.71 ? 98  PRO A C   1 
ATOM   15   O O   . PRO A 1 5   ? -6.442  0.037   12.497  1.00 35.08 ? 98  PRO A O   1 
ATOM   16   C CB  . PRO A 1 5   ? -7.036  -3.141  13.085  1.00 49.47 ? 98  PRO A CB  1 
ATOM   17   C CG  . PRO A 1 5   ? -7.485  -3.527  14.450  1.00 47.35 ? 98  PRO A CG  1 
ATOM   18   C CD  . PRO A 1 5   ? -7.178  -2.365  15.346  1.00 44.21 ? 98  PRO A CD  1 
ATOM   19   N N   . THR A 1 6   ? -5.192  -1.261  11.118  1.00 37.56 ? 99  THR A N   1 
ATOM   20   C CA  . THR A 1 6   ? -5.242  -0.340  9.958   1.00 36.78 ? 99  THR A CA  1 
ATOM   21   C C   . THR A 1 6   ? -5.798  -1.062  8.707   1.00 31.86 ? 99  THR A C   1 
ATOM   22   O O   . THR A 1 6   ? -5.694  -2.307  8.559   1.00 30.64 ? 99  THR A O   1 
ATOM   23   C CB  . THR A 1 6   ? -3.861  0.281   9.640   1.00 35.77 ? 99  THR A CB  1 
ATOM   24   O OG1 . THR A 1 6   ? -2.925  -0.775  9.370   1.00 33.82 ? 99  THR A OG1 1 
ATOM   25   C CG2 . THR A 1 6   ? -3.365  1.108   10.828  1.00 39.73 ? 99  THR A CG2 1 
ATOM   26   N N   . TYR A 1 7   ? -6.398  -0.253  7.825   1.00 29.96 ? 100 TYR A N   1 
ATOM   27   C CA  . TYR A 1 7   ? -7.087  -0.743  6.630   1.00 28.20 ? 100 TYR A CA  1 
ATOM   28   C C   . TYR A 1 7   ? -6.757  0.219   5.500   1.00 22.64 ? 100 TYR A C   1 
ATOM   29   O O   . TYR A 1 7   ? -6.608  1.419   5.729   1.00 24.64 ? 100 TYR A O   1 
ATOM   30   C CB  . TYR A 1 7   ? -8.634  -0.798  6.828   1.00 32.14 ? 100 TYR A CB  1 
ATOM   31   C CG  . TYR A 1 7   ? -9.044  -1.762  7.911   1.00 29.74 ? 100 TYR A CG  1 
ATOM   32   C CD1 . TYR A 1 7   ? -9.058  -3.109  7.675   1.00 32.38 ? 100 TYR A CD1 1 
ATOM   33   C CD2 . TYR A 1 7   ? -9.327  -1.310  9.174   1.00 35.44 ? 100 TYR A CD2 1 
ATOM   34   C CE1 . TYR A 1 7   ? -9.366  -4.015  8.686   1.00 36.72 ? 100 TYR A CE1 1 
ATOM   35   C CE2 . TYR A 1 7   ? -9.673  -2.179  10.196  1.00 36.96 ? 100 TYR A CE2 1 
ATOM   36   C CZ  . TYR A 1 7   ? -9.701  -3.517  9.946   1.00 39.03 ? 100 TYR A CZ  1 
ATOM   37   O OH  . TYR A 1 7   ? -10.014 -4.362  10.965  1.00 39.72 ? 100 TYR A OH  1 
ATOM   38   N N   . GLY A 1 8   ? -6.713  -0.299  4.290   1.00 23.08 ? 101 GLY A N   1 
ATOM   39   C CA  . GLY A 1 8   ? -6.419  0.541   3.089   1.00 22.48 ? 101 GLY A CA  1 
ATOM   40   C C   . GLY A 1 8   ? -6.559  -0.325  1.842   1.00 22.18 ? 101 GLY A C   1 
ATOM   41   O O   . GLY A 1 8   ? -7.338  -1.328  1.843   1.00 23.51 ? 101 GLY A O   1 
ATOM   42   N N   . ALA A 1 9   ? -5.821  0.052   0.787   1.00 21.78 ? 102 ALA A N   1 
ATOM   43   C CA  . ALA A 1 9   ? -5.876  -0.643  -0.510  1.00 21.92 ? 102 ALA A CA  1 
ATOM   44   C C   . ALA A 1 9   ? -4.536  -0.688  -1.252  1.00 21.57 ? 102 ALA A C   1 
ATOM   45   O O   . ALA A 1 9   ? -3.688  0.235   -1.152  1.00 19.15 ? 102 ALA A O   1 
ATOM   46   C CB  . ALA A 1 9   ? -6.867  -0.008  -1.456  1.00 25.81 ? 102 ALA A CB  1 
ATOM   47   N N   . ILE A 1 10  ? -4.429  -1.796  -2.006  1.00 21.66 ? 103 ILE A N   1 
ATOM   48   C CA  . ILE A 1 10  ? -3.477  -2.029  -3.063  1.00 22.33 ? 103 ILE A CA  1 
ATOM   49   C C   . ILE A 1 10  ? -4.267  -1.880  -4.359  1.00 22.42 ? 103 ILE A C   1 
ATOM   50   O O   . ILE A 1 10  ? -5.048  -2.772  -4.752  1.00 25.25 ? 103 ILE A O   1 
ATOM   51   C CB  . ILE A 1 10  ? -2.877  -3.465  -3.005  1.00 23.51 ? 103 ILE A CB  1 
ATOM   52   C CG1 . ILE A 1 10  ? -2.063  -3.658  -1.720  1.00 25.40 ? 103 ILE A CG1 1 
ATOM   53   C CG2 . ILE A 1 10  ? -2.021  -3.734  -4.243  1.00 24.03 ? 103 ILE A CG2 1 
ATOM   54   C CD1 . ILE A 1 10  ? -1.699  -5.156  -1.438  1.00 25.13 ? 103 ILE A CD1 1 
ATOM   55   N N   . ILE A 1 11  ? -3.993  -0.781  -5.065  1.00 23.27 ? 104 ILE A N   1 
ATOM   56   C CA  . ILE A 1 11  ? -4.643  -0.398  -6.283  1.00 22.91 ? 104 ILE A CA  1 
ATOM   57   C C   . ILE A 1 11  ? -3.700  -0.747  -7.435  1.00 23.30 ? 104 ILE A C   1 
ATOM   58   O O   . ILE A 1 11  ? -2.558  -0.348  -7.422  1.00 22.56 ? 104 ILE A O   1 
ATOM   59   C CB  . ILE A 1 11  ? -4.987  1.091   -6.266  1.00 23.24 ? 104 ILE A CB  1 
ATOM   60   C CG1 . ILE A 1 11  ? -6.072  1.382   -5.214  1.00 22.82 ? 104 ILE A CG1 1 
ATOM   61   C CG2 . ILE A 1 11  ? -5.458  1.596   -7.630  1.00 25.51 ? 104 ILE A CG2 1 
ATOM   62   C CD1 . ILE A 1 11  ? -6.278  2.870   -5.050  1.00 26.04 ? 104 ILE A CD1 1 
ATOM   63   N N   . LEU A 1 12  ? -4.193  -1.507  -8.420  1.00 23.44 ? 105 LEU A N   1 
ATOM   64   C CA  . LEU A 1 12  ? -3.454  -1.869  -9.618  1.00 23.36 ? 105 LEU A CA  1 
ATOM   65   C C   . LEU A 1 12  ? -4.148  -1.344  -10.868 1.00 25.61 ? 105 LEU A C   1 
ATOM   66   O O   . LEU A 1 12  ? -5.356  -1.076  -10.887 1.00 23.45 ? 105 LEU A O   1 
ATOM   67   C CB  . LEU A 1 12  ? -3.336  -3.391  -9.739  1.00 26.72 ? 105 LEU A CB  1 
ATOM   68   C CG  . LEU A 1 12  ? -2.660  -4.135  -8.585  1.00 32.35 ? 105 LEU A CG  1 
ATOM   69   C CD1 . LEU A 1 12  ? -3.696  -4.877  -7.752  1.00 39.05 ? 105 LEU A CD1 1 
ATOM   70   C CD2 . LEU A 1 12  ? -1.687  -5.182  -9.076  1.00 41.03 ? 105 LEU A CD2 1 
ATOM   71   N N   . ASP A 1 13  ? -3.358  -1.214  -11.932 1.00 26.17 ? 106 ASP A N   1 
ATOM   72   C CA  . ASP A 1 13  ? -3.858  -0.709  -13.183 1.00 27.71 ? 106 ASP A CA  1 
ATOM   73   C C   . ASP A 1 13  ? -4.472  -1.833  -13.978 1.00 26.66 ? 106 ASP A C   1 
ATOM   74   O O   . ASP A 1 13  ? -4.659  -2.961  -13.489 1.00 23.34 ? 106 ASP A O   1 
ATOM   75   C CB  . ASP A 1 13  ? -2.718  -0.001  -13.928 1.00 31.01 ? 106 ASP A CB  1 
ATOM   76   C CG  . ASP A 1 13  ? -1.604  -0.953  -14.431 1.00 30.43 ? 106 ASP A CG  1 
ATOM   77   O OD1 . ASP A 1 13  ? -1.316  -2.077  -13.920 1.00 33.22 ? 106 ASP A OD1 1 
ATOM   78   O OD2 . ASP A 1 13  ? -0.890  -0.466  -15.280 1.00 35.00 ? 106 ASP A OD2 1 
ATOM   79   N N   . GLU A 1 14  ? -4.765  -1.552  -15.229 1.00 26.45 ? 107 GLU A N   1 
ATOM   80   C CA  . GLU A 1 14  ? -5.432  -2.549  -16.081 1.00 31.55 ? 107 GLU A CA  1 
ATOM   81   C C   . GLU A 1 14  ? -4.515  -3.663  -16.542 1.00 30.86 ? 107 GLU A C   1 
ATOM   82   O O   . GLU A 1 14  ? -4.999  -4.744  -16.860 1.00 30.33 ? 107 GLU A O   1 
ATOM   83   C CB  . GLU A 1 14  ? -6.158  -1.893  -17.284 1.00 37.20 ? 107 GLU A CB  1 
ATOM   84   C CG  . GLU A 1 14  ? -5.294  -1.063  -18.229 1.00 42.76 ? 107 GLU A CG  1 
ATOM   85   C CD  . GLU A 1 14  ? -5.115  0.402   -17.789 1.00 53.04 ? 107 GLU A CD  1 
ATOM   86   O OE1 . GLU A 1 14  ? -4.554  0.675   -16.693 1.00 56.12 ? 107 GLU A OE1 1 
ATOM   87   O OE2 . GLU A 1 14  ? -5.482  1.322   -18.543 1.00 60.04 ? 107 GLU A OE2 1 
ATOM   88   N N   . THR A 1 15  ? -3.195  -3.433  -16.572 1.00 28.54 ? 108 THR A N   1 
ATOM   89   C CA  . THR A 1 15  ? -2.271  -4.431  -17.070 1.00 27.86 ? 108 THR A CA  1 
ATOM   90   C C   . THR A 1 15  ? -1.860  -5.364  -15.981 1.00 27.62 ? 108 THR A C   1 
ATOM   91   O O   . THR A 1 15  ? -1.250  -6.445  -16.237 1.00 25.21 ? 108 THR A O   1 
ATOM   92   C CB  . THR A 1 15  ? -0.965  -3.807  -17.609 1.00 34.08 ? 108 THR A CB  1 
ATOM   93   O OG1 . THR A 1 15  ? -0.190  -3.258  -16.532 1.00 30.51 ? 108 THR A OG1 1 
ATOM   94   C CG2 . THR A 1 15  ? -1.260  -2.726  -18.631 1.00 35.60 ? 108 THR A CG2 1 
ATOM   95   N N   . LEU A 1 16  ? -2.114  -4.933  -14.744 1.00 24.65 ? 109 LEU A N   1 
ATOM   96   C CA  . LEU A 1 16  ? -1.660  -5.677  -13.580 1.00 28.20 ? 109 LEU A CA  1 
ATOM   97   C C   . LEU A 1 16  ? -0.133  -5.597  -13.278 1.00 29.39 ? 109 LEU A C   1 
ATOM   98   O O   . LEU A 1 16  ? 0.349   -6.341  -12.409 1.00 34.12 ? 109 LEU A O   1 
ATOM   99   C CB  . LEU A 1 16  ? -2.171  -7.145  -13.554 1.00 29.88 ? 109 LEU A CB  1 
ATOM   100  C CG  . LEU A 1 16  ? -3.610  -7.530  -13.884 1.00 28.93 ? 109 LEU A CG  1 
ATOM   101  C CD1 . LEU A 1 16  ? -3.797  -9.043  -13.968 1.00 32.04 ? 109 LEU A CD1 1 
ATOM   102  C CD2 . LEU A 1 16  ? -4.464  -6.936  -12.781 1.00 30.08 ? 109 LEU A CD2 1 
ATOM   103  N N   A GLU A 1 17  ? 0.564   -4.697  -13.987 0.25 30.23 ? 110 GLU A N   1 
ATOM   104  N N   B GLU A 1 17  ? 0.600   -4.705  -13.929 0.25 30.47 ? 110 GLU A N   1 
ATOM   105  C CA  A GLU A 1 17  ? 2.007   -4.466  -13.874 0.25 31.68 ? 110 GLU A CA  1 
ATOM   106  C CA  B GLU A 1 17  ? 2.037   -4.594  -13.702 0.25 32.19 ? 110 GLU A CA  1 
ATOM   107  C C   A GLU A 1 17  ? 2.344   -3.450  -12.769 0.25 31.06 ? 110 GLU A C   1 
ATOM   108  C C   B GLU A 1 17  ? 2.429   -3.322  -12.919 0.25 31.08 ? 110 GLU A C   1 
ATOM   109  O O   A GLU A 1 17  ? 3.395   -3.565  -12.119 0.25 30.63 ? 110 GLU A O   1 
ATOM   110  O O   B GLU A 1 17  ? 3.624   -3.112  -12.648 0.25 29.16 ? 110 GLU A O   1 
ATOM   111  C CB  A GLU A 1 17  ? 2.573   -3.865  -15.180 0.25 32.85 ? 110 GLU A CB  1 
ATOM   112  C CB  B GLU A 1 17  ? 2.757   -4.652  -15.046 0.25 34.35 ? 110 GLU A CB  1 
ATOM   113  C CG  A GLU A 1 17  ? 2.733   -4.780  -16.386 0.25 35.28 ? 110 GLU A CG  1 
ATOM   114  C CG  B GLU A 1 17  ? 2.168   -5.691  -15.987 0.25 38.19 ? 110 GLU A CG  1 
ATOM   115  C CD  A GLU A 1 17  ? 3.045   -4.008  -17.672 0.25 37.63 ? 110 GLU A CD  1 
ATOM   116  C CD  B GLU A 1 17  ? 3.122   -6.812  -16.327 0.25 39.50 ? 110 GLU A CD  1 
ATOM   117  O OE1 A GLU A 1 17  ? 2.151   -3.293  -18.180 0.25 36.47 ? 110 GLU A OE1 1 
ATOM   118  O OE1 B GLU A 1 17  ? 4.168   -6.527  -16.936 0.25 44.80 ? 110 GLU A OE1 1 
ATOM   119  O OE2 A GLU A 1 17  ? 4.171   -4.124  -18.196 0.25 37.30 ? 110 GLU A OE2 1 
ATOM   120  O OE2 B GLU A 1 17  ? 2.806   -7.975  -16.026 0.25 44.08 ? 110 GLU A OE2 1 
ATOM   121  N N   . ASN A 1 18  ? 1.448   -2.471  -12.580 1.00 30.37 ? 111 ASN A N   1 
ATOM   122  C CA  . ASN A 1 18  ? 1.697   -1.266  -11.801 1.00 27.07 ? 111 ASN A CA  1 
ATOM   123  C C   . ASN A 1 18  ? 0.790   -1.176  -10.544 1.00 26.62 ? 111 ASN A C   1 
ATOM   124  O O   . ASN A 1 18  ? -0.372  -1.602  -10.554 1.00 25.52 ? 111 ASN A O   1 
ATOM   125  C CB  . ASN A 1 18  ? 1.618   -0.043  -12.725 1.00 25.50 ? 111 ASN A CB  1 
ATOM   126  C CG  . ASN A 1 18  ? 2.606   -0.120  -13.894 1.00 34.38 ? 111 ASN A CG  1 
ATOM   127  O OD1 . ASN A 1 18  ? 3.807   -0.129  -13.688 1.00 34.68 ? 111 ASN A OD1 1 
ATOM   128  N ND2 . ASN A 1 18  ? 2.082   -0.242  -15.139 1.00 32.80 ? 111 ASN A ND2 1 
ATOM   129  N N   . VAL A 1 19  ? 1.366   -0.649  -9.447  1.00 25.96 ? 112 VAL A N   1 
ATOM   130  C CA  . VAL A 1 19  ? 0.642   -0.403  -8.178  1.00 23.74 ? 112 VAL A CA  1 
ATOM   131  C C   . VAL A 1 19  ? 0.743   1.060   -7.840  1.00 21.37 ? 112 VAL A C   1 
ATOM   132  O O   . VAL A 1 19  ? 1.757   1.720   -8.170  1.00 21.80 ? 112 VAL A O   1 
ATOM   133  C CB  . VAL A 1 19  ? 1.189   -1.183  -6.995  1.00 26.17 ? 112 VAL A CB  1 
ATOM   134  C CG1 . VAL A 1 19  ? 0.847   -2.640  -7.108  1.00 31.04 ? 112 VAL A CG1 1 
ATOM   135  C CG2 . VAL A 1 19  ? 2.698   -1.004  -6.836  1.00 25.26 ? 112 VAL A CG2 1 
ATOM   136  N N   . LEU A 1 20  ? -0.252  1.553   -7.110  1.00 19.05 ? 113 LEU A N   1 
ATOM   137  C CA  . LEU A 1 20  ? -0.294  2.971   -6.662  1.00 21.76 ? 113 LEU A CA  1 
ATOM   138  C C   . LEU A 1 20  ? 0.262   3.144   -5.213  1.00 20.92 ? 113 LEU A C   1 
ATOM   139  O O   . LEU A 1 20  ? -0.244  2.534   -4.252  1.00 22.68 ? 113 LEU A O   1 
ATOM   140  C CB  . LEU A 1 20  ? -1.738  3.513   -6.761  1.00 20.58 ? 113 LEU A CB  1 
ATOM   141  C CG  . LEU A 1 20  ? -1.842  5.036   -6.630  1.00 24.54 ? 113 LEU A CG  1 
ATOM   142  C CD1 . LEU A 1 20  ? -1.440  5.723   -7.944  1.00 21.92 ? 113 LEU A CD1 1 
ATOM   143  C CD2 . LEU A 1 20  ? -3.229  5.463   -6.207  1.00 25.28 ? 113 LEU A CD2 1 
ATOM   144  N N   . LEU A 1 21  ? 1.354   3.896   -5.084  1.00 21.99 ? 114 LEU A N   1 
ATOM   145  C CA  . LEU A 1 21  ? 1.914   4.221   -3.772  1.00 22.80 ? 114 LEU A CA  1 
ATOM   146  C C   . LEU A 1 21  ? 1.781   5.700   -3.470  1.00 23.75 ? 114 LEU A C   1 
ATOM   147  O O   . LEU A 1 21  ? 1.669   6.497   -4.401  1.00 23.39 ? 114 LEU A O   1 
ATOM   148  C CB  . LEU A 1 21  ? 3.368   3.780   -3.614  1.00 22.34 ? 114 LEU A CB  1 
ATOM   149  C CG  . LEU A 1 21  ? 3.752   2.338   -3.970  1.00 25.33 ? 114 LEU A CG  1 
ATOM   150  C CD1 . LEU A 1 21  ? 5.221   2.106   -3.682  1.00 25.95 ? 114 LEU A CD1 1 
ATOM   151  C CD2 . LEU A 1 21  ? 2.947   1.313   -3.224  1.00 25.92 ? 114 LEU A CD2 1 
ATOM   152  N N   . VAL A 1 22  ? 1.796   6.024   -2.156  1.00 21.77 ? 115 VAL A N   1 
ATOM   153  C CA  . VAL A 1 22  ? 1.757   7.381   -1.662  1.00 23.96 ? 115 VAL A CA  1 
ATOM   154  C C   . VAL A 1 22  ? 2.985   7.641   -0.777  1.00 24.16 ? 115 VAL A C   1 
ATOM   155  O O   . VAL A 1 22  ? 3.485   6.723   -0.110  1.00 23.17 ? 115 VAL A O   1 
ATOM   156  C CB  . VAL A 1 22  ? 0.455   7.710   -0.902  1.00 24.24 ? 115 VAL A CB  1 
ATOM   157  C CG1 . VAL A 1 22  ? -0.744  7.598   -1.840  1.00 25.52 ? 115 VAL A CG1 1 
ATOM   158  C CG2 . VAL A 1 22  ? 0.277   6.804   0.290   1.00 26.02 ? 115 VAL A CG2 1 
ATOM   159  N N   . GLN A 1 23  ? 3.466   8.892   -0.795  1.00 23.33 ? 116 GLN A N   1 
ATOM   160  C CA  . GLN A 1 23  ? 4.645   9.342   -0.029  1.00 23.44 ? 116 GLN A CA  1 
ATOM   161  C C   . GLN A 1 23  ? 4.193   10.305  1.071   1.00 25.07 ? 116 GLN A C   1 
ATOM   162  O O   . GLN A 1 23  ? 3.485   11.320  0.793   1.00 23.10 ? 116 GLN A O   1 
ATOM   163  C CB  . GLN A 1 23  ? 5.682   9.957   -0.980  1.00 24.79 ? 116 GLN A CB  1 
ATOM   164  C CG  . GLN A 1 23  ? 7.028   10.362  -0.424  1.00 24.46 ? 116 GLN A CG  1 
ATOM   165  C CD  . GLN A 1 23  ? 7.916   11.089  -1.429  1.00 27.32 ? 116 GLN A CD  1 
ATOM   166  O OE1 . GLN A 1 23  ? 7.428   11.792  -2.340  1.00 28.12 ? 116 GLN A OE1 1 
ATOM   167  N NE2 . GLN A 1 23  ? 9.235   10.864  -1.314  1.00 27.43 ? 116 GLN A NE2 1 
ATOM   168  N N   . GLY A 1 24  ? 4.522   9.971   2.328   1.00 25.94 ? 117 GLY A N   1 
ATOM   169  C CA  . GLY A 1 24  ? 4.212   10.865  3.462   1.00 32.76 ? 117 GLY A CA  1 
ATOM   170  C C   . GLY A 1 24  ? 5.381   11.836  3.782   1.00 31.40 ? 117 GLY A C   1 
ATOM   171  O O   . GLY A 1 24  ? 6.287   12.068  2.938   1.00 28.62 ? 117 GLY A O   1 
ATOM   172  N N   . TYR A 1 25  ? 5.373   12.287  5.025   1.00 31.56 ? 118 TYR A N   1 
ATOM   173  C CA  . TYR A 1 25  ? 6.362   13.238  5.591   1.00 31.12 ? 118 TYR A CA  1 
ATOM   174  C C   . TYR A 1 25  ? 6.919   12.706  6.890   1.00 35.97 ? 118 TYR A C   1 
ATOM   175  O O   . TYR A 1 25  ? 6.282   11.909  7.564   1.00 33.55 ? 118 TYR A O   1 
ATOM   176  C CB  . TYR A 1 25  ? 5.670   14.551  5.926   1.00 33.32 ? 118 TYR A CB  1 
ATOM   177  C CG  . TYR A 1 25  ? 5.242   15.344  4.732   1.00 31.13 ? 118 TYR A CG  1 
ATOM   178  C CD1 . TYR A 1 25  ? 6.207   15.922  3.878   1.00 31.65 ? 118 TYR A CD1 1 
ATOM   179  C CD2 . TYR A 1 25  ? 3.888   15.559  4.426   1.00 31.29 ? 118 TYR A CD2 1 
ATOM   180  C CE1 . TYR A 1 25  ? 5.818   16.677  2.798   1.00 30.23 ? 118 TYR A CE1 1 
ATOM   181  C CE2 . TYR A 1 25  ? 3.515   16.276  3.276   1.00 29.70 ? 118 TYR A CE2 1 
ATOM   182  C CZ  . TYR A 1 25  ? 4.487   16.841  2.493   1.00 28.43 ? 118 TYR A CZ  1 
ATOM   183  O OH  . TYR A 1 25  ? 4.233   17.614  1.357   1.00 33.61 ? 118 TYR A OH  1 
ATOM   184  N N   . LEU A 1 26  ? 8.127   13.135  7.231   1.00 36.21 ? 119 LEU A N   1 
ATOM   185  C CA  . LEU A 1 26  ? 8.675   12.922  8.582   1.00 38.41 ? 119 LEU A CA  1 
ATOM   186  C C   . LEU A 1 26  ? 8.890   11.451  8.922   1.00 35.28 ? 119 LEU A C   1 
ATOM   187  O O   . LEU A 1 26  ? 9.657   10.784  8.242   1.00 33.84 ? 119 LEU A O   1 
ATOM   188  C CB  . LEU A 1 26  ? 7.816   13.682  9.636   1.00 38.16 ? 119 LEU A CB  1 
ATOM   189  C CG  . LEU A 1 26  ? 7.763   15.220  9.386   1.00 44.56 ? 119 LEU A CG  1 
ATOM   190  C CD1 . LEU A 1 26  ? 6.748   15.916  10.292  1.00 40.52 ? 119 LEU A CD1 1 
ATOM   191  C CD2 . LEU A 1 26  ? 9.166   15.838  9.481   1.00 44.88 ? 119 LEU A CD2 1 
ATOM   192  N N   . ALA A 1 27  ? 8.192   10.918  9.929   1.00 35.75 ? 120 ALA A N   1 
ATOM   193  C CA  . ALA A 1 27  ? 8.243   9.484   10.228  1.00 41.14 ? 120 ALA A CA  1 
ATOM   194  C C   . ALA A 1 27  ? 7.761   8.616   9.052   1.00 38.80 ? 120 ALA A C   1 
ATOM   195  O O   . ALA A 1 27  ? 8.277   7.515   8.854   1.00 43.04 ? 120 ALA A O   1 
ATOM   196  C CB  . ALA A 1 27  ? 7.458   9.167   11.517  1.00 42.78 ? 120 ALA A CB  1 
ATOM   197  N N   . LYS A 1 28  ? 6.829   9.145   8.252   1.00 39.18 ? 121 LYS A N   1 
ATOM   198  C CA  . LYS A 1 28  ? 6.279   8.486   7.071   1.00 37.79 ? 121 LYS A CA  1 
ATOM   199  C C   . LYS A 1 28  ? 6.829   9.018   5.727   1.00 37.38 ? 121 LYS A C   1 
ATOM   200  O O   . LYS A 1 28  ? 6.168   9.034   4.700   1.00 41.60 ? 121 LYS A O   1 
ATOM   201  C CB  . LYS A 1 28  ? 4.794   8.651   7.140   1.00 44.21 ? 121 LYS A CB  1 
ATOM   202  C CG  . LYS A 1 28  ? 4.185   8.018   8.376   1.00 48.59 ? 121 LYS A CG  1 
ATOM   203  C CD  . LYS A 1 28  ? 2.677   7.889   8.262   1.00 58.59 ? 121 LYS A CD  1 
ATOM   204  C CE  . LYS A 1 28  ? 2.054   7.631   9.638   1.00 70.14 ? 121 LYS A CE  1 
ATOM   205  N NZ  . LYS A 1 28  ? 0.565   7.751   9.610   1.00 68.36 ? 121 LYS A NZ  1 
ATOM   206  N N   . SER A 1 29  ? 8.086   9.410   5.762   1.00 35.83 ? 122 SER A N   1 
ATOM   207  C CA  . SER A 1 29  ? 8.726   10.112  4.698   1.00 39.21 ? 122 SER A CA  1 
ATOM   208  C C   . SER A 1 29  ? 8.980   9.298   3.348   1.00 43.60 ? 122 SER A C   1 
ATOM   209  O O   . SER A 1 29  ? 9.257   9.900   2.259   1.00 53.15 ? 122 SER A O   1 
ATOM   210  C CB  . SER A 1 29  ? 10.007  10.693  5.249   1.00 35.62 ? 122 SER A CB  1 
ATOM   211  O OG  . SER A 1 29  ? 10.782  11.066  4.192   1.00 44.61 ? 122 SER A OG  1 
ATOM   212  N N   . GLY A 1 30  ? 8.868   7.981   3.419   1.00 35.33 ? 123 GLY A N   1 
ATOM   213  C CA  . GLY A 1 30  ? 8.959   7.098   2.245   1.00 31.11 ? 123 GLY A CA  1 
ATOM   214  C C   . GLY A 1 30  ? 7.630   6.804   1.539   1.00 28.85 ? 123 GLY A C   1 
ATOM   215  O O   . GLY A 1 30  ? 6.615   7.549   1.653   1.00 26.38 ? 123 GLY A O   1 
ATOM   216  N N   . TRP A 1 31  ? 7.670   5.733   0.737   1.00 22.79 ? 124 TRP A N   1 
ATOM   217  C CA  . TRP A 1 31  ? 6.569   5.328   -0.066  1.00 23.21 ? 124 TRP A CA  1 
ATOM   218  C C   . TRP A 1 31  ? 5.871   4.132   0.590   1.00 23.91 ? 124 TRP A C   1 
ATOM   219  O O   . TRP A 1 31  ? 6.544   3.200   0.954   1.00 25.73 ? 124 TRP A O   1 
ATOM   220  C CB  . TRP A 1 31  ? 7.038   4.912   -1.443  1.00 23.57 ? 124 TRP A CB  1 
ATOM   221  C CG  . TRP A 1 31  ? 7.540   6.075   -2.283  1.00 22.23 ? 124 TRP A CG  1 
ATOM   222  C CD1 . TRP A 1 31  ? 8.833   6.513   -2.426  1.00 23.49 ? 124 TRP A CD1 1 
ATOM   223  C CD2 . TRP A 1 31  ? 6.724   6.981   -3.013  1.00 21.89 ? 124 TRP A CD2 1 
ATOM   224  N NE1 . TRP A 1 31  ? 8.868   7.619   -3.269  1.00 25.89 ? 124 TRP A NE1 1 
ATOM   225  C CE2 . TRP A 1 31  ? 7.582   7.938   -3.619  1.00 23.24 ? 124 TRP A CE2 1 
ATOM   226  C CE3 . TRP A 1 31  ? 5.347   7.044   -3.283  1.00 23.13 ? 124 TRP A CE3 1 
ATOM   227  C CZ2 . TRP A 1 31  ? 7.104   8.918   -4.459  1.00 22.89 ? 124 TRP A CZ2 1 
ATOM   228  C CZ3 . TRP A 1 31  ? 4.864   8.082   -4.072  1.00 24.68 ? 124 TRP A CZ3 1 
ATOM   229  C CH2 . TRP A 1 31  ? 5.730   8.990   -4.662  1.00 21.72 ? 124 TRP A CH2 1 
ATOM   230  N N   . GLY A 1 32  ? 4.523   4.120   0.612   1.00 23.53 ? 125 GLY A N   1 
ATOM   231  C CA  . GLY A 1 32  ? 3.763   2.970   1.131   1.00 21.88 ? 125 GLY A CA  1 
ATOM   232  C C   . GLY A 1 32  ? 2.370   2.935   0.514   1.00 25.51 ? 125 GLY A C   1 
ATOM   233  O O   . GLY A 1 32  ? 2.030   3.812   -0.280  1.00 23.86 ? 125 GLY A O   1 
ATOM   234  N N   . PHE A 1 33  ? 1.591   1.890   0.844   1.00 24.06 ? 126 PHE A N   1 
ATOM   235  C CA  . PHE A 1 33  ? 0.225   1.738   0.365   1.00 23.08 ? 126 PHE A CA  1 
ATOM   236  C C   . PHE A 1 33  ? -0.629  2.732   1.172   1.00 22.74 ? 126 PHE A C   1 
ATOM   237  O O   . PHE A 1 33  ? -0.318  3.054   2.295   1.00 23.50 ? 126 PHE A O   1 
ATOM   238  C CB  . PHE A 1 33  ? -0.236  0.305   0.531   1.00 20.31 ? 126 PHE A CB  1 
ATOM   239  C CG  . PHE A 1 33  ? 0.449   -0.626  -0.383  1.00 22.21 ? 126 PHE A CG  1 
ATOM   240  C CD1 . PHE A 1 33  ? 0.130   -0.617  -1.722  1.00 24.98 ? 126 PHE A CD1 1 
ATOM   241  C CD2 . PHE A 1 33  ? 1.514   -1.361  0.030   1.00 26.36 ? 126 PHE A CD2 1 
ATOM   242  C CE1 . PHE A 1 33  ? 0.781   -1.412  -2.589  1.00 25.82 ? 126 PHE A CE1 1 
ATOM   243  C CE2 . PHE A 1 33  ? 2.211   -2.142  -0.842  1.00 24.98 ? 126 PHE A CE2 1 
ATOM   244  C CZ  . PHE A 1 33  ? 1.815   -2.204  -2.149  1.00 25.88 ? 126 PHE A CZ  1 
ATOM   245  N N   . PRO A 1 34  ? -1.655  3.296   0.545   1.00 22.92 ? 127 PRO A N   1 
ATOM   246  C CA  . PRO A 1 34  ? -2.587  4.143   1.299   1.00 23.45 ? 127 PRO A CA  1 
ATOM   247  C C   . PRO A 1 34  ? -3.441  3.340   2.343   1.00 27.94 ? 127 PRO A C   1 
ATOM   248  O O   . PRO A 1 34  ? -4.065  2.337   2.006   1.00 25.90 ? 127 PRO A O   1 
ATOM   249  C CB  . PRO A 1 34  ? -3.445  4.760   0.210   1.00 23.05 ? 127 PRO A CB  1 
ATOM   250  C CG  . PRO A 1 34  ? -3.341  3.805   -0.981  1.00 23.18 ? 127 PRO A CG  1 
ATOM   251  C CD  . PRO A 1 34  ? -1.993  3.164   -0.886  1.00 20.77 ? 127 PRO A CD  1 
ATOM   252  N N   . LYS A 1 35  ? -3.416  3.783   3.601   1.00 26.48 ? 128 LYS A N   1 
ATOM   253  C CA  . LYS A 1 35  ? -4.052  3.080   4.721   1.00 28.14 ? 128 LYS A CA  1 
ATOM   254  C C   . LYS A 1 35  ? -4.044  3.961   5.972   1.00 32.99 ? 128 LYS A C   1 
ATOM   255  O O   . LYS A 1 35  ? -3.340  4.973   5.983   1.00 29.09 ? 128 LYS A O   1 
ATOM   256  C CB  . LYS A 1 35  ? -3.348  1.762   5.051   1.00 29.00 ? 128 LYS A CB  1 
ATOM   257  C CG  . LYS A 1 35  ? -1.935  1.850   5.648   1.00 30.33 ? 128 LYS A CG  1 
ATOM   258  C CD  . LYS A 1 35  ? -1.345  0.473   5.816   1.00 37.15 ? 128 LYS A CD  1 
ATOM   259  C CE  . LYS A 1 35  ? -0.050  0.542   6.606   1.00 42.84 ? 128 LYS A CE  1 
ATOM   260  N NZ  . LYS A 1 35  ? -0.195  0.827   8.064   1.00 52.01 ? 128 LYS A NZ  1 
ATOM   261  N N   . GLY A 1 36  ? -4.777  3.537   7.011   1.00 29.49 ? 129 GLY A N   1 
ATOM   262  C CA  . GLY A 1 36  ? -4.856  4.279   8.269   1.00 31.17 ? 129 GLY A CA  1 
ATOM   263  C C   . GLY A 1 36  ? -5.723  3.570   9.312   1.00 35.41 ? 129 GLY A C   1 
ATOM   264  O O   . GLY A 1 36  ? -6.344  2.525   9.048   1.00 32.83 ? 129 GLY A O   1 
ATOM   265  N N   . LYS A 1 37  ? -5.754  4.164   10.504  1.00 38.21 ? 130 LYS A N   1 
ATOM   266  C CA  . LYS A 1 37  ? -6.251  3.527   11.721  1.00 41.01 ? 130 LYS A CA  1 
ATOM   267  C C   . LYS A 1 37  ? -7.785  3.559   11.744  1.00 32.63 ? 130 LYS A C   1 
ATOM   268  O O   . LYS A 1 37  ? -8.389  4.536   11.353  1.00 35.72 ? 130 LYS A O   1 
ATOM   269  C CB  . LYS A 1 37  ? -5.691  4.245   12.989  1.00 48.45 ? 130 LYS A CB  1 
ATOM   270  C CG  . LYS A 1 37  ? -4.410  3.637   13.572  1.00 53.74 ? 130 LYS A CG  1 
ATOM   271  C CD  . LYS A 1 37  ? -4.021  4.306   14.902  1.00 59.11 ? 130 LYS A CD  1 
ATOM   272  N N   . VAL A 1 38  ? -8.382  2.458   12.164  1.00 33.89 ? 131 VAL A N   1 
ATOM   273  C CA  . VAL A 1 38  ? -9.831  2.367   12.237  1.00 41.41 ? 131 VAL A CA  1 
ATOM   274  C C   . VAL A 1 38  ? -10.389 3.255   13.371  1.00 44.70 ? 131 VAL A C   1 
ATOM   275  O O   . VAL A 1 38  ? -9.785  3.267   14.458  1.00 43.45 ? 131 VAL A O   1 
ATOM   276  C CB  . VAL A 1 38  ? -10.278 0.903   12.386  1.00 38.89 ? 131 VAL A CB  1 
ATOM   277  C CG1 . VAL A 1 38  ? -9.786  0.238   13.683  1.00 43.52 ? 131 VAL A CG1 1 
ATOM   278  C CG2 . VAL A 1 38  ? -11.794 0.776   12.213  1.00 39.64 ? 131 VAL A CG2 1 
ATOM   279  N N   . ASN A 1 39  ? -11.498 3.987   13.104  1.00 44.48 ? 132 ASN A N   1 
ATOM   280  C CA  . ASN A 1 39  ? -12.278 4.726   14.167  1.00 43.88 ? 132 ASN A CA  1 
ATOM   281  C C   . ASN A 1 39  ? -13.129 3.749   15.004  1.00 45.82 ? 132 ASN A C   1 
ATOM   282  O O   . ASN A 1 39  ? -13.360 2.615   14.575  1.00 45.78 ? 132 ASN A O   1 
ATOM   283  C CB  . ASN A 1 39  ? -13.190 5.816   13.569  1.00 44.57 ? 132 ASN A CB  1 
ATOM   284  C CG  . ASN A 1 39  ? -12.423 6.931   12.883  1.00 44.90 ? 132 ASN A CG  1 
ATOM   285  O OD1 . ASN A 1 39  ? -11.337 7.293   13.296  1.00 58.20 ? 132 ASN A OD1 1 
ATOM   286  N ND2 . ASN A 1 39  ? -12.973 7.471   11.836  1.00 46.17 ? 132 ASN A ND2 1 
ATOM   287  N N   . LYS A 1 40  ? -13.583 4.160   16.206  1.00 52.22 ? 133 LYS A N   1 
ATOM   288  C CA  . LYS A 1 40  ? -14.489 3.295   17.055  1.00 54.19 ? 133 LYS A CA  1 
ATOM   289  C C   . LYS A 1 40  ? -15.828 3.010   16.339  1.00 53.13 ? 133 LYS A C   1 
ATOM   290  O O   . LYS A 1 40  ? -16.405 3.903   15.736  1.00 50.37 ? 133 LYS A O   1 
ATOM   291  C CB  . LYS A 1 40  ? -14.764 3.932   18.439  1.00 59.83 ? 133 LYS A CB  1 
ATOM   292  N N   . GLU A 1 41  ? -16.276 1.754   16.367  1.00 53.58 ? 134 GLU A N   1 
ATOM   293  C CA  . GLU A 1 41  ? -17.493 1.295   15.668  1.00 58.23 ? 134 GLU A CA  1 
ATOM   294  C C   . GLU A 1 41  ? -17.415 1.180   14.118  1.00 60.33 ? 134 GLU A C   1 
ATOM   295  O O   . GLU A 1 41  ? -18.337 0.594   13.545  1.00 61.89 ? 134 GLU A O   1 
ATOM   296  C CB  . GLU A 1 41  ? -18.741 2.126   16.068  1.00 56.57 ? 134 GLU A CB  1 
ATOM   297  N N   . GLU A 1 42  ? -16.338 1.678   13.462  1.00 54.17 ? 135 GLU A N   1 
ATOM   298  C CA  . GLU A 1 42  ? -16.221 1.729   11.979  1.00 46.59 ? 135 GLU A CA  1 
ATOM   299  C C   . GLU A 1 42  ? -15.926 0.347   11.448  1.00 41.29 ? 135 GLU A C   1 
ATOM   300  O O   . GLU A 1 42  ? -15.082 -0.341  11.976  1.00 47.80 ? 135 GLU A O   1 
ATOM   301  C CB  . GLU A 1 42  ? -15.116 2.729   11.552  1.00 48.26 ? 135 GLU A CB  1 
ATOM   302  C CG  . GLU A 1 42  ? -14.963 3.018   10.053  1.00 46.97 ? 135 GLU A CG  1 
ATOM   303  C CD  . GLU A 1 42  ? -13.874 4.034   9.759   1.00 41.48 ? 135 GLU A CD  1 
ATOM   304  O OE1 . GLU A 1 42  ? -12.852 4.017   10.464  1.00 42.12 ? 135 GLU A OE1 1 
ATOM   305  O OE2 . GLU A 1 42  ? -14.026 4.861   8.818   1.00 43.65 ? 135 GLU A OE2 1 
ATOM   306  N N   . ALA A 1 43  ? -16.660 -0.083  10.423  1.00 42.76 ? 136 ALA A N   1 
ATOM   307  C CA  . ALA A 1 43  ? -16.387 -1.359  9.720   1.00 42.22 ? 136 ALA A CA  1 
ATOM   308  C C   . ALA A 1 43  ? -15.079 -1.299  8.852   1.00 40.04 ? 136 ALA A C   1 
ATOM   309  O O   . ALA A 1 43  ? -14.716 -0.220  8.363   1.00 40.20 ? 136 ALA A O   1 
ATOM   310  C CB  . ALA A 1 43  ? -17.568 -1.750  8.841   1.00 40.45 ? 136 ALA A CB  1 
ATOM   311  N N   . PRO A 1 44  ? -14.427 -2.458  8.642   1.00 38.71 ? 137 PRO A N   1 
ATOM   312  C CA  . PRO A 1 44  ? -13.141 -2.501  7.883   1.00 35.53 ? 137 PRO A CA  1 
ATOM   313  C C   . PRO A 1 44  ? -13.229 -1.905  6.495   1.00 38.10 ? 137 PRO A C   1 
ATOM   314  O O   . PRO A 1 44  ? -12.450 -0.995  6.187   1.00 33.20 ? 137 PRO A O   1 
ATOM   315  C CB  . PRO A 1 44  ? -12.773 -3.997  7.890   1.00 37.91 ? 137 PRO A CB  1 
ATOM   316  C CG  . PRO A 1 44  ? -13.440 -4.553  9.168   1.00 38.36 ? 137 PRO A CG  1 
ATOM   317  C CD  . PRO A 1 44  ? -14.734 -3.771  9.279   1.00 37.37 ? 137 PRO A CD  1 
ATOM   318  N N   . HIS A 1 45  ? -14.242 -2.316  5.729   1.00 37.26 ? 138 HIS A N   1 
ATOM   319  C CA  . HIS A 1 45  ? -14.459 -1.801  4.405   1.00 42.34 ? 138 HIS A CA  1 
ATOM   320  C C   . HIS A 1 45  ? -14.685 -0.285  4.387   1.00 37.25 ? 138 HIS A C   1 
ATOM   321  O O   . HIS A 1 45  ? -14.170 0.416   3.487   1.00 30.19 ? 138 HIS A O   1 
ATOM   322  C CB  . HIS A 1 45  ? -15.556 -2.628  3.643   1.00 43.98 ? 138 HIS A CB  1 
ATOM   323  C CG  . HIS A 1 45  ? -16.965 -2.348  4.080   1.00 59.57 ? 138 HIS A CG  1 
ATOM   324  N ND1 . HIS A 1 45  ? -17.629 -3.118  5.024   1.00 64.74 ? 138 HIS A ND1 1 
ATOM   325  C CD2 . HIS A 1 45  ? -17.855 -1.398  3.685   1.00 63.17 ? 138 HIS A CD2 1 
ATOM   326  C CE1 . HIS A 1 45  ? -18.862 -2.656  5.186   1.00 57.03 ? 138 HIS A CE1 1 
ATOM   327  N NE2 . HIS A 1 45  ? -19.024 -1.615  4.386   1.00 64.31 ? 138 HIS A NE2 1 
ATOM   328  N N   . ASP A 1 46  ? -15.361 0.252   5.407   1.00 37.43 ? 139 ASP A N   1 
ATOM   329  C CA  . ASP A 1 46  ? -15.574 1.699   5.435   1.00 36.33 ? 139 ASP A CA  1 
ATOM   330  C C   . ASP A 1 46  ? -14.288 2.523   5.760   1.00 31.93 ? 139 ASP A C   1 
ATOM   331  O O   . ASP A 1 46  ? -14.092 3.614   5.214   1.00 32.92 ? 139 ASP A O   1 
ATOM   332  C CB  . ASP A 1 46  ? -16.634 2.081   6.467   1.00 39.92 ? 139 ASP A CB  1 
ATOM   333  C CG  . ASP A 1 46  ? -18.028 1.671   6.059   1.00 44.86 ? 139 ASP A CG  1 
ATOM   334  O OD1 . ASP A 1 46  ? -18.357 1.718   4.873   1.00 41.27 ? 139 ASP A OD1 1 
ATOM   335  O OD2 . ASP A 1 46  ? -18.797 1.259   6.949   1.00 48.61 ? 139 ASP A OD2 1 
ATOM   336  N N   . CYS A 1 47  ? -13.490 2.037   6.715   1.00 28.59 ? 140 CYS A N   1 
ATOM   337  C CA  . CYS A 1 47  ? -12.196 2.637   7.052   1.00 30.21 ? 140 CYS A CA  1 
ATOM   338  C C   . CYS A 1 47  ? -11.275 2.595   5.791   1.00 30.31 ? 140 CYS A C   1 
ATOM   339  O O   . CYS A 1 47  ? -10.704 3.600   5.424   1.00 28.82 ? 140 CYS A O   1 
ATOM   340  C CB  . CYS A 1 47  ? -11.525 1.853   8.193   1.00 31.48 ? 140 CYS A CB  1 
ATOM   341  S SG  . CYS A 1 47  ? -9.832  2.397   8.598   1.00 32.40 ? 140 CYS A SG  1 
ATOM   342  N N   . ALA A 1 48  ? -11.266 1.462   5.073   1.00 29.70 ? 141 ALA A N   1 
ATOM   343  C CA  . ALA A 1 48  ? -10.372 1.351   3.921   1.00 29.07 ? 141 ALA A CA  1 
ATOM   344  C C   . ALA A 1 48  ? -10.721 2.423   2.875   1.00 26.83 ? 141 ALA A C   1 
ATOM   345  O O   . ALA A 1 48  ? -9.851  3.114   2.409   1.00 23.62 ? 141 ALA A O   1 
ATOM   346  C CB  . ALA A 1 48  ? -10.453 -0.050  3.327   1.00 27.44 ? 141 ALA A CB  1 
ATOM   347  N N   . ALA A 1 49  ? -12.001 2.580   2.540   1.00 26.96 ? 142 ALA A N   1 
ATOM   348  C CA  . ALA A 1 49  ? -12.458 3.626   1.557   1.00 26.54 ? 142 ALA A CA  1 
ATOM   349  C C   . ALA A 1 49  ? -12.199 5.062   2.047   1.00 26.74 ? 142 ALA A C   1 
ATOM   350  O O   . ALA A 1 49  ? -11.764 5.907   1.267   1.00 27.66 ? 142 ALA A O   1 
ATOM   351  C CB  . ALA A 1 49  ? -13.930 3.457   1.221   1.00 27.46 ? 142 ALA A CB  1 
ATOM   352  N N   . ARG A 1 50  ? -12.420 5.306   3.331   1.00 26.21 ? 143 ARG A N   1 
ATOM   353  C CA  . ARG A 1 50  ? -12.185 6.636   3.956   1.00 29.41 ? 143 ARG A CA  1 
ATOM   354  C C   . ARG A 1 50  ? -10.695 6.978   3.884   1.00 29.51 ? 143 ARG A C   1 
ATOM   355  O O   . ARG A 1 50  ? -10.313 8.042   3.376   1.00 26.70 ? 143 ARG A O   1 
ATOM   356  C CB  . ARG A 1 50  ? -12.675 6.650   5.426   1.00 32.27 ? 143 ARG A CB  1 
ATOM   357  C CG  . ARG A 1 50  ? -12.423 7.943   6.195   1.00 34.27 ? 143 ARG A CG  1 
ATOM   358  C CD  . ARG A 1 50  ? -12.935 7.983   7.652   1.00 34.29 ? 143 ARG A CD  1 
ATOM   359  N NE  . ARG A 1 50  ? -12.370 6.915   8.500   1.00 35.03 ? 143 ARG A NE  1 
ATOM   360  C CZ  . ARG A 1 50  ? -11.138 6.926   9.023   1.00 32.01 ? 143 ARG A CZ  1 
ATOM   361  N NH1 . ARG A 1 50  ? -10.345 7.952   8.834   1.00 33.68 ? 143 ARG A NH1 1 
ATOM   362  N NH2 . ARG A 1 50  ? -10.723 5.925   9.785   1.00 35.51 ? 143 ARG A NH2 1 
ATOM   363  N N   . GLU A 1 51  ? -9.826  6.076   4.359   1.00 29.66 ? 144 GLU A N   1 
ATOM   364  C CA  . GLU A 1 51  ? -8.378  6.432   4.328   1.00 27.29 ? 144 GLU A CA  1 
ATOM   365  C C   . GLU A 1 51  ? -7.869  6.584   2.906   1.00 24.82 ? 144 GLU A C   1 
ATOM   366  O O   . GLU A 1 51  ? -7.049  7.473   2.593   1.00 24.91 ? 144 GLU A O   1 
ATOM   367  C CB  . GLU A 1 51  ? -7.566  5.404   5.047   1.00 28.42 ? 144 GLU A CB  1 
ATOM   368  C CG  . GLU A 1 51  ? -7.869  5.276   6.498   1.00 32.87 ? 144 GLU A CG  1 
ATOM   369  C CD  . GLU A 1 51  ? -7.245  6.356   7.359   1.00 39.42 ? 144 GLU A CD  1 
ATOM   370  O OE1 . GLU A 1 51  ? -6.503  7.211   6.844   1.00 38.84 ? 144 GLU A OE1 1 
ATOM   371  O OE2 . GLU A 1 51  ? -7.530  6.352   8.577   1.00 41.84 ? 144 GLU A OE2 1 
ATOM   372  N N   . VAL A 1 52  ? -8.329  5.707   2.007   1.00 25.75 ? 145 VAL A N   1 
ATOM   373  C CA  . VAL A 1 52  ? -7.868  5.798   0.633   1.00 24.43 ? 145 VAL A CA  1 
ATOM   374  C C   . VAL A 1 52  ? -8.398  7.065   -0.068  1.00 25.10 ? 145 VAL A C   1 
ATOM   375  O O   . VAL A 1 52  ? -7.671  7.709   -0.857  1.00 24.43 ? 145 VAL A O   1 
ATOM   376  C CB  . VAL A 1 52  ? -8.197  4.516   -0.136  1.00 24.66 ? 145 VAL A CB  1 
ATOM   377  C CG1 . VAL A 1 52  ? -7.828  4.676   -1.554  1.00 24.14 ? 145 VAL A CG1 1 
ATOM   378  C CG2 . VAL A 1 52  ? -7.421  3.341   0.462   1.00 24.28 ? 145 VAL A CG2 1 
ATOM   379  N N   . PHE A 1 53  ? -9.652  7.437   0.217   1.00 26.88 ? 146 PHE A N   1 
ATOM   380  C CA  . PHE A 1 53  ? -10.178 8.698   -0.335  1.00 27.01 ? 146 PHE A CA  1 
ATOM   381  C C   . PHE A 1 53  ? -9.432  9.974   0.219   1.00 26.66 ? 146 PHE A C   1 
ATOM   382  O O   . PHE A 1 53  ? -9.107  10.880  -0.541  1.00 29.72 ? 146 PHE A O   1 
ATOM   383  C CB  . PHE A 1 53  ? -11.707 8.780   -0.154  1.00 31.91 ? 146 PHE A CB  1 
ATOM   384  C CG  . PHE A 1 53  ? -12.316 9.974   -0.824  1.00 33.53 ? 146 PHE A CG  1 
ATOM   385  C CD1 . PHE A 1 53  ? -12.628 9.943   -2.158  1.00 40.68 ? 146 PHE A CD1 1 
ATOM   386  C CD2 . PHE A 1 53  ? -12.492 11.149  -0.133  1.00 38.63 ? 146 PHE A CD2 1 
ATOM   387  C CE1 . PHE A 1 53  ? -13.148 11.057  -2.809  1.00 41.10 ? 146 PHE A CE1 1 
ATOM   388  C CE2 . PHE A 1 53  ? -13.013 12.287  -0.756  1.00 38.82 ? 146 PHE A CE2 1 
ATOM   389  C CZ  . PHE A 1 53  ? -13.360 12.233  -2.097  1.00 43.88 ? 146 PHE A CZ  1 
ATOM   390  N N   . GLU A 1 54  ? -9.144  10.011  1.504   1.00 28.24 ? 147 GLU A N   1 
ATOM   391  C CA  . GLU A 1 54  ? -8.342  11.115  2.132   1.00 34.50 ? 147 GLU A CA  1 
ATOM   392  C C   . GLU A 1 54  ? -6.976  11.234  1.528   1.00 36.34 ? 147 GLU A C   1 
ATOM   393  O O   . GLU A 1 54  ? -6.500  12.343  1.242   1.00 33.96 ? 147 GLU A O   1 
ATOM   394  C CB  . GLU A 1 54  ? -8.129  10.875  3.621   1.00 38.46 ? 147 GLU A CB  1 
ATOM   395  C CG  . GLU A 1 54  ? -9.367  11.113  4.494   1.00 49.94 ? 147 GLU A CG  1 
ATOM   396  C CD  . GLU A 1 54  ? -9.225  10.600  5.961   1.00 58.53 ? 147 GLU A CD  1 
ATOM   397  O OE1 . GLU A 1 54  ? -8.186  9.978   6.351   1.00 62.77 ? 147 GLU A OE1 1 
ATOM   398  O OE2 . GLU A 1 54  ? -10.185 10.817  6.751   1.00 70.12 ? 147 GLU A OE2 1 
ATOM   399  N N   . GLU A 1 55  ? -6.329  10.084  1.310   1.00 30.96 ? 148 GLU A N   1 
ATOM   400  C CA  . GLU A 1 55  ? -4.936  10.123  0.785   1.00 32.35 ? 148 GLU A CA  1 
ATOM   401  C C   . GLU A 1 55  ? -4.744  10.211  -0.753  1.00 29.82 ? 148 GLU A C   1 
ATOM   402  O O   . GLU A 1 55  ? -3.636  10.533  -1.204  1.00 31.56 ? 148 GLU A O   1 
ATOM   403  C CB  . GLU A 1 55  ? -4.161  8.932   1.360   1.00 34.15 ? 148 GLU A CB  1 
ATOM   404  C CG  . GLU A 1 55  ? -4.112  8.935   2.895   1.00 33.16 ? 148 GLU A CG  1 
ATOM   405  C CD  . GLU A 1 55  ? -3.417  7.708   3.484   1.00 35.93 ? 148 GLU A CD  1 
ATOM   406  O OE1 . GLU A 1 55  ? -2.680  7.015   2.774   1.00 37.00 ? 148 GLU A OE1 1 
ATOM   407  O OE2 . GLU A 1 55  ? -3.633  7.434   4.670   1.00 41.16 ? 148 GLU A OE2 1 
ATOM   408  N N   . THR A 1 56  ? -5.763  9.864   -1.550  1.00 29.06 ? 149 THR A N   1 
ATOM   409  C CA  . THR A 1 56  ? -5.621  9.778   -3.011  1.00 30.83 ? 149 THR A CA  1 
ATOM   410  C C   . THR A 1 56  ? -6.679  10.516  -3.797  1.00 33.42 ? 149 THR A C   1 
ATOM   411  O O   . THR A 1 56  ? -6.541  10.668  -5.010  1.00 30.12 ? 149 THR A O   1 
ATOM   412  C CB  . THR A 1 56  ? -5.714  8.291   -3.497  1.00 31.63 ? 149 THR A CB  1 
ATOM   413  O OG1 . THR A 1 56  ? -7.061  7.785   -3.395  1.00 24.48 ? 149 THR A OG1 1 
ATOM   414  C CG2 . THR A 1 56  ? -4.785  7.384   -2.664  1.00 29.06 ? 149 THR A CG2 1 
ATOM   415  N N   . GLY A 1 57  ? -7.758  10.879  -3.126  1.00 32.52 ? 150 GLY A N   1 
ATOM   416  C CA  . GLY A 1 57  ? -8.957  11.384  -3.793  1.00 34.57 ? 150 GLY A CA  1 
ATOM   417  C C   . GLY A 1 57  ? -9.762  10.404  -4.651  1.00 34.93 ? 150 GLY A C   1 
ATOM   418  O O   . GLY A 1 57  ? -10.615 10.847  -5.423  1.00 30.60 ? 150 GLY A O   1 
ATOM   419  N N   . PHE A 1 58  ? -9.513  9.100   -4.545  1.00 29.76 ? 151 PHE A N   1 
ATOM   420  C CA  . PHE A 1 58  ? -10.215 8.131   -5.347  1.00 30.15 ? 151 PHE A CA  1 
ATOM   421  C C   . PHE A 1 58  ? -11.077 7.287   -4.426  1.00 28.06 ? 151 PHE A C   1 
ATOM   422  O O   . PHE A 1 58  ? -10.637 6.848   -3.326  1.00 29.37 ? 151 PHE A O   1 
ATOM   423  C CB  . PHE A 1 58  ? -9.233  7.372   -6.228  1.00 31.27 ? 151 PHE A CB  1 
ATOM   424  C CG  . PHE A 1 58  ? -9.875  6.298   -7.083  1.00 30.74 ? 151 PHE A CG  1 
ATOM   425  C CD1 . PHE A 1 58  ? -10.441 6.624   -8.311  1.00 36.27 ? 151 PHE A CD1 1 
ATOM   426  C CD2 . PHE A 1 58  ? -9.925  4.975   -6.643  1.00 30.98 ? 151 PHE A CD2 1 
ATOM   427  C CE1 . PHE A 1 58  ? -11.049 5.667   -9.106  1.00 33.23 ? 151 PHE A CE1 1 
ATOM   428  C CE2 . PHE A 1 58  ? -10.494 3.997   -7.459  1.00 32.96 ? 151 PHE A CE2 1 
ATOM   429  C CZ  . PHE A 1 58  ? -11.084 4.369   -8.671  1.00 30.59 ? 151 PHE A CZ  1 
ATOM   430  N N   . ASP A 1 59  ? -12.332 7.077   -4.830  1.00 26.66 ? 152 ASP A N   1 
ATOM   431  C CA  . ASP A 1 59  ? -13.299 6.320   -4.019  1.00 30.61 ? 152 ASP A CA  1 
ATOM   432  C C   . ASP A 1 59  ? -13.384 4.898   -4.482  1.00 31.38 ? 152 ASP A C   1 
ATOM   433  O O   . ASP A 1 59  ? -13.879 4.623   -5.604  1.00 30.11 ? 152 ASP A O   1 
ATOM   434  C CB  . ASP A 1 59  ? -14.685 6.999   -4.113  1.00 33.54 ? 152 ASP A CB  1 
ATOM   435  C CG  . ASP A 1 59  ? -15.717 6.428   -3.143  1.00 35.59 ? 152 ASP A CG  1 
ATOM   436  O OD1 . ASP A 1 59  ? -15.507 5.496   -2.345  1.00 33.83 ? 152 ASP A OD1 1 
ATOM   437  O OD2 . ASP A 1 59  ? -16.826 6.948   -3.205  1.00 48.39 ? 152 ASP A OD2 1 
ATOM   438  N N   . ILE A 1 60  ? -12.940 3.990   -3.614  1.00 28.41 ? 153 ILE A N   1 
ATOM   439  C CA  . ILE A 1 60  ? -12.932 2.569   -3.907  1.00 28.86 ? 153 ILE A CA  1 
ATOM   440  C C   . ILE A 1 60  ? -14.181 1.812   -3.453  1.00 30.99 ? 153 ILE A C   1 
ATOM   441  O O   . ILE A 1 60  ? -14.248 0.588   -3.554  1.00 26.07 ? 153 ILE A O   1 
ATOM   442  C CB  . ILE A 1 60  ? -11.707 1.845   -3.251  1.00 27.53 ? 153 ILE A CB  1 
ATOM   443  C CG1 . ILE A 1 60  ? -11.776 1.801   -1.732  1.00 29.30 ? 153 ILE A CG1 1 
ATOM   444  C CG2 . ILE A 1 60  ? -10.391 2.405   -3.723  1.00 28.09 ? 153 ILE A CG2 1 
ATOM   445  C CD1 . ILE A 1 60  ? -10.663 0.972   -1.119  1.00 29.30 ? 153 ILE A CD1 1 
ATOM   446  N N   . LYS A 1 61  ? -15.140 2.507   -2.882  1.00 32.38 ? 154 LYS A N   1 
ATOM   447  C CA  . LYS A 1 61  ? -16.197 1.787   -2.183  1.00 35.18 ? 154 LYS A CA  1 
ATOM   448  C C   . LYS A 1 61  ? -16.967 0.871   -3.166  1.00 31.75 ? 154 LYS A C   1 
ATOM   449  O O   . LYS A 1 61  ? -17.253 -0.261  -2.842  1.00 29.73 ? 154 LYS A O   1 
ATOM   450  C CB  . LYS A 1 61  ? -17.134 2.793   -1.464  1.00 38.48 ? 154 LYS A CB  1 
ATOM   451  C CG  . LYS A 1 61  ? -18.611 2.486   -1.458  1.00 50.77 ? 154 LYS A CG  1 
ATOM   452  C CD  . LYS A 1 61  ? -19.422 3.550   -0.706  1.00 54.89 ? 154 LYS A CD  1 
ATOM   453  C CE  . LYS A 1 61  ? -19.592 4.833   -1.518  1.00 58.57 ? 154 LYS A CE  1 
ATOM   454  N NZ  . LYS A 1 61  ? -20.427 4.628   -2.740  1.00 65.03 ? 154 LYS A NZ  1 
ATOM   455  N N   . ASP A 1 62  ? -17.250 1.334   -4.367  1.00 29.72 ? 155 ASP A N   1 
ATOM   456  C CA  . ASP A 1 62  ? -17.956 0.443   -5.336  1.00 31.94 ? 155 ASP A CA  1 
ATOM   457  C C   . ASP A 1 62  ? -17.140 -0.746  -5.880  1.00 33.92 ? 155 ASP A C   1 
ATOM   458  O O   . ASP A 1 62  ? -17.728 -1.611  -6.565  1.00 33.26 ? 155 ASP A O   1 
ATOM   459  C CB  . ASP A 1 62  ? -18.501 1.253   -6.494  1.00 36.31 ? 155 ASP A CB  1 
ATOM   460  C CG  . ASP A 1 62  ? -19.663 2.199   -6.091  1.00 43.87 ? 155 ASP A CG  1 
ATOM   461  O OD1 . ASP A 1 62  ? -20.346 2.042   -5.045  1.00 40.56 ? 155 ASP A OD1 1 
ATOM   462  O OD2 . ASP A 1 62  ? -19.915 3.087   -6.892  1.00 45.08 ? 155 ASP A OD2 1 
ATOM   463  N N   . TYR A 1 63  ? -15.816 -0.801  -5.603  1.00 30.67 ? 156 TYR A N   1 
ATOM   464  C CA  . TYR A 1 63  ? -14.927 -1.848  -6.163  1.00 29.26 ? 156 TYR A CA  1 
ATOM   465  C C   . TYR A 1 63  ? -14.416 -2.822  -5.163  1.00 29.15 ? 156 TYR A C   1 
ATOM   466  O O   . TYR A 1 63  ? -13.940 -3.871  -5.531  1.00 32.60 ? 156 TYR A O   1 
ATOM   467  C CB  . TYR A 1 63  ? -13.743 -1.198  -6.815  1.00 30.61 ? 156 TYR A CB  1 
ATOM   468  C CG  . TYR A 1 63  ? -14.183 -0.190  -7.758  1.00 30.95 ? 156 TYR A CG  1 
ATOM   469  C CD1 . TYR A 1 63  ? -15.043 -0.544  -8.821  1.00 37.47 ? 156 TYR A CD1 1 
ATOM   470  C CD2 . TYR A 1 63  ? -13.876 1.122   -7.575  1.00 36.34 ? 156 TYR A CD2 1 
ATOM   471  C CE1 . TYR A 1 63  ? -15.545 0.424   -9.700  1.00 39.46 ? 156 TYR A CE1 1 
ATOM   472  C CE2 . TYR A 1 63  ? -14.361 2.113   -8.427  1.00 34.39 ? 156 TYR A CE2 1 
ATOM   473  C CZ  . TYR A 1 63  ? -15.141 1.750   -9.512  1.00 40.51 ? 156 TYR A CZ  1 
ATOM   474  O OH  . TYR A 1 63  ? -15.583 2.730   -10.342 1.00 54.10 ? 156 TYR A OH  1 
ATOM   475  N N   . ILE A 1 64  ? -14.564 -2.538  -3.876  1.00 31.87 ? 157 ILE A N   1 
ATOM   476  C CA  . ILE A 1 64  ? -14.060 -3.477  -2.885  1.00 31.32 ? 157 ILE A CA  1 
ATOM   477  C C   . ILE A 1 64  ? -14.714 -4.833  -2.979  1.00 34.19 ? 157 ILE A C   1 
ATOM   478  O O   . ILE A 1 64  ? -15.930 -4.904  -3.065  1.00 34.86 ? 157 ILE A O   1 
ATOM   479  C CB  . ILE A 1 64  ? -14.247 -2.959  -1.466  1.00 31.98 ? 157 ILE A CB  1 
ATOM   480  C CG1 . ILE A 1 64  ? -13.324 -1.780  -1.197  1.00 36.66 ? 157 ILE A CG1 1 
ATOM   481  C CG2 . ILE A 1 64  ? -13.945 -4.046  -0.420  1.00 32.24 ? 157 ILE A CG2 1 
ATOM   482  C CD1 . ILE A 1 64  ? -13.505 -1.125  0.187   1.00 40.48 ? 157 ILE A CD1 1 
ATOM   483  N N   A CYS A 1 65  ? -13.903 -5.892  -3.009  0.25 31.01 ? 158 CYS A N   1 
ATOM   484  N N   B CYS A 1 65  ? -13.910 -5.895  -2.934  0.25 33.44 ? 158 CYS A N   1 
ATOM   485  C CA  A CYS A 1 65  ? -14.373 -7.254  -2.816  0.25 30.76 ? 158 CYS A CA  1 
ATOM   486  C CA  B CYS A 1 65  ? -14.394 -7.264  -2.870  0.25 34.66 ? 158 CYS A CA  1 
ATOM   487  C C   A CYS A 1 65  ? -13.985 -7.717  -1.435  0.25 32.57 ? 158 CYS A C   1 
ATOM   488  C C   B CYS A 1 65  ? -13.970 -7.886  -1.539  0.25 34.88 ? 158 CYS A C   1 
ATOM   489  O O   A CYS A 1 65  ? -12.833 -7.576  -1.025  0.25 31.99 ? 158 CYS A O   1 
ATOM   490  O O   B CYS A 1 65  ? -12.775 -8.058  -1.294  0.25 34.76 ? 158 CYS A O   1 
ATOM   491  C CB  A CYS A 1 65  ? -13.782 -8.192  -3.848  0.25 29.69 ? 158 CYS A CB  1 
ATOM   492  C CB  B CYS A 1 65  ? -13.843 -8.052  -4.055  0.25 35.84 ? 158 CYS A CB  1 
ATOM   493  S SG  A CYS A 1 65  ? -14.258 -7.771  -5.527  0.25 27.05 ? 158 CYS A SG  1 
ATOM   494  S SG  B CYS A 1 65  ? -14.294 -9.798  -4.102  0.25 38.94 ? 158 CYS A SG  1 
ATOM   495  N N   . LYS A 1 66  ? -14.955 -8.261  -0.710  1.00 34.67 ? 159 LYS A N   1 
ATOM   496  C CA  . LYS A 1 66  ? -14.756 -8.617  0.724   1.00 37.98 ? 159 LYS A CA  1 
ATOM   497  C C   . LYS A 1 66  ? -13.754 -9.671  1.072   1.00 35.16 ? 159 LYS A C   1 
ATOM   498  O O   . LYS A 1 66  ? -13.136 -9.597  2.150   1.00 38.48 ? 159 LYS A O   1 
ATOM   499  C CB  . LYS A 1 66  ? -16.081 -9.029  1.377   1.00 41.93 ? 159 LYS A CB  1 
ATOM   500  C CG  . LYS A 1 66  ? -16.564 -10.414 0.983   1.00 46.34 ? 159 LYS A CG  1 
ATOM   501  N N   . ASP A 1 67  ? -13.587 -10.628 0.182   1.00 34.20 ? 160 ASP A N   1 
ATOM   502  C CA  . ASP A 1 67  ? -12.603 -11.680 0.357   1.00 43.86 ? 160 ASP A CA  1 
ATOM   503  C C   . ASP A 1 67  ? -11.265 -11.422 -0.351  1.00 39.75 ? 160 ASP A C   1 
ATOM   504  O O   . ASP A 1 67  ? -10.392 -12.264 -0.257  1.00 40.53 ? 160 ASP A O   1 
ATOM   505  C CB  . ASP A 1 67  ? -13.195 -13.007 -0.121  1.00 50.26 ? 160 ASP A CB  1 
ATOM   506  C CG  . ASP A 1 67  ? -14.393 -13.434 0.742   1.00 62.04 ? 160 ASP A CG  1 
ATOM   507  O OD1 . ASP A 1 67  ? -14.171 -13.835 1.911   1.00 63.38 ? 160 ASP A OD1 1 
ATOM   508  O OD2 . ASP A 1 67  ? -15.542 -13.302 0.268   1.00 61.20 ? 160 ASP A OD2 1 
ATOM   509  N N   . ASP A 1 68  ? -11.065 -10.265 -0.983  1.00 34.29 ? 161 ASP A N   1 
ATOM   510  C CA  . ASP A 1 68  ? -9.809  -10.061 -1.760  1.00 34.98 ? 161 ASP A CA  1 
ATOM   511  C C   . ASP A 1 68  ? -8.942  -9.041  -1.043  1.00 29.73 ? 161 ASP A C   1 
ATOM   512  O O   . ASP A 1 68  ? -9.118  -7.834  -1.225  1.00 24.35 ? 161 ASP A O   1 
ATOM   513  C CB  . ASP A 1 68  ? -10.082 -9.553  -3.190  1.00 31.50 ? 161 ASP A CB  1 
ATOM   514  C CG  . ASP A 1 68  ? -10.815 -10.550 -4.048  1.00 36.02 ? 161 ASP A CG  1 
ATOM   515  O OD1 . ASP A 1 68  ? -10.937 -11.684 -3.591  1.00 33.73 ? 161 ASP A OD1 1 
ATOM   516  O OD2 . ASP A 1 68  ? -11.253 -10.206 -5.189  1.00 35.04 ? 161 ASP A OD2 1 
ATOM   517  N N   . TYR A 1 69  ? -8.015  -9.526  -0.240  1.00 32.17 ? 162 TYR A N   1 
ATOM   518  C CA  . TYR A 1 69  ? -7.156  -8.644  0.578   1.00 31.44 ? 162 TYR A CA  1 
ATOM   519  C C   . TYR A 1 69  ? -5.918  -9.402  0.996   1.00 33.27 ? 162 TYR A C   1 
ATOM   520  O O   . TYR A 1 69  ? -5.868  -10.662 0.924   1.00 34.88 ? 162 TYR A O   1 
ATOM   521  C CB  . TYR A 1 69  ? -7.885  -8.085  1.802   1.00 29.73 ? 162 TYR A CB  1 
ATOM   522  C CG  . TYR A 1 69  ? -8.377  -9.137  2.773   1.00 38.01 ? 162 TYR A CG  1 
ATOM   523  C CD1 . TYR A 1 69  ? -7.496  -9.765  3.688   1.00 40.80 ? 162 TYR A CD1 1 
ATOM   524  C CD2 . TYR A 1 69  ? -9.737  -9.482  2.819   1.00 39.08 ? 162 TYR A CD2 1 
ATOM   525  C CE1 . TYR A 1 69  ? -7.945  -10.739 4.550   1.00 41.41 ? 162 TYR A CE1 1 
ATOM   526  C CE2 . TYR A 1 69  ? -10.196 -10.446 3.706   1.00 40.75 ? 162 TYR A CE2 1 
ATOM   527  C CZ  . TYR A 1 69  ? -9.302  -11.061 4.554   1.00 45.43 ? 162 TYR A CZ  1 
ATOM   528  O OH  . TYR A 1 69  ? -9.772  -12.010 5.395   1.00 52.44 ? 162 TYR A OH  1 
ATOM   529  N N   . ILE A 1 70  ? -4.933  -8.634  1.433   1.00 30.67 ? 163 ILE A N   1 
ATOM   530  C CA  . ILE A 1 70  ? -3.717  -9.171  2.049   1.00 33.13 ? 163 ILE A CA  1 
ATOM   531  C C   . ILE A 1 70  ? -3.605  -8.542  3.390   1.00 29.53 ? 163 ILE A C   1 
ATOM   532  O O   . ILE A 1 70  ? -3.741  -7.334  3.513   1.00 27.18 ? 163 ILE A O   1 
ATOM   533  C CB  . ILE A 1 70  ? -2.481  -8.861  1.161   1.00 37.25 ? 163 ILE A CB  1 
ATOM   534  C CG1 . ILE A 1 70  ? -2.510  -9.855  0.006   1.00 40.17 ? 163 ILE A CG1 1 
ATOM   535  C CG2 . ILE A 1 70  ? -1.151  -9.064  1.898   1.00 40.95 ? 163 ILE A CG2 1 
ATOM   536  C CD1 . ILE A 1 70  ? -1.573  -9.473  -1.124  1.00 41.41 ? 163 ILE A CD1 1 
ATOM   537  N N   . GLU A 1 71  ? -3.433  -9.392  4.411   1.00 32.29 ? 164 GLU A N   1 
ATOM   538  C CA  . GLU A 1 71  ? -3.368  -8.972  5.801   1.00 34.70 ? 164 GLU A CA  1 
ATOM   539  C C   . GLU A 1 71  ? -2.028  -9.385  6.442   1.00 33.71 ? 164 GLU A C   1 
ATOM   540  O O   . GLU A 1 71  ? -1.631  -10.505 6.311   1.00 35.07 ? 164 GLU A O   1 
ATOM   541  C CB  . GLU A 1 71  ? -4.483  -9.652  6.555   1.00 36.21 ? 164 GLU A CB  1 
ATOM   542  C CG  . GLU A 1 71  ? -4.842  -9.055  7.870   1.00 39.91 ? 164 GLU A CG  1 
ATOM   543  C CD  . GLU A 1 71  ? -6.113  -9.708  8.458   1.00 48.03 ? 164 GLU A CD  1 
ATOM   544  O OE1 . GLU A 1 71  ? -6.116  -10.949 8.597   1.00 54.08 ? 164 GLU A OE1 1 
ATOM   545  O OE2 . GLU A 1 71  ? -7.105  -8.998  8.762   1.00 49.07 ? 164 GLU A OE2 1 
ATOM   546  N N   . LEU A 1 72  ? -1.386  -8.488  7.171   1.00 33.48 ? 165 LEU A N   1 
ATOM   547  C CA  . LEU A 1 72  ? -0.125  -8.807  7.855   1.00 35.19 ? 165 LEU A CA  1 
ATOM   548  C C   . LEU A 1 72  ? -0.184  -8.250  9.261   1.00 34.73 ? 165 LEU A C   1 
ATOM   549  O O   . LEU A 1 72  ? -0.804  -7.238  9.495   1.00 36.87 ? 165 LEU A O   1 
ATOM   550  C CB  . LEU A 1 72  ? 1.100   -8.131  7.168   1.00 32.25 ? 165 LEU A CB  1 
ATOM   551  C CG  . LEU A 1 72  ? 1.370   -8.609  5.780   1.00 35.82 ? 165 LEU A CG  1 
ATOM   552  C CD1 . LEU A 1 72  ? 2.583   -7.869  5.204   1.00 38.87 ? 165 LEU A CD1 1 
ATOM   553  C CD2 . LEU A 1 72  ? 1.552   -10.140 5.710   1.00 36.47 ? 165 LEU A CD2 1 
ATOM   554  N N   . ARG A 1 73  ? 0.523   -8.901  10.177  1.00 38.84 ? 166 ARG A N   1 
ATOM   555  C CA  . ARG A 1 73  ? 0.695   -8.395  11.517  1.00 41.89 ? 166 ARG A CA  1 
ATOM   556  C C   . ARG A 1 73  ? 2.159   -8.011  11.645  1.00 40.56 ? 166 ARG A C   1 
ATOM   557  O O   . ARG A 1 73  ? 3.077   -8.799  11.357  1.00 41.61 ? 166 ARG A O   1 
ATOM   558  C CB  . ARG A 1 73  ? 0.278   -9.446  12.550  1.00 51.77 ? 166 ARG A CB  1 
ATOM   559  C CG  . ARG A 1 73  ? 0.153   -8.890  13.956  1.00 56.47 ? 166 ARG A CG  1 
ATOM   560  C CD  . ARG A 1 73  ? -0.132  -9.976  14.980  1.00 64.42 ? 166 ARG A CD  1 
ATOM   561  N NE  . ARG A 1 73  ? 0.949   -10.979 15.037  1.00 59.68 ? 166 ARG A NE  1 
ATOM   562  C CZ  . ARG A 1 73  ? 0.761   -12.298 15.187  1.00 65.81 ? 166 ARG A CZ  1 
ATOM   563  N NH1 . ARG A 1 73  ? -0.458  -12.846 15.319  1.00 66.25 ? 166 ARG A NH1 1 
ATOM   564  N NH2 . ARG A 1 73  ? 1.808   -13.106 15.230  1.00 64.06 ? 166 ARG A NH2 1 
ATOM   565  N N   . ILE A 1 74  ? 2.377   -6.766  12.014  1.00 35.08 ? 167 ILE A N   1 
ATOM   566  C CA  . ILE A 1 74  ? 3.686   -6.219  12.036  1.00 37.66 ? 167 ILE A CA  1 
ATOM   567  C C   . ILE A 1 74  ? 3.798   -5.592  13.387  1.00 40.87 ? 167 ILE A C   1 
ATOM   568  O O   . ILE A 1 74  ? 3.046   -4.638  13.680  1.00 35.95 ? 167 ILE A O   1 
ATOM   569  C CB  . ILE A 1 74  ? 3.844   -5.166  10.929  1.00 47.10 ? 167 ILE A CB  1 
ATOM   570  C CG1 . ILE A 1 74  ? 3.857   -5.864  9.554   1.00 48.99 ? 167 ILE A CG1 1 
ATOM   571  C CG2 . ILE A 1 74  ? 5.121   -4.335  11.164  1.00 50.16 ? 167 ILE A CG2 1 
ATOM   572  C CD1 . ILE A 1 74  ? 3.658   -4.920  8.381   1.00 53.39 ? 167 ILE A CD1 1 
ATOM   573  N N   . ASN A 1 75  ? 4.689   -6.159  14.220  1.00 37.53 ? 168 ASN A N   1 
ATOM   574  C CA  . ASN A 1 75  ? 4.863   -5.720  15.638  1.00 41.33 ? 168 ASN A CA  1 
ATOM   575  C C   . ASN A 1 75  ? 3.596   -5.561  16.383  1.00 41.07 ? 168 ASN A C   1 
ATOM   576  O O   . ASN A 1 75  ? 3.361   -4.546  17.012  1.00 51.05 ? 168 ASN A O   1 
ATOM   577  C CB  . ASN A 1 75  ? 5.664   -4.420  15.702  1.00 38.94 ? 168 ASN A CB  1 
ATOM   578  C CG  . ASN A 1 75  ? 7.040   -4.611  15.152  1.00 42.76 ? 168 ASN A CG  1 
ATOM   579  O OD1 . ASN A 1 75  ? 7.637   -5.678  15.354  1.00 43.11 ? 168 ASN A OD1 1 
ATOM   580  N ND2 . ASN A 1 75  ? 7.538   -3.633  14.389  1.00 45.15 ? 168 ASN A ND2 1 
ATOM   581  N N   . ASP A 1 76  ? 2.762   -6.568  16.271  1.00 40.14 ? 169 ASP A N   1 
ATOM   582  C CA  . ASP A 1 76  ? 1.506   -6.602  16.964  1.00 55.65 ? 169 ASP A CA  1 
ATOM   583  C C   . ASP A 1 76  ? 0.482   -5.508  16.528  1.00 52.88 ? 169 ASP A C   1 
ATOM   584  O O   . ASP A 1 76  ? -0.346  -5.084  17.320  1.00 54.75 ? 169 ASP A O   1 
ATOM   585  C CB  . ASP A 1 76  ? 1.775   -6.589  18.475  1.00 65.29 ? 169 ASP A CB  1 
ATOM   586  C CG  . ASP A 1 76  ? 1.274   -7.850  19.159  1.00 79.43 ? 169 ASP A CG  1 
ATOM   587  O OD1 . ASP A 1 76  ? 1.820   -8.990  18.925  1.00 77.16 ? 169 ASP A OD1 1 
ATOM   588  O OD2 . ASP A 1 76  ? 0.308   -7.662  19.934  1.00 83.20 ? 169 ASP A OD2 1 
ATOM   589  N N   . GLN A 1 77  ? 0.558   -5.041  15.291  1.00 51.95 ? 170 GLN A N   1 
ATOM   590  C CA  . GLN A 1 77  ? -0.513  -4.239  14.709  1.00 52.97 ? 170 GLN A CA  1 
ATOM   591  C C   . GLN A 1 77  ? -0.937  -4.919  13.406  1.00 46.29 ? 170 GLN A C   1 
ATOM   592  O O   . GLN A 1 77  ? -0.123  -5.360  12.619  1.00 44.12 ? 170 GLN A O   1 
ATOM   593  C CB  . GLN A 1 77  ? -0.087  -2.795  14.509  1.00 56.22 ? 170 GLN A CB  1 
ATOM   594  C CG  . GLN A 1 77  ? -1.263  -1.882  14.165  1.00 69.41 ? 170 GLN A CG  1 
ATOM   595  C CD  . GLN A 1 77  ? -0.997  -0.398  14.348  1.00 72.81 ? 170 GLN A CD  1 
ATOM   596  O OE1 . GLN A 1 77  ? -0.225  0.196   13.607  1.00 82.45 ? 170 GLN A OE1 1 
ATOM   597  N NE2 . GLN A 1 77  ? -1.681  0.220   15.315  1.00 77.73 ? 170 GLN A NE2 1 
ATOM   598  N N   . LEU A 1 78  ? -2.232  -5.078  13.232  1.00 41.18 ? 171 LEU A N   1 
ATOM   599  C CA  . LEU A 1 78  ? -2.761  -5.730  12.071  1.00 44.78 ? 171 LEU A CA  1 
ATOM   600  C C   . LEU A 1 78  ? -2.956  -4.683  10.960  1.00 40.60 ? 171 LEU A C   1 
ATOM   601  O O   . LEU A 1 78  ? -3.456  -3.633  11.259  1.00 36.86 ? 171 LEU A O   1 
ATOM   602  C CB  . LEU A 1 78  ? -4.079  -6.325  12.437  1.00 52.65 ? 171 LEU A CB  1 
ATOM   603  C CG  . LEU A 1 78  ? -4.668  -7.292  11.441  1.00 57.81 ? 171 LEU A CG  1 
ATOM   604  C CD1 . LEU A 1 78  ? -4.457  -8.716  11.973  1.00 67.07 ? 171 LEU A CD1 1 
ATOM   605  C CD2 . LEU A 1 78  ? -6.144  -6.927  11.184  1.00 64.93 ? 171 LEU A CD2 1 
ATOM   606  N N   . ALA A 1 79  ? -2.512  -4.993  9.722   1.00 35.68 ? 172 ALA A N   1 
ATOM   607  C CA  . ALA A 1 79  ? -2.765  -4.204  8.536   1.00 34.98 ? 172 ALA A CA  1 
ATOM   608  C C   . ALA A 1 79  ? -3.385  -5.083  7.420   1.00 34.80 ? 172 ALA A C   1 
ATOM   609  O O   . ALA A 1 79  ? -2.829  -6.123  7.012   1.00 31.15 ? 172 ALA A O   1 
ATOM   610  C CB  . ALA A 1 79  ? -1.483  -3.497  8.054   1.00 38.30 ? 172 ALA A CB  1 
ATOM   611  N N   . ARG A 1 80  ? -4.561  -4.642  6.936   1.00 29.10 ? 173 ARG A N   1 
ATOM   612  C CA  . ARG A 1 80  ? -5.297  -5.302  5.900   1.00 29.03 ? 173 ARG A CA  1 
ATOM   613  C C   . ARG A 1 80  ? -5.497  -4.371  4.731   1.00 27.52 ? 173 ARG A C   1 
ATOM   614  O O   . ARG A 1 80  ? -6.111  -3.317  4.904   1.00 29.88 ? 173 ARG A O   1 
ATOM   615  C CB  . ARG A 1 80  ? -6.689  -5.743  6.403   1.00 32.31 ? 173 ARG A CB  1 
ATOM   616  C CG  . ARG A 1 80  ? -7.525  -6.356  5.290   1.00 31.43 ? 173 ARG A CG  1 
ATOM   617  C CD  . ARG A 1 80  ? -8.928  -6.630  5.740   1.00 35.66 ? 173 ARG A CD  1 
ATOM   618  N NE  . ARG A 1 80  ? -8.949  -7.703  6.743   1.00 39.40 ? 173 ARG A NE  1 
ATOM   619  C CZ  . ARG A 1 80  ? -10.079 -8.133  7.335   1.00 45.26 ? 173 ARG A CZ  1 
ATOM   620  N NH1 . ARG A 1 80  ? -11.266 -7.575  7.067   1.00 41.59 ? 173 ARG A NH1 1 
ATOM   621  N NH2 . ARG A 1 80  ? -10.023 -9.113  8.194   1.00 43.95 ? 173 ARG A NH2 1 
ATOM   622  N N   . LEU A 1 81  ? -5.050  -4.795  3.529   1.00 27.39 ? 174 LEU A N   1 
ATOM   623  C CA  . LEU A 1 81  ? -5.170  -3.989  2.341   1.00 23.79 ? 174 LEU A CA  1 
ATOM   624  C C   . LEU A 1 81  ? -6.010  -4.754  1.358   1.00 22.72 ? 174 LEU A C   1 
ATOM   625  O O   . LEU A 1 81  ? -5.638  -5.825  0.937   1.00 20.83 ? 174 LEU A O   1 
ATOM   626  C CB  . LEU A 1 81  ? -3.799  -3.641  1.723   1.00 25.20 ? 174 LEU A CB  1 
ATOM   627  C CG  . LEU A 1 81  ? -2.767  -2.974  2.648   1.00 25.74 ? 174 LEU A CG  1 
ATOM   628  C CD1 . LEU A 1 81  ? -1.404  -2.841  1.956   1.00 25.99 ? 174 LEU A CD1 1 
ATOM   629  C CD2 . LEU A 1 81  ? -3.214  -1.592  3.166   1.00 26.24 ? 174 LEU A CD2 1 
ATOM   630  N N   . TYR A 1 82  ? -7.150  -4.169  0.983   1.00 20.93 ? 175 TYR A N   1 
ATOM   631  C CA  . TYR A 1 82  ? -8.009  -4.702  -0.036  1.00 21.30 ? 175 TYR A CA  1 
ATOM   632  C C   . TYR A 1 82  ? -7.385  -4.524  -1.397  1.00 25.04 ? 175 TYR A C   1 
ATOM   633  O O   . TYR A 1 82  ? -6.871  -3.443  -1.687  1.00 24.85 ? 175 TYR A O   1 
ATOM   634  C CB  . TYR A 1 82  ? -9.365  -3.975  0.014   1.00 22.93 ? 175 TYR A CB  1 
ATOM   635  C CG  . TYR A 1 82  ? -10.110 -4.380  1.245   1.00 23.09 ? 175 TYR A CG  1 
ATOM   636  C CD1 . TYR A 1 82  ? -10.793 -5.625  1.306   1.00 26.95 ? 175 TYR A CD1 1 
ATOM   637  C CD2 . TYR A 1 82  ? -10.016 -3.662  2.386   1.00 28.54 ? 175 TYR A CD2 1 
ATOM   638  C CE1 . TYR A 1 82  ? -11.455 -6.039  2.460   1.00 29.02 ? 175 TYR A CE1 1 
ATOM   639  C CE2 . TYR A 1 82  ? -10.637 -4.093  3.567   1.00 29.62 ? 175 TYR A CE2 1 
ATOM   640  C CZ  . TYR A 1 82  ? -11.375 -5.256  3.588   1.00 28.82 ? 175 TYR A CZ  1 
ATOM   641  O OH  . TYR A 1 82  ? -11.954 -5.648  4.770   1.00 33.26 ? 175 TYR A OH  1 
ATOM   642  N N   . ILE A 1 83  ? -7.497  -5.564  -2.251  1.00 23.24 ? 176 ILE A N   1 
ATOM   643  C CA  . ILE A 1 83  ? -6.918  -5.574  -3.526  1.00 25.33 ? 176 ILE A CA  1 
ATOM   644  C C   . ILE A 1 83  ? -7.909  -5.057  -4.578  1.00 25.68 ? 176 ILE A C   1 
ATOM   645  O O   . ILE A 1 83  ? -8.999  -5.590  -4.704  1.00 28.31 ? 176 ILE A O   1 
ATOM   646  C CB  . ILE A 1 83  ? -6.358  -6.966  -3.815  1.00 26.12 ? 176 ILE A CB  1 
ATOM   647  C CG1 . ILE A 1 83  ? -5.188  -7.173  -2.840  1.00 31.15 ? 176 ILE A CG1 1 
ATOM   648  C CG2 . ILE A 1 83  ? -5.788  -7.000  -5.214  1.00 26.24 ? 176 ILE A CG2 1 
ATOM   649  C CD1 . ILE A 1 83  ? -4.678  -8.600  -2.873  1.00 39.95 ? 176 ILE A CD1 1 
ATOM   650  N N   . ILE A 1 84  ? -7.524  -3.991  -5.289  1.00 24.84 ? 177 ILE A N   1 
ATOM   651  C CA  . ILE A 1 84  ? -8.416  -3.266  -6.261  1.00 21.87 ? 177 ILE A CA  1 
ATOM   652  C C   . ILE A 1 84  ? -7.787  -3.176  -7.667  1.00 23.21 ? 177 ILE A C   1 
ATOM   653  O O   . ILE A 1 84  ? -7.129  -2.176  -7.990  1.00 20.93 ? 177 ILE A O   1 
ATOM   654  C CB  . ILE A 1 84  ? -8.700  -1.855  -5.765  1.00 24.08 ? 177 ILE A CB  1 
ATOM   655  C CG1 . ILE A 1 84  ? -9.145  -1.824  -4.270  1.00 25.96 ? 177 ILE A CG1 1 
ATOM   656  C CG2 . ILE A 1 84  ? -9.771  -1.219  -6.604  1.00 23.86 ? 177 ILE A CG2 1 
ATOM   657  C CD1 . ILE A 1 84  ? -10.465 -2.407  -3.970  1.00 27.64 ? 177 ILE A CD1 1 
ATOM   658  N N   . PRO A 1 85  ? -8.009  -4.207  -8.542  1.00 22.47 ? 178 PRO A N   1 
ATOM   659  C CA  . PRO A 1 85  ? -7.375  -4.176  -9.898  1.00 24.44 ? 178 PRO A CA  1 
ATOM   660  C C   . PRO A 1 85  ? -8.147  -3.363  -10.942 1.00 24.84 ? 178 PRO A C   1 
ATOM   661  O O   . PRO A 1 85  ? -9.309  -2.985  -10.733 1.00 27.41 ? 178 PRO A O   1 
ATOM   662  C CB  . PRO A 1 85  ? -7.359  -5.633  -10.339 1.00 23.54 ? 178 PRO A CB  1 
ATOM   663  C CG  . PRO A 1 85  ? -7.966  -6.434  -9.214  1.00 25.77 ? 178 PRO A CG  1 
ATOM   664  C CD  . PRO A 1 85  ? -8.610  -5.515  -8.225  1.00 23.25 ? 178 PRO A CD  1 
ATOM   665  N N   . GLY A 1 86  ? -7.481  -3.071  -12.032 1.00 24.83 ? 179 GLY A N   1 
ATOM   666  C CA  . GLY A 1 86  ? -8.115  -2.444  -13.199 1.00 27.28 ? 179 GLY A CA  1 
ATOM   667  C C   . GLY A 1 86  ? -8.478  -1.004  -13.127 1.00 28.83 ? 179 GLY A C   1 
ATOM   668  O O   . GLY A 1 86  ? -9.445  -0.560  -13.756 1.00 32.46 ? 179 GLY A O   1 
ATOM   669  N N   . ILE A 1 87  ? -7.756  -0.229  -12.335 1.00 27.62 ? 180 ILE A N   1 
ATOM   670  C CA  . ILE A 1 87  ? -7.971  1.200   -12.300 1.00 27.05 ? 180 ILE A CA  1 
ATOM   671  C C   . ILE A 1 87  ? -7.052  1.915   -13.329 1.00 30.19 ? 180 ILE A C   1 
ATOM   672  O O   . ILE A 1 87  ? -5.861  1.791   -13.241 1.00 28.16 ? 180 ILE A O   1 
ATOM   673  C CB  . ILE A 1 87  ? -7.650  1.751   -10.884 1.00 27.71 ? 180 ILE A CB  1 
ATOM   674  C CG1 . ILE A 1 87  ? -8.488  1.024   -9.826  1.00 27.46 ? 180 ILE A CG1 1 
ATOM   675  C CG2 . ILE A 1 87  ? -7.888  3.239   -10.816 1.00 29.58 ? 180 ILE A CG2 1 
ATOM   676  C CD1 . ILE A 1 87  ? -10.003 0.913   -10.215 1.00 28.60 ? 180 ILE A CD1 1 
ATOM   677  N N   . PRO A 1 88  ? -7.618  2.676   -14.297 1.00 30.78 ? 181 PRO A N   1 
ATOM   678  C CA  . PRO A 1 88  ? -6.747  3.223   -15.366 1.00 33.08 ? 181 PRO A CA  1 
ATOM   679  C C   . PRO A 1 88  ? -5.621  4.127   -14.900 1.00 31.94 ? 181 PRO A C   1 
ATOM   680  O O   . PRO A 1 88  ? -5.781  4.945   -13.944 1.00 29.10 ? 181 PRO A O   1 
ATOM   681  C CB  . PRO A 1 88  ? -7.732  3.993   -16.284 1.00 36.60 ? 181 PRO A CB  1 
ATOM   682  C CG  . PRO A 1 88  ? -9.036  3.303   -16.085 1.00 38.63 ? 181 PRO A CG  1 
ATOM   683  C CD  . PRO A 1 88  ? -9.047  2.860   -14.612 1.00 34.72 ? 181 PRO A CD  1 
ATOM   684  N N   . LYS A 1 89  ? -4.486  4.037   -15.591 1.00 32.06 ? 182 LYS A N   1 
ATOM   685  C CA  . LYS A 1 89  ? -3.371  4.883   -15.249 1.00 38.16 ? 182 LYS A CA  1 
ATOM   686  C C   . LYS A 1 89  ? -3.582  6.324   -15.527 1.00 37.61 ? 182 LYS A C   1 
ATOM   687  O O   . LYS A 1 89  ? -2.857  7.123   -14.966 1.00 40.12 ? 182 LYS A O   1 
ATOM   688  C CB  . LYS A 1 89  ? -2.058  4.462   -15.916 1.00 48.27 ? 182 LYS A CB  1 
ATOM   689  C CG  . LYS A 1 89  ? -1.415  3.284   -15.236 1.00 45.21 ? 182 LYS A CG  1 
ATOM   690  C CD  . LYS A 1 89  ? 0.037   3.143   -15.639 1.00 50.52 ? 182 LYS A CD  1 
ATOM   691  C CE  . LYS A 1 89  ? 0.194   2.682   -17.073 1.00 51.86 ? 182 LYS A CE  1 
ATOM   692  N NZ  . LYS A 1 89  ? -0.423  1.328   -17.299 1.00 54.99 ? 182 LYS A NZ  1 
ATOM   693  N N   . ASP A 1 90  ? -4.548  6.707   -16.352 1.00 35.72 ? 183 ASP A N   1 
ATOM   694  C CA  . ASP A 1 90  ? -4.831  8.144   -16.504 1.00 38.51 ? 183 ASP A CA  1 
ATOM   695  C C   . ASP A 1 90  ? -5.787  8.710   -15.442 1.00 40.31 ? 183 ASP A C   1 
ATOM   696  O O   . ASP A 1 90  ? -6.176  9.866   -15.521 1.00 41.31 ? 183 ASP A O   1 
ATOM   697  C CB  . ASP A 1 90  ? -5.307  8.459   -17.930 1.00 42.94 ? 183 ASP A CB  1 
ATOM   698  C CG  . ASP A 1 90  ? -6.638  7.791   -18.294 1.00 49.31 ? 183 ASP A CG  1 
ATOM   699  O OD1 . ASP A 1 90  ? -7.115  6.855   -17.614 1.00 48.96 ? 183 ASP A OD1 1 
ATOM   700  O OD2 . ASP A 1 90  ? -7.224  8.200   -19.303 1.00 58.24 ? 183 ASP A OD2 1 
ATOM   701  N N   . THR A 1 91  ? -6.178  7.926   -14.434 1.00 39.51 ? 184 THR A N   1 
ATOM   702  C CA  . THR A 1 91  ? -6.997  8.477   -13.322 1.00 34.21 ? 184 THR A CA  1 
ATOM   703  C C   . THR A 1 91  ? -6.352  9.669   -12.582 1.00 37.82 ? 184 THR A C   1 
ATOM   704  O O   . THR A 1 91  ? -5.184  9.631   -12.212 1.00 41.98 ? 184 THR A O   1 
ATOM   705  C CB  . THR A 1 91  ? -7.272  7.382   -12.301 1.00 32.27 ? 184 THR A CB  1 
ATOM   706  O OG1 . THR A 1 91  ? -7.890  6.234   -12.943 1.00 30.15 ? 184 THR A OG1 1 
ATOM   707  C CG2 . THR A 1 91  ? -8.128  7.855   -11.189 1.00 31.40 ? 184 THR A CG2 1 
ATOM   708  N N   . LYS A 1 92  ? -7.114  10.716  -12.314 1.00 43.10 ? 185 LYS A N   1 
ATOM   709  C CA  . LYS A 1 92  ? -6.600  11.876  -11.556 1.00 42.18 ? 185 LYS A CA  1 
ATOM   710  C C   . LYS A 1 92  ? -6.721  11.645  -10.068 1.00 40.91 ? 185 LYS A C   1 
ATOM   711  O O   . LYS A 1 92  ? -7.805  11.388  -9.577  1.00 42.89 ? 185 LYS A O   1 
ATOM   712  C CB  . LYS A 1 92  ? -7.325  13.181  -11.981 1.00 48.31 ? 185 LYS A CB  1 
ATOM   713  C CG  . LYS A 1 92  ? -7.054  13.592  -13.438 1.00 48.67 ? 185 LYS A CG  1 
ATOM   714  C CD  . LYS A 1 92  ? -5.698  13.093  -13.976 1.00 53.97 ? 185 LYS A CD  1 
ATOM   715  N N   . PHE A 1 93  ? -5.582  11.647  -9.385  1.00 36.60 ? 186 PHE A N   1 
ATOM   716  C CA  . PHE A 1 93  ? -5.474  11.361  -7.977  1.00 35.48 ? 186 PHE A CA  1 
ATOM   717  C C   . PHE A 1 93  ? -5.093  12.686  -7.322  1.00 40.72 ? 186 PHE A C   1 
ATOM   718  O O   . PHE A 1 93  ? -4.214  13.355  -7.797  1.00 43.00 ? 186 PHE A O   1 
ATOM   719  C CB  . PHE A 1 93  ? -4.387  10.296  -7.709  1.00 33.15 ? 186 PHE A CB  1 
ATOM   720  C CG  . PHE A 1 93  ? -4.744  8.923   -8.201  1.00 32.43 ? 186 PHE A CG  1 
ATOM   721  C CD1 . PHE A 1 93  ? -5.797  8.206   -7.619  1.00 31.27 ? 186 PHE A CD1 1 
ATOM   722  C CD2 . PHE A 1 93  ? -4.079  8.360   -9.278  1.00 29.54 ? 186 PHE A CD2 1 
ATOM   723  C CE1 . PHE A 1 93  ? -6.162  6.956   -8.081  1.00 31.09 ? 186 PHE A CE1 1 
ATOM   724  C CE2 . PHE A 1 93  ? -4.435  7.121   -9.744  1.00 28.08 ? 186 PHE A CE2 1 
ATOM   725  C CZ  . PHE A 1 93  ? -5.461  6.396   -9.154  1.00 31.13 ? 186 PHE A CZ  1 
ATOM   726  N N   . ASN A 1 94  ? -5.742  13.049  -6.232  1.00 48.54 ? 187 ASN A N   1 
ATOM   727  C CA  . ASN A 1 94  ? -5.484  14.303  -5.535  1.00 51.96 ? 187 ASN A CA  1 
ATOM   728  C C   . ASN A 1 94  ? -5.791  14.167  -4.051  1.00 43.19 ? 187 ASN A C   1 
ATOM   729  O O   . ASN A 1 94  ? -6.951  14.140  -3.694  1.00 46.70 ? 187 ASN A O   1 
ATOM   730  C CB  . ASN A 1 94  ? -6.407  15.360  -6.147  1.00 59.33 ? 187 ASN A CB  1 
ATOM   731  C CG  . ASN A 1 94  ? -5.834  15.939  -7.428  1.00 74.27 ? 187 ASN A CG  1 
ATOM   732  O OD1 . ASN A 1 94  ? -6.343  15.708  -8.540  1.00 75.31 ? 187 ASN A OD1 1 
ATOM   733  N ND2 . ASN A 1 94  ? -4.729  16.669  -7.284  1.00 79.94 ? 187 ASN A ND2 1 
ATOM   734  N N   . PRO A 1 95  ? -4.772  14.131  -3.170  1.00 45.38 ? 188 PRO A N   1 
ATOM   735  C CA  . PRO A 1 95  ? -5.104  14.018  -1.735  1.00 40.43 ? 188 PRO A CA  1 
ATOM   736  C C   . PRO A 1 95  ? -5.976  15.144  -1.260  1.00 45.46 ? 188 PRO A C   1 
ATOM   737  O O   . PRO A 1 95  ? -5.918  16.274  -1.790  1.00 49.86 ? 188 PRO A O   1 
ATOM   738  C CB  . PRO A 1 95  ? -3.763  14.113  -1.024  1.00 45.59 ? 188 PRO A CB  1 
ATOM   739  C CG  . PRO A 1 95  ? -2.742  14.299  -2.078  1.00 49.37 ? 188 PRO A CG  1 
ATOM   740  C CD  . PRO A 1 95  ? -3.394  14.577  -3.379  1.00 47.45 ? 188 PRO A CD  1 
ATOM   741  N N   . LYS A 1 96  ? -6.792  14.836  -0.275  1.00 47.80 ? 189 LYS A N   1 
ATOM   742  C CA  . LYS A 1 96  ? -7.485  15.847  0.497   1.00 53.70 ? 189 LYS A CA  1 
ATOM   743  C C   . LYS A 1 96  ? -6.465  16.658  1.320   1.00 58.31 ? 189 LYS A C   1 
ATOM   744  O O   . LYS A 1 96  ? -6.474  17.887  1.270   1.00 56.46 ? 189 LYS A O   1 
ATOM   745  C CB  . LYS A 1 96  ? -8.468  15.230  1.487   1.00 62.42 ? 189 LYS A CB  1 
ATOM   746  C CG  . LYS A 1 96  ? -9.625  14.398  0.908   1.00 74.24 ? 189 LYS A CG  1 
ATOM   747  C CD  . LYS A 1 96  ? -10.334 15.017  -0.288  1.00 75.85 ? 189 LYS A CD  1 
ATOM   748  C CE  . LYS A 1 96  ? -9.802  14.473  -1.606  1.00 75.37 ? 189 LYS A CE  1 
ATOM   749  N NZ  . LYS A 1 96  ? -10.625 14.977  -2.737  1.00 75.09 ? 189 LYS A NZ  1 
ATOM   750  N N   A THR A 1 97  ? -5.557  15.866  1.912   0.25 53.61 ? 190 THR A N   1 
ATOM   751  N N   B THR A 1 97  ? -5.612  16.035  2.124   0.25 57.17 ? 190 THR A N   1 
ATOM   752  C CA  A THR A 1 97  ? -4.687  16.172  3.028   0.25 49.98 ? 190 THR A CA  1 
ATOM   753  C CA  B THR A 1 97  ? -4.722  16.835  2.992   0.25 56.22 ? 190 THR A CA  1 
ATOM   754  C C   A THR A 1 97  ? -3.230  16.339  2.570   0.25 46.65 ? 190 THR A C   1 
ATOM   755  C C   B THR A 1 97  ? -3.279  16.821  2.504   0.25 52.21 ? 190 THR A C   1 
ATOM   756  O O   A THR A 1 97  ? -2.420  15.406  2.722   0.25 39.16 ? 190 THR A O   1 
ATOM   757  O O   B THR A 1 97  ? -2.555  15.821  2.637   0.25 47.00 ? 190 THR A O   1 
ATOM   758  C CB  A THR A 1 97  ? -4.709  14.972  4.033   0.25 47.79 ? 190 THR A CB  1 
ATOM   759  C CB  B THR A 1 97  ? -4.797  16.394  4.464   0.25 55.36 ? 190 THR A CB  1 
ATOM   760  O OG1 A THR A 1 97  ? -4.430  13.739  3.348   0.25 41.36 ? 190 THR A OG1 1 
ATOM   761  O OG1 B THR A 1 97  ? -6.169  16.356  4.876   0.25 59.62 ? 190 THR A OG1 1 
ATOM   762  C CG2 A THR A 1 97  ? -6.069  14.832  4.725   0.25 47.96 ? 190 THR A CG2 1 
ATOM   763  C CG2 B THR A 1 97  ? -4.040  17.362  5.342   0.25 51.07 ? 190 THR A CG2 1 
ATOM   764  N N   A ARG A 1 98  ? -2.876  17.506  2.031   0.25 42.72 ? 191 ARG A N   1 
ATOM   765  N N   B ARG A 1 98  ? -2.856  17.954  1.959   0.25 47.42 ? 191 ARG A N   1 
ATOM   766  C CA  A ARG A 1 98  ? -1.493  17.680  1.571   0.25 43.28 ? 191 ARG A CA  1 
ATOM   767  C CA  B ARG A 1 98  ? -1.484  18.082  1.503   0.25 46.60 ? 191 ARG A CA  1 
ATOM   768  C C   A ARG A 1 98  ? -0.503  18.131  2.661   0.25 41.14 ? 191 ARG A C   1 
ATOM   769  C C   B ARG A 1 98  ? -0.490  18.188  2.659   0.25 42.91 ? 191 ARG A C   1 
ATOM   770  O O   A ARG A 1 98  ? 0.705   18.195  2.418   0.25 39.25 ? 191 ARG A O   1 
ATOM   771  O O   B ARG A 1 98  ? 0.725   18.073  2.456   0.25 40.51 ? 191 ARG A O   1 
ATOM   772  C CB  A ARG A 1 98  ? -1.406  18.510  0.284   0.25 42.91 ? 191 ARG A CB  1 
ATOM   773  C CB  B ARG A 1 98  ? -1.352  19.245  0.538   0.25 48.25 ? 191 ARG A CB  1 
ATOM   774  C CG  A ARG A 1 98  ? -1.478  17.622  -0.963  0.25 42.85 ? 191 ARG A CG  1 
ATOM   775  C CG  B ARG A 1 98  ? -2.272  19.073  -0.657  0.25 49.61 ? 191 ARG A CG  1 
ATOM   776  C CD  A ARG A 1 98  ? -0.695  18.153  -2.162  0.25 41.42 ? 191 ARG A CD  1 
ATOM   777  C CD  B ARG A 1 98  ? -1.526  19.232  -1.970  0.25 50.03 ? 191 ARG A CD  1 
ATOM   778  N NE  A ARG A 1 98  ? 0.711   17.728  -2.203  0.25 38.45 ? 191 ARG A NE  1 
ATOM   779  N NE  B ARG A 1 98  ? -2.224  18.511  -3.025  0.25 50.70 ? 191 ARG A NE  1 
ATOM   780  C CZ  A ARG A 1 98  ? 1.661   18.396  -2.856  0.25 37.80 ? 191 ARG A CZ  1 
ATOM   781  C CZ  B ARG A 1 98  ? -3.158  19.051  -3.794  0.25 51.71 ? 191 ARG A CZ  1 
ATOM   782  N NH1 A ARG A 1 98  ? 1.370   19.531  -3.483  0.25 37.70 ? 191 ARG A NH1 1 
ATOM   783  N NH1 B ARG A 1 98  ? -3.489  20.326  -3.636  0.25 54.85 ? 191 ARG A NH1 1 
ATOM   784  N NH2 A ARG A 1 98  ? 2.908   17.967  -2.855  0.25 35.33 ? 191 ARG A NH2 1 
ATOM   785  N NH2 B ARG A 1 98  ? -3.756  18.319  -4.718  0.25 51.89 ? 191 ARG A NH2 1 
ATOM   786  N N   . ARG A 1 99  ? -1.005  18.365  3.875   1.00 39.44 ? 192 ARG A N   1 
ATOM   787  C CA  . ARG A 1 99  ? -0.172  18.329  5.076   1.00 38.88 ? 192 ARG A CA  1 
ATOM   788  C C   . ARG A 1 99  ? 0.303   16.941  5.377   1.00 37.56 ? 192 ARG A C   1 
ATOM   789  O O   . ARG A 1 99  ? 1.212   16.794  6.195   1.00 32.26 ? 192 ARG A O   1 
ATOM   790  C CB  . ARG A 1 99  ? -0.925  18.837  6.304   1.00 47.88 ? 192 ARG A CB  1 
ATOM   791  C CG  . ARG A 1 99  ? -1.256  20.300  6.247   1.00 54.58 ? 192 ARG A CG  1 
ATOM   792  C CD  . ARG A 1 99  ? -1.860  20.769  7.575   1.00 67.22 ? 192 ARG A CD  1 
ATOM   793  N NE  . ARG A 1 99  ? -1.507  22.163  7.819   1.00 72.08 ? 192 ARG A NE  1 
ATOM   794  C CZ  . ARG A 1 99  ? -2.026  23.208  7.185   1.00 72.16 ? 192 ARG A CZ  1 
ATOM   795  N NH1 . ARG A 1 99  ? -2.970  23.052  6.262   1.00 79.31 ? 192 ARG A NH1 1 
ATOM   796  N NH2 . ARG A 1 99  ? -1.594  24.436  7.482   1.00 73.26 ? 192 ARG A NH2 1 
ATOM   797  N N   . GLU A 1 100 ? -0.322  15.896  4.786   1.00 33.33 ? 193 GLU A N   1 
ATOM   798  C CA  . GLU A 1 100 ? 0.109   14.523  5.057   1.00 33.75 ? 193 GLU A CA  1 
ATOM   799  C C   . GLU A 1 100 ? 0.753   13.795  3.913   1.00 25.14 ? 193 GLU A C   1 
ATOM   800  O O   . GLU A 1 100 ? 1.560   12.912  4.174   1.00 31.14 ? 193 GLU A O   1 
ATOM   801  C CB  . GLU A 1 100 ? -1.105  13.710  5.563   1.00 44.61 ? 193 GLU A CB  1 
ATOM   802  C CG  . GLU A 1 100 ? -1.835  14.497  6.642   1.00 56.69 ? 193 GLU A CG  1 
ATOM   803  C CD  . GLU A 1 100 ? -2.967  13.755  7.316   1.00 71.57 ? 193 GLU A CD  1 
ATOM   804  O OE1 . GLU A 1 100 ? -2.670  12.757  8.026   1.00 68.31 ? 193 GLU A OE1 1 
ATOM   805  O OE2 . GLU A 1 100 ? -4.145  14.206  7.155   1.00 81.52 ? 193 GLU A OE2 1 
ATOM   806  N N   . ILE A 1 101 ? 0.368   14.109  2.676   1.00 26.39 ? 194 ILE A N   1 
ATOM   807  C CA  . ILE A 1 101 ? 0.810   13.406  1.490   1.00 27.83 ? 194 ILE A CA  1 
ATOM   808  C C   . ILE A 1 101 ? 1.645   14.350  0.610   1.00 28.26 ? 194 ILE A C   1 
ATOM   809  O O   . ILE A 1 101 ? 1.140   15.375  0.113   1.00 25.77 ? 194 ILE A O   1 
ATOM   810  C CB  . ILE A 1 101 ? -0.387  12.771  0.688   1.00 29.91 ? 194 ILE A CB  1 
ATOM   811  C CG1 . ILE A 1 101 ? -1.234  11.825  1.569   1.00 30.47 ? 194 ILE A CG1 1 
ATOM   812  C CG2 . ILE A 1 101 ? 0.088   12.073  -0.578  1.00 28.30 ? 194 ILE A CG2 1 
ATOM   813  C CD1 . ILE A 1 101 ? -0.497  10.652  2.146   1.00 30.58 ? 194 ILE A CD1 1 
ATOM   814  N N   . ARG A 1 102 ? 2.896   13.962  0.377   1.00 27.05 ? 195 ARG A N   1 
ATOM   815  C CA  . ARG A 1 102 ? 3.807   14.710  -0.503  1.00 27.06 ? 195 ARG A CA  1 
ATOM   816  C C   . ARG A 1 102 ? 3.523   14.434  -1.988  1.00 30.55 ? 195 ARG A C   1 
ATOM   817  O O   . ARG A 1 102 ? 3.584   15.348  -2.829  1.00 30.67 ? 195 ARG A O   1 
ATOM   818  C CB  . ARG A 1 102 ? 5.294   14.423  -0.203  1.00 25.03 ? 195 ARG A CB  1 
ATOM   819  C CG  . ARG A 1 102 ? 6.228   15.446  -0.888  1.00 25.58 ? 195 ARG A CG  1 
ATOM   820  C CD  . ARG A 1 102 ? 7.665   15.016  -0.957  1.00 24.07 ? 195 ARG A CD  1 
ATOM   821  N NE  . ARG A 1 102 ? 8.261   14.929  0.363   1.00 25.88 ? 195 ARG A NE  1 
ATOM   822  C CZ  . ARG A 1 102 ? 8.778   15.981  1.001   1.00 27.73 ? 195 ARG A CZ  1 
ATOM   823  N NH1 . ARG A 1 102 ? 8.794   17.228  0.442   1.00 27.14 ? 195 ARG A NH1 1 
ATOM   824  N NH2 . ARG A 1 102 ? 9.310   15.790  2.178   1.00 27.74 ? 195 ARG A NH2 1 
ATOM   825  N N   . ASN A 1 103 ? 3.310   13.165  -2.314  1.00 29.06 ? 196 ASN A N   1 
ATOM   826  C CA  . ASN A 1 103 ? 3.251   12.708  -3.729  1.00 28.69 ? 196 ASN A CA  1 
ATOM   827  C C   . ASN A 1 103 ? 2.514   11.367  -3.845  1.00 24.60 ? 196 ASN A C   1 
ATOM   828  O O   . ASN A 1 103 ? 2.275   10.698  -2.845  1.00 24.21 ? 196 ASN A O   1 
ATOM   829  C CB  . ASN A 1 103 ? 4.677   12.611  -4.299  1.00 28.18 ? 196 ASN A CB  1 
ATOM   830  C CG  . ASN A 1 103 ? 4.721   12.896  -5.801  1.00 31.90 ? 196 ASN A CG  1 
ATOM   831  O OD1 . ASN A 1 103 ? 3.671   13.048  -6.441  1.00 32.08 ? 196 ASN A OD1 1 
ATOM   832  N ND2 . ASN A 1 103 ? 5.928   12.897  -6.383  1.00 30.64 ? 196 ASN A ND2 1 
ATOM   833  N N   . ILE A 1 104 ? 2.054   11.061  -5.036  1.00 25.98 ? 197 ILE A N   1 
ATOM   834  C CA  . ILE A 1 104 ? 1.242   9.905   -5.359  1.00 26.76 ? 197 ILE A CA  1 
ATOM   835  C C   . ILE A 1 104 ? 1.773   9.415   -6.698  1.00 26.41 ? 197 ILE A C   1 
ATOM   836  O O   . ILE A 1 104 ? 1.771   10.198  -7.642  1.00 25.47 ? 197 ILE A O   1 
ATOM   837  C CB  . ILE A 1 104 ? -0.260  10.245  -5.558  1.00 27.12 ? 197 ILE A CB  1 
ATOM   838  C CG1 . ILE A 1 104 ? -0.891  10.705  -4.254  1.00 30.92 ? 197 ILE A CG1 1 
ATOM   839  C CG2 . ILE A 1 104 ? -1.023  8.955   -5.971  1.00 28.08 ? 197 ILE A CG2 1 
ATOM   840  C CD1 . ILE A 1 104 ? -2.305  11.270  -4.364  1.00 36.05 ? 197 ILE A CD1 1 
ATOM   841  N N   . GLU A 1 105 ? 2.221   8.170   -6.798  1.00 26.68 ? 198 GLU A N   1 
ATOM   842  C CA  . GLU A 1 105 ? 2.775   7.657   -8.092  1.00 25.55 ? 198 GLU A CA  1 
ATOM   843  C C   . GLU A 1 105 ? 2.541   6.191   -8.330  1.00 22.89 ? 198 GLU A C   1 
ATOM   844  O O   . GLU A 1 105 ? 2.453   5.362   -7.382  1.00 24.48 ? 198 GLU A O   1 
ATOM   845  C CB  . GLU A 1 105 ? 4.310   7.866   -8.234  1.00 31.87 ? 198 GLU A CB  1 
ATOM   846  C CG  . GLU A 1 105 ? 4.820   9.286   -8.438  1.00 39.22 ? 198 GLU A CG  1 
ATOM   847  C CD  . GLU A 1 105 ? 6.381   9.378   -8.464  1.00 49.20 ? 198 GLU A CD  1 
ATOM   848  O OE1 . GLU A 1 105 ? 7.063   8.383   -8.854  1.00 42.03 ? 198 GLU A OE1 1 
ATOM   849  O OE2 . GLU A 1 105 ? 6.930   10.467  -8.112  1.00 58.74 ? 198 GLU A OE2 1 
ATOM   850  N N   . TRP A 1 106 ? 2.542   5.826   -9.613  1.00 21.86 ? 199 TRP A N   1 
ATOM   851  C CA  . TRP A 1 106 ? 2.514   4.416   -10.029 1.00 25.13 ? 199 TRP A CA  1 
ATOM   852  C C   . TRP A 1 106 ? 3.949   3.850   -10.100 1.00 28.40 ? 199 TRP A C   1 
ATOM   853  O O   . TRP A 1 106 ? 4.866   4.553   -10.595 1.00 23.93 ? 199 TRP A O   1 
ATOM   854  C CB  . TRP A 1 106 ? 1.902   4.266   -11.468 1.00 27.10 ? 199 TRP A CB  1 
ATOM   855  C CG  . TRP A 1 106 ? 0.453   4.559   -11.611 1.00 25.39 ? 199 TRP A CG  1 
ATOM   856  C CD1 . TRP A 1 106 ? -0.146  5.756   -12.121 1.00 28.32 ? 199 TRP A CD1 1 
ATOM   857  C CD2 . TRP A 1 106 ? -0.652  3.683   -11.280 1.00 25.48 ? 199 TRP A CD2 1 
ATOM   858  N NE1 . TRP A 1 106 ? -1.526  5.640   -12.036 1.00 30.45 ? 199 TRP A NE1 1 
ATOM   859  C CE2 . TRP A 1 106 ? -1.861  4.403   -11.532 1.00 27.62 ? 199 TRP A CE2 1 
ATOM   860  C CE3 . TRP A 1 106 ? -0.741  2.415   -10.720 1.00 27.02 ? 199 TRP A CE3 1 
ATOM   861  C CZ2 . TRP A 1 106 ? -3.135  3.839   -11.308 1.00 28.19 ? 199 TRP A CZ2 1 
ATOM   862  C CZ3 . TRP A 1 106 ? -2.040  1.829   -10.487 1.00 26.20 ? 199 TRP A CZ3 1 
ATOM   863  C CH2 . TRP A 1 106 ? -3.201  2.543   -10.814 1.00 27.72 ? 199 TRP A CH2 1 
ATOM   864  N N   . PHE A 1 107 ? 4.130   2.606   -9.634  1.00 25.23 ? 200 PHE A N   1 
ATOM   865  C CA  . PHE A 1 107 ? 5.403   1.916   -9.627  1.00 24.51 ? 200 PHE A CA  1 
ATOM   866  C C   . PHE A 1 107 ? 5.208   0.568   -10.263 1.00 24.47 ? 200 PHE A C   1 
ATOM   867  O O   . PHE A 1 107 ? 4.194   -0.121  -10.037 1.00 25.56 ? 200 PHE A O   1 
ATOM   868  C CB  . PHE A 1 107 ? 5.976   1.784   -8.196  1.00 26.42 ? 200 PHE A CB  1 
ATOM   869  C CG  . PHE A 1 107 ? 6.461   3.127   -7.605  1.00 24.59 ? 200 PHE A CG  1 
ATOM   870  C CD1 . PHE A 1 107 ? 5.580   3.949   -6.883  1.00 26.96 ? 200 PHE A CD1 1 
ATOM   871  C CD2 . PHE A 1 107 ? 7.776   3.594   -7.857  1.00 24.28 ? 200 PHE A CD2 1 
ATOM   872  C CE1 . PHE A 1 107 ? 6.012   5.186   -6.378  1.00 27.09 ? 200 PHE A CE1 1 
ATOM   873  C CE2 . PHE A 1 107 ? 8.211   4.836   -7.385  1.00 24.66 ? 200 PHE A CE2 1 
ATOM   874  C CZ  . PHE A 1 107 ? 7.308   5.630   -6.622  1.00 26.08 ? 200 PHE A CZ  1 
ATOM   875  N N   . SER A 1 108 ? 6.224   0.149   -11.038 1.00 22.93 ? 201 SER A N   1 
ATOM   876  C CA  . SER A 1 108 ? 6.291   -1.200  -11.573 1.00 23.88 ? 201 SER A CA  1 
ATOM   877  C C   . SER A 1 108 ? 6.481   -2.229  -10.463 1.00 24.70 ? 201 SER A C   1 
ATOM   878  O O   . SER A 1 108 ? 7.495   -2.180  -9.725  1.00 26.08 ? 201 SER A O   1 
ATOM   879  C CB  . SER A 1 108 ? 7.425   -1.314  -12.652 1.00 26.44 ? 201 SER A CB  1 
ATOM   880  O OG  . SER A 1 108 ? 7.676   -2.655  -12.980 1.00 30.58 ? 201 SER A OG  1 
ATOM   881  N N   . ILE A 1 109 ? 5.566   -3.217  -10.378 1.00 22.75 ? 202 ILE A N   1 
ATOM   882  C CA  . ILE A 1 109 ? 5.643   -4.231  -9.336  1.00 26.61 ? 202 ILE A CA  1 
ATOM   883  C C   . ILE A 1 109 ? 6.913   -5.079  -9.449  1.00 31.66 ? 202 ILE A C   1 
ATOM   884  O O   . ILE A 1 109 ? 7.600   -5.374  -8.430  1.00 27.32 ? 202 ILE A O   1 
ATOM   885  C CB  . ILE A 1 109 ? 4.427   -5.161  -9.360  1.00 33.99 ? 202 ILE A CB  1 
ATOM   886  C CG1 . ILE A 1 109 ? 3.159   -4.408  -8.976  1.00 38.02 ? 202 ILE A CG1 1 
ATOM   887  C CG2 . ILE A 1 109 ? 4.592   -6.308  -8.397  1.00 34.24 ? 202 ILE A CG2 1 
ATOM   888  C CD1 . ILE A 1 109 ? 1.882   -5.152  -9.366  1.00 42.81 ? 202 ILE A CD1 1 
ATOM   889  N N   . GLU A 1 110 ? 7.296   -5.421  -10.671 1.00 28.13 ? 203 GLU A N   1 
ATOM   890  C CA  . GLU A 1 110 ? 8.496   -6.270  -10.799 1.00 34.67 ? 203 GLU A CA  1 
ATOM   891  C C   . GLU A 1 110 ? 9.826   -5.584  -10.449 1.00 32.12 ? 203 GLU A C   1 
ATOM   892  O O   . GLU A 1 110 ? 10.806  -6.247  -10.134 1.00 34.18 ? 203 GLU A O   1 
ATOM   893  C CB  . GLU A 1 110 ? 8.512   -6.986  -12.172 1.00 37.63 ? 203 GLU A CB  1 
ATOM   894  C CG  . GLU A 1 110 ? 8.898   -6.133  -13.325 1.00 41.22 ? 203 GLU A CG  1 
ATOM   895  C CD  . GLU A 1 110 ? 8.905   -6.934  -14.657 1.00 51.12 ? 203 GLU A CD  1 
ATOM   896  O OE1 . GLU A 1 110 ? 8.366   -8.058  -14.728 1.00 50.83 ? 203 GLU A OE1 1 
ATOM   897  O OE2 . GLU A 1 110 ? 9.474   -6.438  -15.635 1.00 49.44 ? 203 GLU A OE2 1 
ATOM   898  N N   . LYS A 1 111 ? 9.836   -4.250  -10.454 1.00 32.19 ? 204 LYS A N   1 
ATOM   899  C CA  . LYS A 1 111 ? 11.003  -3.466  -10.053 1.00 30.33 ? 204 LYS A CA  1 
ATOM   900  C C   . LYS A 1 111 ? 11.036  -3.101  -8.567  1.00 30.63 ? 204 LYS A C   1 
ATOM   901  O O   . LYS A 1 111 ? 12.066  -2.618  -8.124  1.00 27.56 ? 204 LYS A O   1 
ATOM   902  C CB  . LYS A 1 111 ? 11.056  -2.153  -10.815 1.00 33.79 ? 204 LYS A CB  1 
ATOM   903  C CG  . LYS A 1 111 ? 11.189  -2.395  -12.293 1.00 42.07 ? 204 LYS A CG  1 
ATOM   904  C CD  . LYS A 1 111 ? 11.455  -1.108  -13.049 1.00 43.76 ? 204 LYS A CD  1 
ATOM   905  C CE  . LYS A 1 111 ? 12.374  -1.499  -14.207 1.00 56.09 ? 204 LYS A CE  1 
ATOM   906  N NZ  . LYS A 1 111 ? 12.005  -0.734  -15.392 1.00 61.63 ? 204 LYS A NZ  1 
ATOM   907  N N   . LEU A 1 112 ? 9.932   -3.266  -7.824  1.00 27.63 ? 205 LEU A N   1 
ATOM   908  C CA  . LEU A 1 112 ? 9.908   -2.933  -6.413  1.00 26.69 ? 205 LEU A CA  1 
ATOM   909  C C   . LEU A 1 112 ? 10.672  -4.026  -5.659  1.00 27.61 ? 205 LEU A C   1 
ATOM   910  O O   . LEU A 1 112 ? 10.623  -5.187  -6.025  1.00 29.36 ? 205 LEU A O   1 
ATOM   911  C CB  . LEU A 1 112 ? 8.470   -2.809  -5.840  1.00 25.57 ? 205 LEU A CB  1 
ATOM   912  C CG  . LEU A 1 112 ? 7.639   -1.616  -6.370  1.00 24.73 ? 205 LEU A CG  1 
ATOM   913  C CD1 . LEU A 1 112 ? 6.160   -1.746  -6.052  1.00 26.19 ? 205 LEU A CD1 1 
ATOM   914  C CD2 . LEU A 1 112 ? 8.260   -0.364  -5.726  1.00 26.66 ? 205 LEU A CD2 1 
ATOM   915  N N   . PRO A 1 113 ? 11.343  -3.651  -4.569  1.00 29.13 ? 206 PRO A N   1 
ATOM   916  C CA  . PRO A 1 113 ? 12.066  -4.635  -3.763  1.00 30.00 ? 206 PRO A CA  1 
ATOM   917  C C   . PRO A 1 113 ? 11.086  -5.427  -2.883  1.00 30.69 ? 206 PRO A C   1 
ATOM   918  O O   . PRO A 1 113 ? 10.048  -4.873  -2.441  1.00 25.95 ? 206 PRO A O   1 
ATOM   919  C CB  . PRO A 1 113 ? 13.008  -3.759  -2.895  1.00 29.52 ? 206 PRO A CB  1 
ATOM   920  C CG  . PRO A 1 113 ? 12.222  -2.493  -2.721  1.00 34.19 ? 206 PRO A CG  1 
ATOM   921  C CD  . PRO A 1 113 ? 11.498  -2.272  -4.062  1.00 31.22 ? 206 PRO A CD  1 
ATOM   922  N N   . CYS A 1 114 ? 11.348  -6.711  -2.685  1.00 29.43 ? 207 CYS A N   1 
ATOM   923  C CA  . CYS A 1 114 ? 10.626  -7.459  -1.673  1.00 33.03 ? 207 CYS A CA  1 
ATOM   924  C C   . CYS A 1 114 ? 11.471  -7.721  -0.386  1.00 35.35 ? 207 CYS A C   1 
ATOM   925  O O   . CYS A 1 114 ? 10.997  -8.406  0.515   1.00 32.97 ? 207 CYS A O   1 
ATOM   926  C CB  . CYS A 1 114 ? 10.076  -8.713  -2.236  1.00 36.18 ? 207 CYS A CB  1 
ATOM   927  S SG  . CYS A 1 114 ? 11.352  -9.830  -2.734  1.00 51.54 ? 207 CYS A SG  1 
ATOM   928  N N   . HIS A 1 115 ? 12.628  -7.062  -0.250  1.00 30.10 ? 208 HIS A N   1 
ATOM   929  C CA  . HIS A 1 115 ? 13.396  -7.111  1.022   1.00 35.20 ? 208 HIS A CA  1 
ATOM   930  C C   . HIS A 1 115 ? 14.369  -5.970  0.986   1.00 39.02 ? 208 HIS A C   1 
ATOM   931  O O   . HIS A 1 115 ? 14.623  -5.400  -0.098  1.00 37.08 ? 208 HIS A O   1 
ATOM   932  C CB  . HIS A 1 115 ? 14.124  -8.490  1.134   1.00 38.43 ? 208 HIS A CB  1 
ATOM   933  C CG  . HIS A 1 115 ? 15.133  -8.728  0.043   1.00 37.25 ? 208 HIS A CG  1 
ATOM   934  N ND1 . HIS A 1 115 ? 16.391  -8.158  0.062   1.00 38.60 ? 208 HIS A ND1 1 
ATOM   935  C CD2 . HIS A 1 115 ? 15.025  -9.342  -1.163  1.00 39.53 ? 208 HIS A CD2 1 
ATOM   936  C CE1 . HIS A 1 115 ? 17.041  -8.468  -1.052  1.00 38.44 ? 208 HIS A CE1 1 
ATOM   937  N NE2 . HIS A 1 115 ? 16.235  -9.182  -1.816  1.00 36.84 ? 208 HIS A NE2 1 
ATOM   938  N N   A ARG A 1 116 ? 14.889  -5.540  2.142   0.45 41.46 ? 209 ARG A N   1 
ATOM   939  N N   B ARG A 1 116 ? 14.945  -5.666  2.142   0.05 38.94 ? 209 ARG A N   1 
ATOM   940  C CA  A ARG A 1 116 ? 16.036  -4.608  2.125   0.45 41.59 ? 209 ARG A CA  1 
ATOM   941  C CA  B ARG A 1 116 ? 16.037  -4.716  2.235   0.05 39.47 ? 209 ARG A CA  1 
ATOM   942  C C   A ARG A 1 116 ? 17.363  -5.369  2.065   0.45 40.80 ? 209 ARG A C   1 
ATOM   943  C C   B ARG A 1 116 ? 17.373  -5.423  2.049   0.05 41.30 ? 209 ARG A C   1 
ATOM   944  O O   A ARG A 1 116 ? 17.458  -6.521  2.429   0.45 39.69 ? 209 ARG A O   1 
ATOM   945  O O   B ARG A 1 116 ? 17.490  -6.613  2.342   0.05 41.50 ? 209 ARG A O   1 
ATOM   946  C CB  A ARG A 1 116 ? 16.008  -3.670  3.301   0.45 41.05 ? 209 ARG A CB  1 
ATOM   947  C CB  B ARG A 1 116 ? 16.016  -4.028  3.584   0.05 37.98 ? 209 ARG A CB  1 
ATOM   948  C CG  A ARG A 1 116 ? 14.908  -2.645  3.165   0.45 43.57 ? 209 ARG A CG  1 
ATOM   949  C CG  B ARG A 1 116 ? 16.840  -2.775  3.537   0.05 36.76 ? 209 ARG A CG  1 
ATOM   950  C CD  A ARG A 1 116 ? 14.292  -2.379  4.500   0.45 44.84 ? 209 ARG A CD  1 
ATOM   951  C CD  B ARG A 1 116 ? 16.627  -2.156  2.174   0.05 35.77 ? 209 ARG A CD  1 
ATOM   952  N NE  A ARG A 1 116 ? 15.037  -1.365  5.198   0.45 45.53 ? 209 ARG A NE  1 
ATOM   953  N NE  B ARG A 1 116 ? 17.694  -1.242  1.760   0.05 34.09 ? 209 ARG A NE  1 
ATOM   954  C CZ  A ARG A 1 116 ? 15.180  -1.297  6.515   0.45 50.73 ? 209 ARG A CZ  1 
ATOM   955  C CZ  B ARG A 1 116 ? 18.150  -1.132  0.514   0.05 33.92 ? 209 ARG A CZ  1 
ATOM   956  N NH1 A ARG A 1 116 ? 14.663  -2.225  7.314   0.45 52.88 ? 209 ARG A NH1 1 
ATOM   957  N NH1 B ARG A 1 116 ? 19.106  -0.259  0.226   0.05 34.00 ? 209 ARG A NH1 1 
ATOM   958  N NH2 A ARG A 1 116 ? 15.871  -0.295  7.036   0.45 48.56 ? 209 ARG A NH2 1 
ATOM   959  N NH2 B ARG A 1 116 ? 17.665  -1.904  -0.446  0.05 33.25 ? 209 ARG A NH2 1 
ATOM   960  N N   . ASN A 1 117 ? 18.378  -4.694  1.561   1.00 44.89 ? 210 ASN A N   1 
ATOM   961  C CA  . ASN A 1 117 ? 19.709  -5.233  1.398   1.00 45.70 ? 210 ASN A CA  1 
ATOM   962  C C   . ASN A 1 117 ? 20.398  -5.130  2.721   1.00 45.53 ? 210 ASN A C   1 
ATOM   963  O O   . ASN A 1 117 ? 20.161  -4.156  3.486   1.00 37.27 ? 210 ASN A O   1 
ATOM   964  C CB  . ASN A 1 117 ? 20.437  -4.359  0.382   1.00 51.34 ? 210 ASN A CB  1 
ATOM   965  C CG  . ASN A 1 117 ? 19.758  -4.375  -0.972  1.00 50.46 ? 210 ASN A CG  1 
ATOM   966  O OD1 . ASN A 1 117 ? 19.004  -5.314  -1.284  1.00 47.25 ? 210 ASN A OD1 1 
ATOM   967  N ND2 . ASN A 1 117 ? 20.006  -3.347  -1.762  1.00 48.53 ? 210 ASN A ND2 1 
ATOM   968  N N   . ASP A 1 118 ? 21.259  -6.118  2.989   1.00 45.46 ? 211 ASP A N   1 
ATOM   969  C CA  . ASP A 1 118 ? 22.075  -6.102  4.209   1.00 50.63 ? 211 ASP A CA  1 
ATOM   970  C C   . ASP A 1 118 ? 23.305  -5.184  3.965   1.00 51.23 ? 211 ASP A C   1 
ATOM   971  O O   . ASP A 1 118 ? 23.336  -4.448  2.945   1.00 43.88 ? 211 ASP A O   1 
ATOM   972  C CB  . ASP A 1 118 ? 22.391  -7.539  4.690   1.00 50.73 ? 211 ASP A CB  1 
ATOM   973  C CG  . ASP A 1 118 ? 23.323  -8.296  3.773   1.00 52.23 ? 211 ASP A CG  1 
ATOM   974  O OD1 . ASP A 1 118 ? 24.028  -7.690  2.937   1.00 45.06 ? 211 ASP A OD1 1 
ATOM   975  O OD2 . ASP A 1 118 ? 23.373  -9.531  3.947   1.00 69.55 ? 211 ASP A OD2 1 
ATOM   976  N N   . MET A 1 119 ? 24.261  -5.190  4.915   1.00 51.82 ? 212 MET A N   1 
ATOM   977  C CA  . MET A 1 119 ? 25.535  -4.430  4.823   1.00 50.65 ? 212 MET A CA  1 
ATOM   978  C C   . MET A 1 119 ? 26.758  -5.346  5.094   1.00 51.39 ? 212 MET A C   1 
ATOM   979  O O   . MET A 1 119 ? 27.773  -4.946  5.685   1.00 53.88 ? 212 MET A O   1 
ATOM   980  C CB  . MET A 1 119 ? 25.461  -3.260  5.776   1.00 46.67 ? 212 MET A CB  1 
ATOM   981  C CG  . MET A 1 119 ? 24.169  -2.501  5.541   1.00 51.98 ? 212 MET A CG  1 
ATOM   982  S SD  . MET A 1 119 ? 24.161  -0.878  6.217   1.00 55.21 ? 212 MET A SD  1 
ATOM   983  C CE  . MET A 1 119 ? 24.157  -1.299  7.957   1.00 64.46 ? 212 MET A CE  1 
ATOM   984  N N   . THR A 1 120 ? 26.637  -6.579  4.614   1.00 49.44 ? 213 THR A N   1 
ATOM   985  C CA  . THR A 1 120 ? 27.661  -7.583  4.699   1.00 55.78 ? 213 THR A CA  1 
ATOM   986  C C   . THR A 1 120 ? 28.908  -7.214  3.869   1.00 64.01 ? 213 THR A C   1 
ATOM   987  O O   . THR A 1 120 ? 29.956  -7.778  4.161   1.00 60.56 ? 213 THR A O   1 
ATOM   988  C CB  . THR A 1 120 ? 27.114  -8.975  4.295   1.00 60.07 ? 213 THR A CB  1 
ATOM   989  O OG1 . THR A 1 120 ? 26.391  -8.874  3.063   1.00 71.69 ? 213 THR A OG1 1 
ATOM   990  C CG2 . THR A 1 120 ? 26.153  -9.516  5.330   1.00 62.24 ? 213 THR A CG2 1 
ATOM   991  N N   . PRO A 1 121 ? 28.802  -6.285  2.850   1.00 68.42 ? 214 PRO A N   1 
ATOM   992  C CA  . PRO A 1 121 ? 30.074  -5.782  2.298   1.00 69.32 ? 214 PRO A CA  1 
ATOM   993  C C   . PRO A 1 121 ? 30.885  -4.910  3.292   1.00 70.60 ? 214 PRO A C   1 
ATOM   994  O O   . PRO A 1 121 ? 32.119  -4.958  3.272   1.00 72.49 ? 214 PRO A O   1 
ATOM   995  C CB  . PRO A 1 121 ? 29.646  -5.002  1.026   1.00 66.38 ? 214 PRO A CB  1 
ATOM   996  C CG  . PRO A 1 121 ? 28.202  -4.684  1.235   1.00 74.40 ? 214 PRO A CG  1 
ATOM   997  C CD  . PRO A 1 121 ? 27.675  -5.900  1.959   1.00 74.65 ? 214 PRO A CD  1 
ATOM   998  N N   . LYS A 1 122 ? 30.226  -4.157  4.169   1.00 66.07 ? 215 LYS A N   1 
ATOM   999  C CA  . LYS A 1 122 ? 30.937  -3.403  5.205   1.00 62.41 ? 215 LYS A CA  1 
ATOM   1000 C C   . LYS A 1 122 ? 31.151  -4.182  6.559   1.00 59.58 ? 215 LYS A C   1 
ATOM   1001 O O   . LYS A 1 122 ? 31.514  -3.561  7.556   1.00 68.70 ? 215 LYS A O   1 
ATOM   1002 C CB  . LYS A 1 122 ? 30.215  -2.062  5.440   1.00 61.24 ? 215 LYS A CB  1 
ATOM   1003 C CG  . LYS A 1 122 ? 31.123  -0.934  5.913   1.00 61.64 ? 215 LYS A CG  1 
ATOM   1004 N N   . SER A 1 123 ? 30.961  -5.515  6.611   1.00 57.34 ? 216 SER A N   1 
ATOM   1005 C CA  . SER A 1 123 ? 31.025  -6.283  7.903   1.00 50.70 ? 216 SER A CA  1 
ATOM   1006 C C   . SER A 1 123 ? 30.241  -5.646  9.100   1.00 46.92 ? 216 SER A C   1 
ATOM   1007 O O   . SER A 1 123 ? 30.674  -5.701  10.272  1.00 44.44 ? 216 SER A O   1 
ATOM   1008 C CB  . SER A 1 123 ? 32.488  -6.503  8.295   1.00 51.66 ? 216 SER A CB  1 
ATOM   1009 O OG  . SER A 1 123 ? 33.062  -7.435  7.446   1.00 54.70 ? 216 SER A OG  1 
ATOM   1010 N N   . LYS A 1 124 ? 29.080  -5.052  8.767   1.00 38.23 ? 217 LYS A N   1 
ATOM   1011 C CA  . LYS A 1 124 ? 28.208  -4.361  9.659   1.00 34.63 ? 217 LYS A CA  1 
ATOM   1012 C C   . LYS A 1 124 ? 26.810  -5.083  9.684   1.00 37.35 ? 217 LYS A C   1 
ATOM   1013 O O   . LYS A 1 124 ? 26.278  -5.528  8.610   1.00 34.66 ? 217 LYS A O   1 
ATOM   1014 C CB  . LYS A 1 124 ? 28.090  -2.956  9.090   1.00 40.42 ? 217 LYS A CB  1 
ATOM   1015 C CG  . LYS A 1 124 ? 27.643  -1.834  9.991   1.00 42.81 ? 217 LYS A CG  1 
ATOM   1016 C CD  . LYS A 1 124 ? 27.857  -0.501  9.239   1.00 43.35 ? 217 LYS A CD  1 
ATOM   1017 N N   . LEU A 1 125 ? 26.224  -5.145  10.876  1.00 32.78 ? 218 LEU A N   1 
ATOM   1018 C CA  . LEU A 1 125 ? 24.860  -5.630  11.080  1.00 34.24 ? 218 LEU A CA  1 
ATOM   1019 C C   . LEU A 1 125 ? 23.771  -4.636  10.715  1.00 32.39 ? 218 LEU A C   1 
ATOM   1020 O O   . LEU A 1 125 ? 23.962  -3.439  10.874  1.00 31.99 ? 218 LEU A O   1 
ATOM   1021 C CB  . LEU A 1 125 ? 24.618  -5.917  12.579  1.00 30.55 ? 218 LEU A CB  1 
ATOM   1022 C CG  . LEU A 1 125 ? 25.582  -6.972  13.192  1.00 34.12 ? 218 LEU A CG  1 
ATOM   1023 C CD1 . LEU A 1 125 ? 25.046  -7.461  14.503  1.00 37.90 ? 218 LEU A CD1 1 
ATOM   1024 C CD2 . LEU A 1 125 ? 25.882  -8.147  12.314  1.00 34.12 ? 218 LEU A CD2 1 
ATOM   1025 N N   . GLY A 1 126 ? 22.605  -5.184  10.359  1.00 31.76 ? 219 GLY A N   1 
ATOM   1026 C CA  . GLY A 1 126 ? 21.392  -4.407  10.078  1.00 32.23 ? 219 GLY A CA  1 
ATOM   1027 C C   . GLY A 1 126 ? 21.095  -4.297  8.577   1.00 31.55 ? 219 GLY A C   1 
ATOM   1028 O O   . GLY A 1 126 ? 21.591  -5.059  7.749   1.00 32.25 ? 219 GLY A O   1 
ATOM   1029 N N   . LEU A 1 127 ? 20.270  -3.324  8.249   1.00 32.50 ? 220 LEU A N   1 
ATOM   1030 C CA  . LEU A 1 127 ? 19.789  -3.120  6.881   1.00 35.38 ? 220 LEU A CA  1 
ATOM   1031 C C   . LEU A 1 127 ? 20.106  -1.721  6.364   1.00 34.61 ? 220 LEU A C   1 
ATOM   1032 O O   . LEU A 1 127 ? 20.065  -0.783  7.116   1.00 32.07 ? 220 LEU A O   1 
ATOM   1033 C CB  . LEU A 1 127 ? 18.264  -3.352  6.858   1.00 38.26 ? 220 LEU A CB  1 
ATOM   1034 C CG  . LEU A 1 127 ? 17.812  -4.818  7.112   1.00 41.43 ? 220 LEU A CG  1 
ATOM   1035 C CD1 . LEU A 1 127 ? 16.314  -4.857  7.323   1.00 43.71 ? 220 LEU A CD1 1 
ATOM   1036 C CD2 . LEU A 1 127 ? 18.249  -5.811  6.000   1.00 41.62 ? 220 LEU A CD2 1 
ATOM   1037 N N   . ALA A 1 128 ? 20.368  -1.595  5.069   1.00 31.62 ? 221 ALA A N   1 
ATOM   1038 C CA  . ALA A 1 128 ? 20.530  -0.283  4.433   1.00 36.62 ? 221 ALA A CA  1 
ATOM   1039 C C   . ALA A 1 128 ? 19.164  0.439   4.305   1.00 39.93 ? 221 ALA A C   1 
ATOM   1040 O O   . ALA A 1 128 ? 18.105  -0.218  4.250   1.00 33.40 ? 221 ALA A O   1 
ATOM   1041 C CB  . ALA A 1 128 ? 21.136  -0.464  3.038   1.00 37.93 ? 221 ALA A CB  1 
ATOM   1042 N N   . PRO A 1 129 ? 19.185  1.785   4.232   1.00 40.61 ? 222 PRO A N   1 
ATOM   1043 C CA  . PRO A 1 129 ? 17.947  2.544   4.124   1.00 36.01 ? 222 PRO A CA  1 
ATOM   1044 C C   . PRO A 1 129 ? 17.301  2.227   2.806   1.00 31.67 ? 222 PRO A C   1 
ATOM   1045 O O   . PRO A 1 129 ? 18.032  1.925   1.836   1.00 31.28 ? 222 PRO A O   1 
ATOM   1046 C CB  . PRO A 1 129 ? 18.406  4.019   4.189   1.00 39.71 ? 222 PRO A CB  1 
ATOM   1047 C CG  . PRO A 1 129 ? 19.807  4.017   4.664   1.00 45.10 ? 222 PRO A CG  1 
ATOM   1048 C CD  . PRO A 1 129 ? 20.373  2.667   4.291   1.00 46.28 ? 222 PRO A CD  1 
ATOM   1049 N N   . ASN A 1 130 ? 15.959  2.193   2.774   1.00 28.80 ? 223 ASN A N   1 
ATOM   1050 C CA  . ASN A 1 130 ? 15.220  2.016   1.492   1.00 29.08 ? 223 ASN A CA  1 
ATOM   1051 C C   . ASN A 1 130 ? 13.944  2.812   1.543   1.00 28.79 ? 223 ASN A C   1 
ATOM   1052 O O   . ASN A 1 130 ? 13.195  2.665   2.498   1.00 28.11 ? 223 ASN A O   1 
ATOM   1053 C CB  . ASN A 1 130 ? 14.910  0.544   1.303   1.00 31.57 ? 223 ASN A CB  1 
ATOM   1054 C CG  . ASN A 1 130 ? 14.449  0.175   -0.106  1.00 32.97 ? 223 ASN A CG  1 
ATOM   1055 O OD1 . ASN A 1 130 ? 13.347  0.511   -0.555  1.00 31.57 ? 223 ASN A OD1 1 
ATOM   1056 N ND2 . ASN A 1 130 ? 15.292  -0.563  -0.798  1.00 33.68 ? 223 ASN A ND2 1 
ATOM   1057 N N   . LYS A 1 131 ? 13.706  3.646   0.532   1.00 25.73 ? 224 LYS A N   1 
ATOM   1058 C CA  . LYS A 1 131 ? 12.521  4.514   0.497   1.00 28.01 ? 224 LYS A CA  1 
ATOM   1059 C C   . LYS A 1 131 ? 11.180  3.755   0.363   1.00 26.73 ? 224 LYS A C   1 
ATOM   1060 O O   . LYS A 1 131 ? 10.129  4.357   0.563   1.00 26.94 ? 224 LYS A O   1 
ATOM   1061 C CB  . LYS A 1 131 ? 12.622  5.602   -0.610  1.00 27.82 ? 224 LYS A CB  1 
ATOM   1062 C CG  . LYS A 1 131 ? 12.686  5.039   -2.006  1.00 28.13 ? 224 LYS A CG  1 
ATOM   1063 C CD  . LYS A 1 131 ? 12.807  6.188   -2.980  1.00 32.02 ? 224 LYS A CD  1 
ATOM   1064 C CE  . LYS A 1 131 ? 12.639  5.773   -4.420  1.00 32.81 ? 224 LYS A CE  1 
ATOM   1065 N NZ  . LYS A 1 131 ? 12.635  7.009   -5.326  1.00 38.30 ? 224 LYS A NZ  1 
ATOM   1066 N N   . PHE A 1 132 ? 11.227  2.458   0.020   1.00 23.46 ? 225 PHE A N   1 
ATOM   1067 C CA  . PHE A 1 132 ? 10.053  1.597   -0.028  1.00 24.84 ? 225 PHE A CA  1 
ATOM   1068 C C   . PHE A 1 132 ? 9.752   0.767   1.240   1.00 26.35 ? 225 PHE A C   1 
ATOM   1069 O O   . PHE A 1 132 ? 8.925   -0.129  1.189   1.00 25.44 ? 225 PHE A O   1 
ATOM   1070 C CB  . PHE A 1 132 ? 10.133  0.689   -1.250  1.00 24.79 ? 225 PHE A CB  1 
ATOM   1071 C CG  . PHE A 1 132 ? 10.247  1.459   -2.553  1.00 23.90 ? 225 PHE A CG  1 
ATOM   1072 C CD1 . PHE A 1 132 ? 9.133   2.158   -3.051  1.00 23.69 ? 225 PHE A CD1 1 
ATOM   1073 C CD2 . PHE A 1 132 ? 11.448  1.496   -3.266  1.00 25.70 ? 225 PHE A CD2 1 
ATOM   1074 C CE1 . PHE A 1 132 ? 9.204   2.886   -4.213  1.00 21.83 ? 225 PHE A CE1 1 
ATOM   1075 C CE2 . PHE A 1 132 ? 11.503  2.182   -4.493  1.00 26.17 ? 225 PHE A CE2 1 
ATOM   1076 C CZ  . PHE A 1 132 ? 10.395  2.897   -4.934  1.00 26.24 ? 225 PHE A CZ  1 
ATOM   1077 N N   A PHE A 1 133 ? 10.409  1.114   2.348   0.19 28.77 ? 226 PHE A N   1 
ATOM   1078 N N   B PHE A 1 133 ? 10.426  1.087   2.351   0.19 27.94 ? 226 PHE A N   1 
ATOM   1079 C CA  A PHE A 1 133 ? 10.382  0.315   3.574   0.19 29.77 ? 226 PHE A CA  1 
ATOM   1080 C CA  B PHE A 1 133 ? 10.376  0.315   3.606   0.19 28.48 ? 226 PHE A CA  1 
ATOM   1081 C C   A PHE A 1 133 ? 8.985   -0.080  4.061   0.19 28.78 ? 226 PHE A C   1 
ATOM   1082 C C   B PHE A 1 133 ? 8.965   -0.103  4.008   0.19 27.98 ? 226 PHE A C   1 
ATOM   1083 O O   A PHE A 1 133 ? 8.779   -1.227  4.464   0.19 29.18 ? 226 PHE A O   1 
ATOM   1084 O O   B PHE A 1 133 ? 8.729   -1.277  4.302   0.19 28.49 ? 226 PHE A O   1 
ATOM   1085 C CB  A PHE A 1 133 ? 11.229  0.972   4.701   0.19 31.90 ? 226 PHE A CB  1 
ATOM   1086 C CB  B PHE A 1 133 ? 11.033  1.122   4.753   0.19 29.56 ? 226 PHE A CB  1 
ATOM   1087 C CG  A PHE A 1 133 ? 10.750  2.339   5.180   0.19 34.14 ? 226 PHE A CG  1 
ATOM   1088 C CG  B PHE A 1 133 ? 10.963  0.451   6.109   0.19 30.40 ? 226 PHE A CG  1 
ATOM   1089 C CD1 A PHE A 1 133 ? 10.978  3.510   4.434   0.19 35.16 ? 226 PHE A CD1 1 
ATOM   1090 C CD1 B PHE A 1 133 ? 11.767  -0.644  6.406   0.19 33.34 ? 226 PHE A CD1 1 
ATOM   1091 C CD2 A PHE A 1 133 ? 10.156  2.469   6.434   0.19 35.05 ? 226 PHE A CD2 1 
ATOM   1092 C CD2 B PHE A 1 133 ? 10.123  0.938   7.098   0.19 30.86 ? 226 PHE A CD2 1 
ATOM   1093 C CE1 A PHE A 1 133 ? 10.578  4.749   4.909   0.19 35.85 ? 226 PHE A CE1 1 
ATOM   1094 C CE1 B PHE A 1 133 ? 11.704  -1.265  7.653   0.19 32.39 ? 226 PHE A CE1 1 
ATOM   1095 C CE2 A PHE A 1 133 ? 9.753   3.710   6.909   0.19 35.03 ? 226 PHE A CE2 1 
ATOM   1096 C CE2 B PHE A 1 133 ? 10.063  0.328   8.345   0.19 32.30 ? 226 PHE A CE2 1 
ATOM   1097 C CZ  A PHE A 1 133 ? 9.956   4.845   6.145   0.19 35.18 ? 226 PHE A CZ  1 
ATOM   1098 C CZ  B PHE A 1 133 ? 10.849  -0.775  8.621   0.19 31.76 ? 226 PHE A CZ  1 
ATOM   1099 N N   . MET A 1 134 ? 8.037   0.854   4.008   1.00 26.28 ? 227 MET A N   1 
ATOM   1100 C CA  . MET A 1 134 ? 6.656   0.594   4.429   1.00 27.11 ? 227 MET A CA  1 
ATOM   1101 C C   . MET A 1 134 ? 5.826   -0.309  3.497   1.00 27.92 ? 227 MET A C   1 
ATOM   1102 O O   . MET A 1 134 ? 4.916   -1.011  3.952   1.00 26.77 ? 227 MET A O   1 
ATOM   1103 C CB  . MET A 1 134 ? 5.970   1.933   4.581   1.00 32.50 ? 227 MET A CB  1 
ATOM   1104 C CG  . MET A 1 134 ? 6.454   2.697   5.797   1.00 34.94 ? 227 MET A CG  1 
ATOM   1105 S SD  . MET A 1 134 ? 5.588   4.281   5.876   1.00 40.27 ? 227 MET A SD  1 
ATOM   1106 C CE  . MET A 1 134 ? 6.327   5.308   4.563   1.00 42.41 ? 227 MET A CE  1 
ATOM   1107 N N   . ALA A 1 135 ? 6.157   -0.332  2.204   1.00 24.20 ? 228 ALA A N   1 
ATOM   1108 C CA  . ALA A 1 135 ? 5.524   -1.204  1.217   1.00 22.98 ? 228 ALA A CA  1 
ATOM   1109 C C   . ALA A 1 135 ? 6.087   -2.614  1.162   1.00 24.99 ? 228 ALA A C   1 
ATOM   1110 O O   . ALA A 1 135 ? 5.350   -3.574  0.863   1.00 22.93 ? 228 ALA A O   1 
ATOM   1111 C CB  . ALA A 1 135 ? 5.688   -0.610  -0.146  1.00 23.03 ? 228 ALA A CB  1 
ATOM   1112 N N   . ILE A 1 136 ? 7.397   -2.725  1.400   1.00 24.06 ? 229 ILE A N   1 
ATOM   1113 C CA  . ILE A 1 136 ? 8.137   -3.980  1.214   1.00 24.87 ? 229 ILE A CA  1 
ATOM   1114 C C   . ILE A 1 136 ? 7.486   -5.262  1.758   1.00 25.44 ? 229 ILE A C   1 
ATOM   1115 O O   . ILE A 1 136 ? 7.453   -6.266  1.059   1.00 23.28 ? 229 ILE A O   1 
ATOM   1116 C CB  . ILE A 1 136 ? 9.599   -3.797  1.756   1.00 26.51 ? 229 ILE A CB  1 
ATOM   1117 C CG1 . ILE A 1 136 ? 10.406  -3.096  0.624   1.00 27.43 ? 229 ILE A CG1 1 
ATOM   1118 C CG2 . ILE A 1 136 ? 10.264  -5.107  2.181   1.00 28.07 ? 229 ILE A CG2 1 
ATOM   1119 C CD1 . ILE A 1 136 ? 11.797  -2.573  1.004   1.00 26.24 ? 229 ILE A CD1 1 
ATOM   1120 N N   . PRO A 1 137 ? 6.941   -5.245  2.985   1.00 27.77 ? 230 PRO A N   1 
ATOM   1121 C CA  . PRO A 1 137 ? 6.347   -6.519  3.501   1.00 27.85 ? 230 PRO A CA  1 
ATOM   1122 C C   . PRO A 1 137 ? 5.200   -7.090  2.690   1.00 24.92 ? 230 PRO A C   1 
ATOM   1123 O O   . PRO A 1 137 ? 4.934   -8.306  2.715   1.00 25.56 ? 230 PRO A O   1 
ATOM   1124 C CB  . PRO A 1 137 ? 5.909   -6.160  4.942   1.00 27.08 ? 230 PRO A CB  1 
ATOM   1125 C CG  . PRO A 1 137 ? 6.579   -4.867  5.284   1.00 28.96 ? 230 PRO A CG  1 
ATOM   1126 C CD  . PRO A 1 137 ? 6.927   -4.165  4.002   1.00 30.40 ? 230 PRO A CD  1 
ATOM   1127 N N   . PHE A 1 138 ? 4.490   -6.241  1.957   1.00 22.49 ? 231 PHE A N   1 
ATOM   1128 C CA  . PHE A 1 138 ? 3.371   -6.702  1.118   1.00 23.66 ? 231 PHE A CA  1 
ATOM   1129 C C   . PHE A 1 138 ? 3.720   -7.218  -0.282  1.00 23.44 ? 231 PHE A C   1 
ATOM   1130 O O   . PHE A 1 138 ? 2.880   -7.781  -0.942  1.00 23.67 ? 231 PHE A O   1 
ATOM   1131 C CB  . PHE A 1 138 ? 2.367   -5.555  0.962   1.00 22.29 ? 231 PHE A CB  1 
ATOM   1132 C CG  . PHE A 1 138 ? 1.772   -5.115  2.275   1.00 24.72 ? 231 PHE A CG  1 
ATOM   1133 C CD1 . PHE A 1 138 ? 0.601   -5.708  2.735   1.00 29.02 ? 231 PHE A CD1 1 
ATOM   1134 C CD2 . PHE A 1 138 ? 2.378   -4.111  3.060   1.00 23.55 ? 231 PHE A CD2 1 
ATOM   1135 C CE1 . PHE A 1 138 ? 0.053   -5.324  3.942   1.00 28.23 ? 231 PHE A CE1 1 
ATOM   1136 C CE2 . PHE A 1 138 ? 1.790   -3.716  4.274   1.00 28.84 ? 231 PHE A CE2 1 
ATOM   1137 C CZ  . PHE A 1 138 ? 0.653   -4.348  4.709   1.00 25.71 ? 231 PHE A CZ  1 
ATOM   1138 N N   . ILE A 1 139 ? 4.933   -6.993  -0.734  1.00 23.14 ? 232 ILE A N   1 
ATOM   1139 C CA  . ILE A 1 139 ? 5.281   -7.197  -2.143  1.00 24.66 ? 232 ILE A CA  1 
ATOM   1140 C C   . ILE A 1 139 ? 5.312   -8.661  -2.513  1.00 28.48 ? 232 ILE A C   1 
ATOM   1141 O O   . ILE A 1 139 ? 4.658   -9.077  -3.462  1.00 25.32 ? 232 ILE A O   1 
ATOM   1142 C CB  . ILE A 1 139 ? 6.596   -6.541  -2.498  1.00 23.58 ? 232 ILE A CB  1 
ATOM   1143 C CG1 . ILE A 1 139 ? 6.497   -5.005  -2.354  1.00 24.54 ? 232 ILE A CG1 1 
ATOM   1144 C CG2 . ILE A 1 139 ? 7.008   -6.884  -3.921  1.00 27.92 ? 232 ILE A CG2 1 
ATOM   1145 C CD1 . ILE A 1 139 ? 5.374   -4.381  -3.137  1.00 23.72 ? 232 ILE A CD1 1 
ATOM   1146 N N   . ARG A 1 140 ? 6.013   -9.480  -1.740  1.00 30.16 ? 233 ARG A N   1 
ATOM   1147 C CA  . ARG A 1 140 ? 5.960   -10.918 -2.042  1.00 30.53 ? 233 ARG A CA  1 
ATOM   1148 C C   . ARG A 1 140 ? 4.549   -11.557 -1.873  1.00 26.30 ? 233 ARG A C   1 
ATOM   1149 O O   . ARG A 1 140 ? 4.132   -12.332 -2.718  1.00 28.14 ? 233 ARG A O   1 
ATOM   1150 C CB  . ARG A 1 140 ? 7.056   -11.675 -1.285  1.00 34.80 ? 233 ARG A CB  1 
ATOM   1151 C CG  . ARG A 1 140 ? 7.015   -13.162 -1.452  1.00 41.24 ? 233 ARG A CG  1 
ATOM   1152 C CD  . ARG A 1 140 ? 7.236   -13.556 -2.903  1.00 54.52 ? 233 ARG A CD  1 
ATOM   1153 N NE  . ARG A 1 140 ? 8.369   -12.883 -3.580  1.00 66.34 ? 233 ARG A NE  1 
ATOM   1154 C CZ  . ARG A 1 140 ? 8.622   -12.942 -4.903  1.00 72.81 ? 233 ARG A CZ  1 
ATOM   1155 N NH1 . ARG A 1 140 ? 7.831   -13.639 -5.749  1.00 72.63 ? 233 ARG A NH1 1 
ATOM   1156 N NH2 . ARG A 1 140 ? 9.690   -12.313 -5.393  1.00 74.79 ? 233 ARG A NH2 1 
ATOM   1157 N N   . PRO A 1 141 ? 3.818   -11.263 -0.793  1.00 25.81 ? 234 PRO A N   1 
ATOM   1158 C CA  . PRO A 1 141 ? 2.477   -11.816 -0.727  1.00 26.02 ? 234 PRO A CA  1 
ATOM   1159 C C   . PRO A 1 141 ? 1.563   -11.355 -1.889  1.00 30.97 ? 234 PRO A C   1 
ATOM   1160 O O   . PRO A 1 141 ? 0.692   -12.109 -2.324  1.00 29.74 ? 234 PRO A O   1 
ATOM   1161 C CB  . PRO A 1 141 ? 1.951   -11.328 0.639   1.00 26.34 ? 234 PRO A CB  1 
ATOM   1162 C CG  . PRO A 1 141 ? 3.129   -11.091 1.408   1.00 26.52 ? 234 PRO A CG  1 
ATOM   1163 C CD  . PRO A 1 141 ? 4.321   -10.900 0.534   1.00 26.33 ? 234 PRO A CD  1 
ATOM   1164 N N   . LEU A 1 142 ? 1.769   -10.135 -2.391  1.00 28.46 ? 235 LEU A N   1 
ATOM   1165 C CA  . LEU A 1 142 ? 0.996   -9.647  -3.552  1.00 27.97 ? 235 LEU A CA  1 
ATOM   1166 C C   . LEU A 1 142 ? 1.320   -10.379 -4.856  1.00 28.50 ? 235 LEU A C   1 
ATOM   1167 O O   . LEU A 1 142 ? 0.426   -10.734 -5.610  1.00 26.14 ? 235 LEU A O   1 
ATOM   1168 C CB  . LEU A 1 142 ? 1.197   -8.141  -3.746  1.00 25.50 ? 235 LEU A CB  1 
ATOM   1169 C CG  . LEU A 1 142 ? 0.639   -7.526  -5.025  1.00 27.59 ? 235 LEU A CG  1 
ATOM   1170 C CD1 . LEU A 1 142 ? -0.872  -7.686  -5.017  1.00 27.17 ? 235 LEU A CD1 1 
ATOM   1171 C CD2 . LEU A 1 142 ? 1.064   -6.054  -5.180  1.00 28.16 ? 235 LEU A CD2 1 
ATOM   1172 N N   . ARG A 1 143 ? 2.600   -10.594 -5.117  1.00 28.70 ? 236 ARG A N   1 
ATOM   1173 C CA  . ARG A 1 143 ? 2.996   -11.358 -6.289  1.00 31.49 ? 236 ARG A CA  1 
ATOM   1174 C C   . ARG A 1 143 ? 2.403   -12.779 -6.269  1.00 32.96 ? 236 ARG A C   1 
ATOM   1175 O O   . ARG A 1 143 ? 1.937   -13.259 -7.312  1.00 29.76 ? 236 ARG A O   1 
ATOM   1176 C CB  . ARG A 1 143 ? 4.515   -11.429 -6.390  1.00 29.51 ? 236 ARG A CB  1 
ATOM   1177 C CG  . ARG A 1 143 ? 5.151   -10.101 -6.765  1.00 30.04 ? 236 ARG A CG  1 
ATOM   1178 C CD  . ARG A 1 143 ? 6.660   -10.210 -6.749  1.00 36.21 ? 236 ARG A CD  1 
ATOM   1179 N NE  . ARG A 1 143 ? 7.333   -8.969  -7.139  1.00 38.16 ? 236 ARG A NE  1 
ATOM   1180 C CZ  . ARG A 1 143 ? 8.573   -8.589  -6.779  1.00 44.01 ? 236 ARG A CZ  1 
ATOM   1181 N NH1 . ARG A 1 143 ? 9.314   -9.353  -5.965  1.00 45.13 ? 236 ARG A NH1 1 
ATOM   1182 N NH2 . ARG A 1 143 ? 9.071   -7.400  -7.202  1.00 40.19 ? 236 ARG A NH2 1 
ATOM   1183 N N   . ASP A 1 144 ? 2.407   -13.422 -5.092  1.00 32.52 ? 237 ASP A N   1 
ATOM   1184 C CA  . ASP A 1 144 ? 1.840   -14.772 -4.930  1.00 34.18 ? 237 ASP A CA  1 
ATOM   1185 C C   . ASP A 1 144 ? 0.315   -14.796 -5.077  1.00 36.63 ? 237 ASP A C   1 
ATOM   1186 O O   . ASP A 1 144 ? -0.240  -15.717 -5.641  1.00 41.41 ? 237 ASP A O   1 
ATOM   1187 C CB  . ASP A 1 144 ? 2.225   -15.390 -3.572  1.00 35.58 ? 237 ASP A CB  1 
ATOM   1188 C CG  . ASP A 1 144 ? 3.764   -15.683 -3.435  1.00 41.31 ? 237 ASP A CG  1 
ATOM   1189 O OD1 . ASP A 1 144 ? 4.532   -15.658 -4.459  1.00 41.04 ? 237 ASP A OD1 1 
ATOM   1190 O OD2 . ASP A 1 144 ? 4.197   -15.827 -2.252  1.00 44.95 ? 237 ASP A OD2 1 
ATOM   1191 N N   . TRP A 1 145 ? -0.365  -13.800 -4.522  1.00 32.71 ? 238 TRP A N   1 
ATOM   1192 C CA  . TRP A 1 145 ? -1.799  -13.636 -4.733  1.00 32.17 ? 238 TRP A CA  1 
ATOM   1193 C C   . TRP A 1 145 ? -2.154  -13.429 -6.235  1.00 29.94 ? 238 TRP A C   1 
ATOM   1194 O O   . TRP A 1 145 ? -3.057  -14.076 -6.750  1.00 34.32 ? 238 TRP A O   1 
ATOM   1195 C CB  . TRP A 1 145 ? -2.289  -12.460 -3.888  1.00 34.73 ? 238 TRP A CB  1 
ATOM   1196 C CG  . TRP A 1 145 ? -3.803  -12.336 -3.726  1.00 35.18 ? 238 TRP A CG  1 
ATOM   1197 C CD1 . TRP A 1 145 ? -4.584  -12.767 -2.649  1.00 35.71 ? 238 TRP A CD1 1 
ATOM   1198 C CD2 . TRP A 1 145 ? -4.702  -11.760 -4.665  1.00 31.51 ? 238 TRP A CD2 1 
ATOM   1199 N NE1 . TRP A 1 145 ? -5.914  -12.427 -2.858  1.00 38.77 ? 238 TRP A NE1 1 
ATOM   1200 C CE2 . TRP A 1 145 ? -6.014  -11.824 -4.093  1.00 38.48 ? 238 TRP A CE2 1 
ATOM   1201 C CE3 . TRP A 1 145 ? -4.535  -11.139 -5.899  1.00 32.38 ? 238 TRP A CE3 1 
ATOM   1202 C CZ2 . TRP A 1 145 ? -7.116  -11.310 -4.743  1.00 34.92 ? 238 TRP A CZ2 1 
ATOM   1203 C CZ3 . TRP A 1 145 ? -5.641  -10.605 -6.532  1.00 30.36 ? 238 TRP A CZ3 1 
ATOM   1204 C CH2 . TRP A 1 145 ? -6.908  -10.728 -5.980  1.00 35.81 ? 238 TRP A CH2 1 
ATOM   1205 N N   . LEU A 1 146 ? -1.431  -12.573 -6.944  1.00 27.47 ? 239 LEU A N   1 
ATOM   1206 C CA  . LEU A 1 146 ? -1.713  -12.356 -8.383  1.00 31.51 ? 239 LEU A CA  1 
ATOM   1207 C C   . LEU A 1 146 ? -1.465  -13.638 -9.239  1.00 36.15 ? 239 LEU A C   1 
ATOM   1208 O O   . LEU A 1 146 ? -2.204  -13.907 -10.185 1.00 32.11 ? 239 LEU A O   1 
ATOM   1209 C CB  . LEU A 1 146 ? -0.893  -11.215 -8.920  1.00 28.07 ? 239 LEU A CB  1 
ATOM   1210 C CG  . LEU A 1 146 ? -1.220  -9.819  -8.353  1.00 29.39 ? 239 LEU A CG  1 
ATOM   1211 C CD1 . LEU A 1 146 ? -0.150  -8.791  -8.759  1.00 28.37 ? 239 LEU A CD1 1 
ATOM   1212 C CD2 . LEU A 1 146 ? -2.567  -9.398  -8.922  1.00 31.65 ? 239 LEU A CD2 1 
ATOM   1213 N N   . SER A 1 147 ? -0.425  -14.393 -8.902  1.00 37.23 ? 240 SER A N   1 
ATOM   1214 C CA  . SER A 1 147 ? -0.168  -15.700 -9.517  1.00 42.74 ? 240 SER A CA  1 
ATOM   1215 C C   . SER A 1 147 ? -1.317  -16.653 -9.326  1.00 46.42 ? 240 SER A C   1 
ATOM   1216 O O   . SER A 1 147 ? -1.856  -17.121 -10.299 1.00 47.01 ? 240 SER A O   1 
ATOM   1217 C CB  . SER A 1 147 ? 1.045   -16.370 -8.897  1.00 46.07 ? 240 SER A CB  1 
ATOM   1218 O OG  . SER A 1 147 ? 2.161   -15.664 -9.326  1.00 53.05 ? 240 SER A OG  1 
ATOM   1219 N N   . ARG A 1 148 ? -1.686  -16.941 -8.081  1.00 43.49 ? 241 ARG A N   1 
ATOM   1220 C CA  . ARG A 1 148 ? -2.849  -17.744 -7.821  1.00 46.95 ? 241 ARG A CA  1 
ATOM   1221 C C   . ARG A 1 148 ? -4.192  -17.308 -8.538  1.00 56.09 ? 241 ARG A C   1 
ATOM   1222 O O   . ARG A 1 148 ? -4.869  -18.174 -9.122  1.00 61.81 ? 241 ARG A O   1 
ATOM   1223 C CB  . ARG A 1 148 ? -3.049  -17.971 -6.298  1.00 48.96 ? 241 ARG A CB  1 
ATOM   1224 C CG  . ARG A 1 148 ? -1.933  -18.777 -5.623  1.00 50.99 ? 241 ARG A CG  1 
ATOM   1225 N N   A ARG A 1 149 ? -4.534  -16.017 -8.500  0.25 52.21 ? 242 ARG A N   1 
ATOM   1226 N N   B ARG A 1 149 ? -4.529  -16.017 -8.518  0.25 54.17 ? 242 ARG A N   1 
ATOM   1227 C CA  A ARG A 1 149 ? -5.826  -15.521 -9.023  0.25 50.89 ? 242 ARG A CA  1 
ATOM   1228 C CA  B ARG A 1 149 ? -5.829  -15.547 -9.027  0.25 54.00 ? 242 ARG A CA  1 
ATOM   1229 C C   A ARG A 1 149 ? -5.862  -15.252 -10.530 0.25 56.16 ? 242 ARG A C   1 
ATOM   1230 C C   B ARG A 1 149 ? -5.870  -15.195 -10.519 0.25 57.88 ? 242 ARG A C   1 
ATOM   1231 O O   A ARG A 1 149 ? -6.938  -15.311 -11.131 0.25 61.34 ? 242 ARG A O   1 
ATOM   1232 O O   B ARG A 1 149 ? -6.958  -15.133 -11.096 0.25 62.89 ? 242 ARG A O   1 
ATOM   1233 C CB  A ARG A 1 149 ? -6.234  -14.252 -8.284  0.25 49.49 ? 242 ARG A CB  1 
ATOM   1234 C CB  B ARG A 1 149 ? -6.301  -14.355 -8.212  0.25 54.84 ? 242 ARG A CB  1 
ATOM   1235 C CG  A ARG A 1 149 ? -7.115  -13.303 -9.086  0.25 47.89 ? 242 ARG A CG  1 
ATOM   1236 C CG  B ARG A 1 149 ? -6.462  -14.666 -6.735  0.25 55.17 ? 242 ARG A CG  1 
ATOM   1237 C CD  A ARG A 1 149 ? -8.584  -13.641 -8.974  0.25 45.72 ? 242 ARG A CD  1 
ATOM   1238 C CD  B ARG A 1 149 ? -7.309  -15.908 -6.525  0.25 56.48 ? 242 ARG A CD  1 
ATOM   1239 N NE  A ARG A 1 149 ? -8.895  -14.040 -7.615  0.25 45.39 ? 242 ARG A NE  1 
ATOM   1240 N NE  B ARG A 1 149 ? -7.698  -16.065 -5.129  0.25 55.40 ? 242 ARG A NE  1 
ATOM   1241 C CZ  A ARG A 1 149 ? -9.698  -13.384 -6.804  0.25 42.36 ? 242 ARG A CZ  1 
ATOM   1242 C CZ  B ARG A 1 149 ? -6.836  -16.122 -4.122  0.25 53.58 ? 242 ARG A CZ  1 
ATOM   1243 N NH1 A ARG A 1 149 ? -9.882  -13.849 -5.582  0.25 43.58 ? 242 ARG A NH1 1 
ATOM   1244 N NH1 B ARG A 1 149 ? -7.274  -16.275 -2.885  0.25 55.23 ? 242 ARG A NH1 1 
ATOM   1245 N NH2 A ARG A 1 149 ? -10.309 -12.280 -7.211  0.25 39.97 ? 242 ARG A NH2 1 
ATOM   1246 N NH2 B ARG A 1 149 ? -5.538  -16.013 -4.355  0.25 53.42 ? 242 ARG A NH2 1 
ATOM   1247 N N   . PHE A 1 150 ? -4.711  -14.953 -11.137 1.00 58.20 ? 243 PHE A N   1 
ATOM   1248 C CA  . PHE A 1 150 ? -4.624  -14.656 -12.590 1.00 52.30 ? 243 PHE A CA  1 
ATOM   1249 C C   . PHE A 1 150 ? -3.626  -15.481 -13.397 1.00 65.91 ? 243 PHE A C   1 
ATOM   1250 O O   . PHE A 1 150 ? -3.731  -15.495 -14.623 1.00 70.00 ? 243 PHE A O   1 
ATOM   1251 C CB  . PHE A 1 150 ? -4.244  -13.181 -12.830 1.00 47.98 ? 243 PHE A CB  1 
ATOM   1252 C CG  . PHE A 1 150 ? -5.250  -12.177 -12.307 1.00 53.62 ? 243 PHE A CG  1 
ATOM   1253 C CD1 . PHE A 1 150 ? -6.368  -11.805 -13.074 1.00 56.79 ? 243 PHE A CD1 1 
ATOM   1254 C CD2 . PHE A 1 150 ? -5.066  -11.559 -11.073 1.00 49.71 ? 243 PHE A CD2 1 
ATOM   1255 C CE1 . PHE A 1 150 ? -7.280  -10.855 -12.596 1.00 56.06 ? 243 PHE A CE1 1 
ATOM   1256 C CE2 . PHE A 1 150 ? -5.984  -10.627 -10.590 1.00 50.11 ? 243 PHE A CE2 1 
ATOM   1257 C CZ  . PHE A 1 150 ? -7.096  -10.270 -11.351 1.00 52.99 ? 243 PHE A CZ  1 
ATOM   1258 N N   . GLY A 1 151 ? -2.635  -16.116 -12.765 1.00 72.91 ? 244 GLY A N   1 
ATOM   1259 C CA  . GLY A 1 151 ? -1.586  -16.850 -13.487 1.00 67.67 ? 244 GLY A CA  1 
ATOM   1260 C C   . GLY A 1 151 ? -0.883  -15.972 -14.520 1.00 69.22 ? 244 GLY A C   1 
ATOM   1261 O O   . GLY A 1 151 ? -0.005  -16.422 -15.255 1.00 70.75 ? 244 GLY A O   1 
HETATM 1262 C C1  . EDO B 2 .   ? -15.480 7.057   1.652   1.00 64.95 ? 301 EDO A C1  1 
HETATM 1263 O O1  . EDO B 2 .   ? -15.288 8.314   0.999   1.00 64.26 ? 301 EDO A O1  1 
HETATM 1264 C C2  . EDO B 2 .   ? -16.372 6.157   0.777   1.00 65.25 ? 301 EDO A C2  1 
HETATM 1265 O O2  . EDO B 2 .   ? -17.147 5.226   1.572   1.00 60.43 ? 301 EDO A O2  1 
HETATM 1266 C C1  . EDO C 2 .   ? 15.085  6.435   2.539   1.00 59.76 ? 302 EDO A C1  1 
HETATM 1267 O O1  . EDO C 2 .   ? 14.705  5.452   3.528   1.00 64.67 ? 302 EDO A O1  1 
HETATM 1268 C C2  . EDO C 2 .   ? 16.551  6.388   2.124   1.00 56.67 ? 302 EDO A C2  1 
HETATM 1269 O O2  . EDO C 2 .   ? 16.729  5.520   0.989   1.00 61.43 ? 302 EDO A O2  1 
HETATM 1270 S S   . DMS D 3 .   ? 4.407   3.371   -14.579 1.00 64.84 ? 303 DMS A S   1 
HETATM 1271 O O   . DMS D 3 .   ? 5.229   3.096   -13.413 1.00 57.77 ? 303 DMS A O   1 
HETATM 1272 C C1  . DMS D 3 .   ? 4.831   4.947   -15.106 1.00 59.28 ? 303 DMS A C1  1 
HETATM 1273 C C2  . DMS D 3 .   ? 4.916   2.338   -15.842 1.00 60.63 ? 303 DMS A C2  1 
HETATM 1274 C C   . ACT E 4 .   ? 12.839  13.826  5.133   1.00 52.75 ? 304 ACT A C   1 
HETATM 1275 O O   . ACT E 4 .   ? 12.401  13.477  4.043   1.00 67.12 ? 304 ACT A O   1 
HETATM 1276 O OXT . ACT E 4 .   ? 12.129  13.691  6.145   1.00 56.33 ? 304 ACT A OXT 1 
HETATM 1277 C CH3 . ACT E 4 .   ? 14.207  14.446  5.173   1.00 48.71 ? 304 ACT A CH3 1 
HETATM 1278 C C   . ACT F 4 .   ? 14.177  2.931   6.343   1.00 48.36 ? 305 ACT A C   1 
HETATM 1279 O O   . ACT F 4 .   ? 14.406  2.074   5.494   1.00 52.63 ? 305 ACT A O   1 
HETATM 1280 O OXT . ACT F 4 .   ? 14.185  4.120   5.995   1.00 64.90 ? 305 ACT A OXT 1 
HETATM 1281 C CH3 . ACT F 4 .   ? 13.958  2.548   7.773   1.00 54.05 ? 305 ACT A CH3 1 
HETATM 1282 N N1  . LD4 G 5 .   ? 2.683   2.899   6.207   0.26 40.51 ? 306 LD4 A N1  1 
HETATM 1283 C C4  . LD4 G 5 .   ? 1.660   5.555   5.485   0.26 38.89 ? 306 LD4 A C4  1 
HETATM 1284 C C5  . LD4 G 5 .   ? 0.306   6.364   5.540   0.26 39.64 ? 306 LD4 A C5  1 
HETATM 1285 C C6  . LD4 G 5 .   ? 0.316   7.748   4.869   0.26 39.02 ? 306 LD4 A C6  1 
HETATM 1286 C C7  . LD4 G 5 .   ? 0.683   7.627   3.404   0.26 39.18 ? 306 LD4 A C7  1 
HETATM 1287 C C8  . LD4 G 5 .   ? 2.141   7.890   3.103   0.26 38.06 ? 306 LD4 A C8  1 
HETATM 1288 C C10 . LD4 G 5 .   ? 2.860   6.379   4.963   0.26 38.96 ? 306 LD4 A C10 1 
HETATM 1289 N N   . LD4 G 5 .   ? 1.801   2.056   4.037   0.26 40.15 ? 306 LD4 A N   1 
HETATM 1290 C C   . LD4 G 5 .   ? 2.959   0.554   5.585   0.26 40.49 ? 306 LD4 A C   1 
HETATM 1291 C C1  . LD4 G 5 .   ? 2.278   0.833   4.369   0.26 39.93 ? 306 LD4 A C1  1 
HETATM 1292 C C2  . LD4 G 5 .   ? 2.017   3.086   4.976   0.26 40.20 ? 306 LD4 A C2  1 
HETATM 1293 C C3  . LD4 G 5 .   ? 3.133   1.637   6.466   0.26 40.61 ? 306 LD4 A C3  1 
HETATM 1294 C C9  . LD4 G 5 .   ? 2.958   6.672   3.463   0.26 38.56 ? 306 LD4 A C9  1 
HETATM 1295 N N2  . LD4 G 5 .   ? 1.511   4.340   4.628   0.26 39.88 ? 306 LD4 A N2  1 
HETATM 1296 O O   . HOH H 6 .   ? 24.412  -2.797  1.647   1.00 72.26 ? 401 HOH A O   1 
HETATM 1297 O O   . HOH H 6 .   ? -13.747 -8.219  3.984   1.00 45.00 ? 402 HOH A O   1 
HETATM 1298 O O   . HOH H 6 .   ? 2.204   18.402  0.329   1.00 45.90 ? 403 HOH A O   1 
HETATM 1299 O O   . HOH H 6 .   ? -3.351  2.578   -17.664 1.00 56.46 ? 404 HOH A O   1 
HETATM 1300 O O   . HOH H 6 .   ? -2.997  8.354   -12.761 1.00 43.24 ? 405 HOH A O   1 
HETATM 1301 O O   . HOH H 6 .   ? 12.652  -1.373  -17.765 1.00 35.59 ? 406 HOH A O   1 
HETATM 1302 O O   . HOH H 6 .   ? -20.919 0.517   -3.071  1.00 60.04 ? 407 HOH A O   1 
HETATM 1303 O O   . HOH H 6 .   ? 4.971   -15.387 -6.966  1.00 59.98 ? 408 HOH A O   1 
HETATM 1304 O O   . HOH H 6 .   ? -18.635 1.831   9.452   1.00 38.07 ? 409 HOH A O   1 
HETATM 1305 O O   . HOH H 6 .   ? -15.140 7.087   10.493  1.00 58.68 ? 410 HOH A O   1 
HETATM 1306 O O   . HOH H 6 .   ? 8.645   12.949  2.358   1.00 25.34 ? 411 HOH A O   1 
HETATM 1307 O O   . HOH H 6 .   ? 2.244   -2.095  -20.472 1.00 52.25 ? 412 HOH A O   1 
HETATM 1308 O O   . HOH H 6 .   ? -18.627 -1.895  12.788  1.00 67.19 ? 413 HOH A O   1 
HETATM 1309 O O   . HOH H 6 .   ? 8.043   12.896  -4.666  1.00 39.43 ? 414 HOH A O   1 
HETATM 1310 O O   . HOH H 6 .   ? -16.131 -4.807  6.418   1.00 40.72 ? 415 HOH A O   1 
HETATM 1311 O O   . HOH H 6 .   ? 13.802  -6.430  4.417   1.00 44.84 ? 416 HOH A O   1 
HETATM 1312 O O   . HOH H 6 .   ? -16.705 3.645   -5.568  1.00 31.78 ? 417 HOH A O   1 
HETATM 1313 O O   . HOH H 6 .   ? 10.486  -3.092  5.312   1.00 46.33 ? 418 HOH A O   1 
HETATM 1314 O O   . HOH H 6 .   ? 1.991   -8.424  -12.126 1.00 42.22 ? 419 HOH A O   1 
HETATM 1315 O O   . HOH H 6 .   ? -11.591 5.288   -1.384  1.00 29.40 ? 420 HOH A O   1 
HETATM 1316 O O   . HOH H 6 .   ? -15.992 5.208   4.229   1.00 42.24 ? 421 HOH A O   1 
HETATM 1317 O O   . HOH H 6 .   ? -7.833  -13.016 -0.057  1.00 42.95 ? 422 HOH A O   1 
HETATM 1318 O O   . HOH H 6 .   ? 7.643   -8.883  0.527   1.00 28.23 ? 423 HOH A O   1 
HETATM 1319 O O   . HOH H 6 .   ? 7.088   6.064   -10.446 1.00 44.46 ? 424 HOH A O   1 
HETATM 1320 O O   . HOH H 6 .   ? 16.458  -4.648  -1.924  1.00 45.15 ? 425 HOH A O   1 
HETATM 1321 O O   . HOH H 6 .   ? 10.100  -6.578  15.986  1.00 41.82 ? 426 HOH A O   1 
HETATM 1322 O O   . HOH H 6 .   ? -2.576  1.335   -3.583  1.00 22.78 ? 427 HOH A O   1 
HETATM 1323 O O   . HOH H 6 .   ? 5.386   -1.574  -15.356 1.00 50.27 ? 428 HOH A O   1 
HETATM 1324 O O   . HOH H 6 .   ? 9.519   10.551  -7.294  1.00 54.39 ? 429 HOH A O   1 
HETATM 1325 O O   . HOH H 6 .   ? 32.638  -6.129  12.100  1.00 30.48 ? 430 HOH A O   1 
HETATM 1326 O O   . HOH H 6 .   ? 2.752   -12.371 -9.749  1.00 38.06 ? 431 HOH A O   1 
HETATM 1327 O O   . HOH H 6 .   ? 10.256  -8.594  3.127   1.00 62.81 ? 432 HOH A O   1 
HETATM 1328 O O   . HOH H 6 .   ? 23.891  -6.498  7.460   1.00 35.96 ? 433 HOH A O   1 
HETATM 1329 O O   . HOH H 6 .   ? 20.418  2.994   1.050   1.00 53.89 ? 434 HOH A O   1 
HETATM 1330 O O   . HOH H 6 .   ? -14.613 6.057   -7.811  1.00 37.71 ? 435 HOH A O   1 
HETATM 1331 O O   . HOH H 6 .   ? -12.089 -1.084  -14.229 1.00 33.85 ? 436 HOH A O   1 
HETATM 1332 O O   . HOH H 6 .   ? -11.157 -3.288  13.219  1.00 45.05 ? 437 HOH A O   1 
HETATM 1333 O O   . HOH H 6 .   ? -10.164 2.980   17.169  1.00 60.99 ? 438 HOH A O   1 
HETATM 1334 O O   . HOH H 6 .   ? -20.489 -1.616  -6.444  1.00 29.63 ? 439 HOH A O   1 
HETATM 1335 O O   . HOH H 6 .   ? -4.382  -12.908 1.560   1.00 47.26 ? 440 HOH A O   1 
HETATM 1336 O O   . HOH H 6 .   ? 4.064   -14.785 0.312   1.00 48.36 ? 441 HOH A O   1 
HETATM 1337 O O   . HOH H 6 .   ? -10.968 -5.876  -2.749  1.00 22.22 ? 442 HOH A O   1 
HETATM 1338 O O   . HOH H 6 .   ? 0.018   -8.942  -16.269 1.00 44.58 ? 443 HOH A O   1 
HETATM 1339 O O   . HOH H 6 .   ? -11.734 -5.193  -6.644  1.00 27.04 ? 444 HOH A O   1 
HETATM 1340 O O   . HOH H 6 .   ? -10.341 -7.770  -6.269  1.00 38.56 ? 445 HOH A O   1 
HETATM 1341 O O   . HOH H 6 .   ? -17.937 2.476   2.193   1.00 56.58 ? 446 HOH A O   1 
HETATM 1342 O O   . HOH H 6 .   ? -18.034 -3.118  -3.629  1.00 54.15 ? 447 HOH A O   1 
HETATM 1343 O O   . HOH H 6 .   ? -0.512  -13.959 -0.570  1.00 32.30 ? 448 HOH A O   1 
HETATM 1344 O O   . HOH H 6 .   ? 18.828  -2.243  10.445  1.00 44.00 ? 449 HOH A O   1 
HETATM 1345 O O   . HOH H 6 .   ? -10.659 5.609   -13.087 1.00 51.67 ? 450 HOH A O   1 
HETATM 1346 O O   . HOH H 6 .   ? -13.311 8.268   -7.234  1.00 36.69 ? 451 HOH A O   1 
HETATM 1347 O O   . HOH H 6 .   ? -0.950  -12.101 4.032   1.00 58.58 ? 452 HOH A O   1 
HETATM 1348 O O   . HOH H 6 .   ? -16.181 0.837   1.487   1.00 48.63 ? 453 HOH A O   1 
HETATM 1349 O O   . HOH H 6 .   ? 16.972  0.032   9.686   1.00 51.86 ? 454 HOH A O   1 
HETATM 1350 O O   . HOH H 6 .   ? 5.594   -5.184  -13.073 1.00 28.24 ? 455 HOH A O   1 
HETATM 1351 O O   . HOH H 6 .   ? 14.667  -2.020  -9.274  1.00 58.82 ? 456 HOH A O   1 
HETATM 1352 O O   . HOH H 6 .   ? -22.555 4.323   -6.977  1.00 56.17 ? 457 HOH A O   1 
HETATM 1353 O O   . HOH H 6 .   ? 12.664  -6.354  -7.869  1.00 41.98 ? 458 HOH A O   1 
HETATM 1354 O O   . HOH H 6 .   ? 3.502   -0.426  -17.713 1.00 55.55 ? 459 HOH A O   1 
HETATM 1355 O O   . HOH H 6 .   ? -12.797 6.979   16.552  1.00 54.96 ? 460 HOH A O   1 
HETATM 1356 O O   . HOH H 6 .   ? 8.650   1.782   -11.458 1.00 20.46 ? 461 HOH A O   1 
HETATM 1357 O O   . HOH H 6 .   ? -4.174  -4.484  15.390  1.00 43.39 ? 462 HOH A O   1 
HETATM 1358 O O   . HOH H 6 .   ? 16.001  3.913   -1.397  1.00 34.62 ? 463 HOH A O   1 
HETATM 1359 O O   . HOH H 6 .   ? -3.494  11.283  5.568   1.00 52.73 ? 464 HOH A O   1 
HETATM 1360 O O   . HOH H 6 .   ? -9.874  10.860  -13.436 1.00 48.18 ? 465 HOH A O   1 
HETATM 1361 O O   . HOH H 6 .   ? 3.489   11.515  -9.724  1.00 62.57 ? 466 HOH A O   1 
HETATM 1362 O O   . HOH H 6 .   ? -3.664  -12.353 3.941   1.00 55.79 ? 467 HOH A O   1 
HETATM 1363 O O   . HOH H 6 .   ? 21.267  -8.164  0.782   1.00 56.17 ? 468 HOH A O   1 
HETATM 1364 O O   . HOH H 6 .   ? -17.711 -8.049  -1.961  1.00 36.34 ? 469 HOH A O   1 
HETATM 1365 O O   . HOH H 6 .   ? -16.476 5.582   7.155   1.00 55.06 ? 470 HOH A O   1 
HETATM 1366 O O   . HOH H 6 .   ? -3.751  6.504   10.783  1.00 45.14 ? 471 HOH A O   1 
HETATM 1367 O O   . HOH H 6 .   ? 1.797   -11.639 9.405   1.00 44.34 ? 472 HOH A O   1 
HETATM 1368 O O   . HOH H 6 .   ? -17.635 -0.630  0.242   1.00 57.56 ? 473 HOH A O   1 
HETATM 1369 O O   . HOH H 6 .   ? 34.843  -3.415  3.167   1.00 61.06 ? 474 HOH A O   1 
HETATM 1370 O O   . HOH H 6 .   ? 2.663   8.078   -11.849 1.00 33.39 ? 475 HOH A O   1 
HETATM 1371 O O   . HOH H 6 .   ? 18.641  -10.083 -3.690  1.00 63.30 ? 476 HOH A O   1 
HETATM 1372 O O   . HOH H 6 .   ? 1.600   -18.399 -5.641  1.00 57.63 ? 477 HOH A O   1 
HETATM 1373 O O   . HOH H 6 .   ? 11.594  8.985   -0.009  1.00 48.05 ? 478 HOH A O   1 
HETATM 1374 O O   . HOH H 6 .   ? -9.331  10.631  -16.425 1.00 70.33 ? 479 HOH A O   1 
HETATM 1375 O O   . HOH H 6 .   ? 14.846  -0.249  -4.185  1.00 34.69 ? 480 HOH A O   1 
HETATM 1376 O O   . HOH H 6 .   ? 22.580  -6.794  -0.244  1.00 75.38 ? 481 HOH A O   1 
HETATM 1377 O O   . HOH H 6 .   ? 1.569   -15.478 0.433   1.00 55.55 ? 482 HOH A O   1 
HETATM 1378 O O   . HOH H 6 .   ? -7.972  -14.075 2.363   1.00 62.45 ? 483 HOH A O   1 
HETATM 1379 O O   . HOH H 6 .   ? 11.657  1.450   -8.377  1.00 40.30 ? 484 HOH A O   1 
HETATM 1380 O O   . HOH H 6 .   ? -11.861 9.593   -9.291  1.00 51.86 ? 485 HOH A O   1 
HETATM 1381 O O   . HOH H 6 .   ? -1.516  -13.330 1.359   1.00 53.48 ? 486 HOH A O   1 
HETATM 1382 O O   . HOH H 6 .   ? -15.305 10.425  -6.142  1.00 45.65 ? 487 HOH A O   1 
# 
